data_5WUX
#
_entry.id   5WUX
#
_cell.length_a   148.592
_cell.length_b   207.219
_cell.length_c   112.631
_cell.angle_alpha   90.00
_cell.angle_beta   118.81
_cell.angle_gamma   90.00
#
_symmetry.space_group_name_H-M   'C 1 2 1'
#
loop_
_entity.id
_entity.type
_entity.pdbx_description
1 polymer heavy
2 polymer light
3 polymer 'Tumor necrosis factor alpha'
#
loop_
_entity_poly.entity_id
_entity_poly.type
_entity_poly.pdbx_seq_one_letter_code
_entity_poly.pdbx_strand_id
1 'polypeptide(L)'
;EVQLVESGGGLVQPGGSLRLSCAASGYVFTDYGMNWVRQAPGKGLEWMGWINTYIGEPIYADSVKGRFTFSLDTSKSTAY
LQMNSLRAEDTAVYYCARGYRSYAMDYWGQGTLVTVSSASTKGPSVFPLAPSSKSTSGGTAALGCLVKDYFPEPVTVSWN
SGALTSGVHTFPAVLQSSGLYSLSSVVTVPSSSLGTQTYICNVNHKPSNTKVDKKVEPKSCDKT
;
A,C,H
2 'polypeptide(L)'
;DIQMTQSPSSLSASVGDRVTITCKASQNVGTNVAWYQQKPGKAPKALIYSASFLYSGVPYRFSGSGSGTDFTLTISSLQP
EDFATYYCQQYNIYPLTFGQGTKVEIKRTVAAPSVFIFPPSDEQLKSGTASVVCLLNNFYPREAKVQWKVDNALQSGNSQ
ESVTEQDSKDSTYSLSSTLTLSKADYEKHKVYACEVTHQGLSSPVTKSFNRGEC
;
B,D,L
3 'polypeptide(L)'
;VRSSSRTPSDKPVAHVVANPQAEGQLQWLNRRANALLANGVELRDNQLVVPSEGLYLIYSQVLFKGQGCPSTHVLLTHTI
SRIAVSYQTKVNLLSAIKSPCQRETPEGAEAKPWYEPIYLGGVFQLEKGDRLSAEINRPDYLDFAESGQVYFGIIAL
;
E,F,G
#
# COMPACT_ATOMS: atom_id res chain seq x y z
N GLU A 1 -31.69 11.17 16.29
CA GLU A 1 -31.09 10.75 17.56
C GLU A 1 -31.72 9.45 18.05
N VAL A 2 -30.93 8.38 18.08
CA VAL A 2 -31.37 7.11 18.65
C VAL A 2 -31.73 7.29 20.12
N GLN A 3 -32.88 6.76 20.51
CA GLN A 3 -33.28 6.86 21.91
C GLN A 3 -33.93 5.57 22.36
N LEU A 4 -33.41 5.03 23.46
CA LEU A 4 -34.08 3.98 24.20
C LEU A 4 -34.55 4.59 25.50
N VAL A 5 -35.86 4.63 25.71
CA VAL A 5 -36.38 5.14 26.96
C VAL A 5 -37.08 4.01 27.67
N GLU A 6 -36.73 3.80 28.94
CA GLU A 6 -37.23 2.66 29.70
C GLU A 6 -38.16 3.13 30.80
N SER A 7 -39.02 2.21 31.25
CA SER A 7 -39.86 2.45 32.40
C SER A 7 -40.55 1.16 32.84
N GLY A 8 -41.34 1.25 33.90
CA GLY A 8 -42.00 0.10 34.50
C GLY A 8 -41.42 -0.30 35.83
N GLY A 9 -40.23 0.18 36.16
CA GLY A 9 -39.53 -0.25 37.35
C GLY A 9 -40.10 0.36 38.61
N GLY A 10 -39.30 0.39 39.66
CA GLY A 10 -39.73 0.94 40.94
C GLY A 10 -40.00 -0.13 41.96
N LEU A 11 -40.58 0.26 43.10
CA LEU A 11 -40.84 -0.70 44.17
C LEU A 11 -41.68 -1.86 43.69
N VAL A 12 -41.33 -3.04 44.18
CA VAL A 12 -42.16 -4.22 44.04
C VAL A 12 -42.07 -4.92 45.39
N GLN A 13 -42.82 -5.99 45.57
CA GLN A 13 -42.72 -6.80 46.77
C GLN A 13 -42.19 -8.16 46.35
N PRO A 14 -41.51 -8.87 47.27
CA PRO A 14 -40.87 -10.14 46.92
C PRO A 14 -41.85 -11.18 46.40
N GLY A 15 -41.35 -12.06 45.54
CA GLY A 15 -42.16 -13.04 44.84
C GLY A 15 -42.99 -12.40 43.74
N GLY A 16 -42.87 -11.07 43.62
CA GLY A 16 -43.73 -10.28 42.77
C GLY A 16 -43.45 -10.39 41.27
N SER A 17 -44.24 -9.66 40.49
CA SER A 17 -44.11 -9.68 39.05
C SER A 17 -44.12 -8.27 38.46
N LEU A 18 -43.18 -8.01 37.54
CA LEU A 18 -43.02 -6.69 36.95
C LEU A 18 -42.74 -6.77 35.46
N ARG A 19 -43.27 -5.82 34.71
CA ARG A 19 -42.90 -5.72 33.31
C ARG A 19 -42.21 -4.41 33.00
N LEU A 20 -41.06 -4.53 32.33
CA LEU A 20 -40.27 -3.39 31.90
C LEU A 20 -40.42 -3.13 30.41
N SER A 21 -40.59 -1.88 30.02
CA SER A 21 -40.70 -1.52 28.62
C SER A 21 -39.49 -0.69 28.15
N CYS A 22 -38.84 -1.12 27.06
CA CYS A 22 -37.82 -0.29 26.44
C CYS A 22 -38.37 0.25 25.13
N ALA A 23 -38.71 1.53 25.12
CA ALA A 23 -39.35 2.15 23.95
C ALA A 23 -38.31 2.86 23.09
N ALA A 24 -38.12 2.34 21.88
CA ALA A 24 -37.05 2.82 21.00
C ALA A 24 -37.55 3.87 20.04
N SER A 25 -36.71 4.84 19.73
CA SER A 25 -37.04 5.87 18.75
C SER A 25 -35.79 6.24 17.95
N GLY A 26 -36.01 6.89 16.81
CA GLY A 26 -34.89 7.42 16.05
C GLY A 26 -34.11 6.45 15.17
N TYR A 27 -34.47 5.18 15.19
CA TYR A 27 -33.91 4.22 14.25
C TYR A 27 -34.98 3.24 13.78
N VAL A 28 -34.69 2.42 12.78
CA VAL A 28 -35.63 1.36 12.42
C VAL A 28 -35.47 0.27 13.46
N PHE A 29 -36.55 0.00 14.18
CA PHE A 29 -36.47 -0.78 15.40
C PHE A 29 -36.10 -2.24 15.13
N THR A 30 -36.55 -2.73 13.99
CA THR A 30 -36.28 -4.10 13.58
C THR A 30 -34.97 -4.25 12.80
N ASP A 31 -34.20 -3.17 12.66
CA ASP A 31 -32.87 -3.24 12.04
C ASP A 31 -31.79 -3.70 13.04
N TYR A 32 -32.13 -3.72 14.33
CA TYR A 32 -31.18 -4.16 15.35
C TYR A 32 -31.89 -5.02 16.39
N GLY A 33 -31.13 -5.90 17.03
CA GLY A 33 -31.64 -6.68 18.14
C GLY A 33 -31.68 -5.82 19.39
N MET A 34 -32.10 -6.41 20.50
CA MET A 34 -32.12 -5.68 21.76
C MET A 34 -31.53 -6.51 22.89
N ASN A 35 -30.61 -5.93 23.64
CA ASN A 35 -29.99 -6.63 24.77
C ASN A 35 -30.58 -6.21 26.09
N TRP A 36 -30.69 -7.16 27.02
CA TRP A 36 -31.10 -6.83 28.39
C TRP A 36 -29.94 -7.06 29.36
N VAL A 37 -29.55 -5.98 30.04
CA VAL A 37 -28.44 -6.01 30.98
C VAL A 37 -28.88 -5.43 32.31
N ARG A 38 -28.66 -6.18 33.38
CA ARG A 38 -28.92 -5.67 34.71
C ARG A 38 -27.62 -5.43 35.44
N GLN A 39 -27.65 -4.40 36.28
CA GLN A 39 -26.51 -4.02 37.08
C GLN A 39 -26.96 -3.86 38.53
N ALA A 40 -26.31 -4.59 39.41
CA ALA A 40 -26.59 -4.53 40.83
C ALA A 40 -26.23 -3.15 41.39
N PRO A 41 -26.70 -2.83 42.60
CA PRO A 41 -26.44 -1.47 43.12
C PRO A 41 -24.98 -1.23 43.49
N GLY A 42 -24.17 -0.87 42.49
CA GLY A 42 -22.80 -0.46 42.72
C GLY A 42 -21.81 -1.49 42.23
N LYS A 43 -22.32 -2.67 41.86
CA LYS A 43 -21.53 -3.75 41.30
C LYS A 43 -21.40 -3.59 39.78
N GLY A 44 -20.90 -4.63 39.12
CA GLY A 44 -20.69 -4.60 37.69
C GLY A 44 -21.88 -5.00 36.82
N LEU A 45 -21.59 -5.21 35.54
CA LEU A 45 -22.62 -5.43 34.51
C LEU A 45 -22.88 -6.91 34.21
N GLU A 46 -24.14 -7.32 34.35
CA GLU A 46 -24.55 -8.69 34.04
C GLU A 46 -25.48 -8.76 32.83
N TRP A 47 -25.16 -9.64 31.89
CA TRP A 47 -25.94 -9.73 30.65
C TRP A 47 -27.05 -10.76 30.79
N MET A 48 -28.30 -10.31 30.77
CA MET A 48 -29.47 -11.20 30.93
C MET A 48 -29.83 -11.93 29.63
N GLY A 49 -29.79 -11.22 28.51
CA GLY A 49 -30.19 -11.82 27.25
C GLY A 49 -30.30 -10.91 26.04
N TRP A 50 -30.51 -11.53 24.89
CA TRP A 50 -30.68 -10.79 23.64
C TRP A 50 -31.95 -11.27 22.95
N ILE A 51 -32.63 -10.37 22.25
CA ILE A 51 -33.78 -10.76 21.45
C ILE A 51 -33.66 -10.19 20.04
N ASN A 52 -33.95 -11.03 19.06
CA ASN A 52 -34.04 -10.62 17.67
C ASN A 52 -35.36 -9.89 17.48
N THR A 53 -35.30 -8.65 17.01
CA THR A 53 -36.52 -7.86 16.86
C THR A 53 -37.24 -8.18 15.54
N TYR A 54 -36.50 -8.70 14.58
CA TYR A 54 -37.08 -9.03 13.29
C TYR A 54 -37.91 -10.32 13.34
N ILE A 55 -37.32 -11.42 13.83
CA ILE A 55 -38.03 -12.69 13.93
C ILE A 55 -38.54 -13.03 15.36
N GLY A 56 -38.22 -12.18 16.33
CA GLY A 56 -38.82 -12.30 17.66
C GLY A 56 -38.23 -13.31 18.64
N GLU A 57 -37.23 -14.07 18.21
CA GLU A 57 -36.63 -15.10 19.06
C GLU A 57 -35.66 -14.49 20.07
N PRO A 58 -35.84 -14.81 21.36
CA PRO A 58 -34.87 -14.32 22.35
C PRO A 58 -33.74 -15.33 22.64
N ILE A 59 -32.76 -14.90 23.44
CA ILE A 59 -31.78 -15.81 24.03
C ILE A 59 -31.57 -15.39 25.48
N TYR A 60 -31.62 -16.33 26.40
CA TYR A 60 -31.52 -16.01 27.82
C TYR A 60 -30.20 -16.48 28.41
N ALA A 61 -29.71 -15.76 29.40
CA ALA A 61 -28.63 -16.30 30.23
C ALA A 61 -29.22 -17.43 31.07
N ASP A 62 -28.37 -18.35 31.49
CA ASP A 62 -28.80 -19.55 32.20
C ASP A 62 -29.50 -19.23 33.52
N SER A 63 -28.97 -18.26 34.25
CA SER A 63 -29.55 -17.82 35.51
C SER A 63 -30.97 -17.33 35.31
N VAL A 64 -31.14 -16.42 34.37
CA VAL A 64 -32.42 -15.78 34.16
C VAL A 64 -33.39 -16.64 33.36
N LYS A 65 -32.93 -17.81 32.91
CA LYS A 65 -33.76 -18.57 31.95
C LYS A 65 -35.14 -18.85 32.51
N GLY A 66 -36.13 -18.29 31.80
CA GLY A 66 -37.54 -18.51 32.05
C GLY A 66 -38.16 -17.71 33.18
N ARG A 67 -37.34 -17.24 34.11
CA ARG A 67 -37.84 -16.51 35.26
C ARG A 67 -38.07 -15.07 34.81
N PHE A 68 -37.35 -14.72 33.76
CA PHE A 68 -37.61 -13.50 33.02
C PHE A 68 -37.98 -13.90 31.58
N THR A 69 -38.78 -13.08 30.91
CA THR A 69 -39.05 -13.27 29.49
C THR A 69 -39.11 -11.95 28.74
N PHE A 70 -38.59 -11.97 27.52
CA PHE A 70 -38.56 -10.81 26.65
C PHE A 70 -39.68 -10.91 25.63
N SER A 71 -40.25 -9.78 25.25
CA SER A 71 -41.18 -9.73 24.13
C SER A 71 -41.16 -8.38 23.45
N LEU A 72 -41.95 -8.25 22.39
CA LEU A 72 -41.95 -7.06 21.57
C LEU A 72 -43.35 -6.58 21.22
N ASP A 73 -43.48 -5.27 21.13
CA ASP A 73 -44.43 -4.69 20.20
C ASP A 73 -43.57 -3.99 19.15
N THR A 74 -43.49 -4.61 17.99
CA THR A 74 -42.72 -4.05 16.88
C THR A 74 -43.33 -2.74 16.46
N SER A 75 -44.64 -2.77 16.28
CA SER A 75 -45.38 -1.67 15.69
C SER A 75 -45.28 -0.37 16.51
N LYS A 76 -45.07 -0.49 17.82
CA LYS A 76 -44.71 0.69 18.63
C LYS A 76 -43.23 0.77 19.04
N SER A 77 -42.39 -0.14 18.53
CA SER A 77 -40.93 -0.01 18.66
C SER A 77 -40.47 -0.15 20.11
N THR A 78 -41.21 -0.97 20.85
CA THR A 78 -40.92 -1.20 22.27
C THR A 78 -40.59 -2.66 22.52
N ALA A 79 -39.58 -2.90 23.35
CA ALA A 79 -39.18 -4.24 23.76
C ALA A 79 -39.53 -4.45 25.23
N TYR A 80 -39.88 -5.67 25.61
CA TYR A 80 -40.41 -5.89 26.96
C TYR A 80 -39.56 -6.81 27.79
N LEU A 81 -39.47 -6.50 29.08
CA LEU A 81 -38.89 -7.43 30.04
C LEU A 81 -39.92 -7.78 31.08
N GLN A 82 -40.40 -9.02 31.04
CA GLN A 82 -41.33 -9.52 32.05
C GLN A 82 -40.56 -10.15 33.20
N MET A 83 -40.77 -9.65 34.41
CA MET A 83 -40.03 -10.15 35.57
C MET A 83 -40.98 -10.74 36.59
N ASN A 84 -40.68 -11.96 37.05
CA ASN A 84 -41.58 -12.65 37.96
C ASN A 84 -40.80 -13.37 39.08
N SER A 85 -41.49 -13.64 40.19
CA SER A 85 -40.90 -14.31 41.34
C SER A 85 -39.65 -13.58 41.79
N LEU A 86 -39.80 -12.28 42.02
CA LEU A 86 -38.67 -11.42 42.34
C LEU A 86 -38.25 -11.55 43.80
N ARG A 87 -36.94 -11.65 44.01
CA ARG A 87 -36.37 -11.77 45.33
C ARG A 87 -35.59 -10.50 45.64
N ALA A 88 -35.38 -10.22 46.92
CA ALA A 88 -34.65 -9.02 47.31
C ALA A 88 -33.30 -8.92 46.60
N GLU A 89 -32.71 -10.08 46.32
CA GLU A 89 -31.44 -10.18 45.59
C GLU A 89 -31.53 -9.65 44.16
N ASP A 90 -32.76 -9.54 43.67
CA ASP A 90 -32.99 -9.10 42.30
C ASP A 90 -32.94 -7.59 42.15
N THR A 91 -32.80 -6.89 43.27
CA THR A 91 -32.74 -5.43 43.23
C THR A 91 -31.61 -4.97 42.31
N ALA A 92 -31.92 -4.10 41.35
CA ALA A 92 -30.95 -3.67 40.36
C ALA A 92 -31.46 -2.56 39.45
N VAL A 93 -30.52 -1.93 38.76
CA VAL A 93 -30.85 -1.13 37.61
C VAL A 93 -30.89 -2.10 36.45
N TYR A 94 -32.00 -2.10 35.72
CA TYR A 94 -32.12 -2.93 34.54
C TYR A 94 -32.01 -2.06 33.30
N TYR A 95 -31.16 -2.50 32.38
CA TYR A 95 -30.89 -1.76 31.16
C TYR A 95 -31.35 -2.56 29.94
N CYS A 96 -31.95 -1.85 28.99
CA CYS A 96 -32.07 -2.34 27.62
C CYS A 96 -30.96 -1.67 26.81
N ALA A 97 -30.28 -2.43 25.96
CA ALA A 97 -29.24 -1.86 25.11
C ALA A 97 -29.25 -2.48 23.71
N ARG A 98 -29.14 -1.63 22.69
CA ARG A 98 -29.27 -2.07 21.30
C ARG A 98 -28.00 -2.74 20.80
N GLY A 99 -28.14 -3.84 20.07
CA GLY A 99 -27.01 -4.53 19.49
C GLY A 99 -27.42 -5.70 18.61
N TYR A 100 -26.53 -6.06 17.70
CA TYR A 100 -26.75 -7.22 16.86
C TYR A 100 -26.58 -8.48 17.70
N ARG A 101 -26.79 -9.63 17.09
CA ARG A 101 -26.61 -10.88 17.81
C ARG A 101 -25.15 -11.08 18.16
N SER A 102 -24.90 -11.42 19.42
CA SER A 102 -23.56 -11.69 19.93
C SER A 102 -22.57 -10.61 19.53
N TYR A 103 -22.94 -9.36 19.75
CA TYR A 103 -22.13 -8.22 19.33
C TYR A 103 -22.17 -7.14 20.40
N ALA A 104 -21.46 -6.03 20.21
CA ALA A 104 -21.39 -5.00 21.24
C ALA A 104 -22.69 -4.22 21.33
N MET A 105 -22.77 -3.35 22.34
CA MET A 105 -23.97 -2.56 22.61
C MET A 105 -23.70 -1.07 22.41
N ASP A 106 -24.23 -0.49 21.33
CA ASP A 106 -23.97 0.93 21.06
C ASP A 106 -24.84 1.86 21.88
N TYR A 107 -26.15 1.63 21.92
CA TYR A 107 -27.01 2.53 22.68
C TYR A 107 -27.69 1.85 23.87
N TRP A 108 -27.63 2.51 25.01
CA TRP A 108 -28.15 1.96 26.25
C TRP A 108 -29.33 2.79 26.75
N GLY A 109 -30.38 2.09 27.14
CA GLY A 109 -31.50 2.73 27.81
C GLY A 109 -31.01 3.39 29.08
N GLN A 110 -31.71 4.42 29.54
CA GLN A 110 -31.24 5.21 30.69
C GLN A 110 -31.24 4.36 31.95
N GLY A 111 -31.86 3.19 31.88
CA GLY A 111 -31.94 2.27 33.00
C GLY A 111 -33.10 2.64 33.90
N THR A 112 -33.62 1.66 34.61
CA THR A 112 -34.67 1.95 35.59
C THR A 112 -34.44 1.01 36.77
N LEU A 113 -34.55 1.56 37.97
CA LEU A 113 -34.23 0.82 39.19
C LEU A 113 -35.41 0.05 39.75
N VAL A 114 -35.24 -1.26 39.85
CA VAL A 114 -36.23 -2.13 40.47
C VAL A 114 -35.80 -2.35 41.91
N THR A 115 -36.71 -2.12 42.85
CA THR A 115 -36.47 -2.40 44.27
C THR A 115 -37.40 -3.52 44.73
N VAL A 116 -36.83 -4.68 45.00
CA VAL A 116 -37.61 -5.78 45.55
C VAL A 116 -37.52 -5.68 47.05
N SER A 117 -38.64 -5.32 47.67
CA SER A 117 -38.64 -5.02 49.08
C SER A 117 -39.99 -5.27 49.70
N SER A 118 -39.97 -5.68 50.96
CA SER A 118 -41.19 -6.01 51.67
C SER A 118 -41.95 -4.76 52.02
N ALA A 119 -41.20 -3.66 52.19
CA ALA A 119 -41.76 -2.41 52.69
C ALA A 119 -42.67 -1.74 51.67
N SER A 120 -43.24 -0.60 52.05
CA SER A 120 -44.14 0.14 51.17
C SER A 120 -43.49 1.47 50.80
N THR A 121 -43.90 2.03 49.67
CA THR A 121 -43.35 3.31 49.22
C THR A 121 -43.54 4.40 50.26
N LYS A 122 -42.56 5.29 50.34
CA LYS A 122 -42.70 6.52 51.13
C LYS A 122 -42.34 7.68 50.22
N GLY A 123 -43.33 8.54 49.98
CA GLY A 123 -43.10 9.76 49.23
C GLY A 123 -42.13 10.63 49.98
N PRO A 124 -41.36 11.45 49.24
CA PRO A 124 -40.42 12.32 49.95
C PRO A 124 -41.10 13.32 50.85
N SER A 125 -40.38 13.88 51.81
CA SER A 125 -40.73 15.20 52.29
C SER A 125 -39.81 16.13 51.51
N VAL A 126 -40.03 17.43 51.60
CA VAL A 126 -39.15 18.40 50.97
C VAL A 126 -39.04 19.65 51.82
N PHE A 127 -37.83 20.16 51.97
CA PHE A 127 -37.55 21.32 52.82
C PHE A 127 -36.56 22.29 52.20
N PRO A 128 -36.84 23.59 52.35
CA PRO A 128 -35.90 24.65 51.92
C PRO A 128 -34.69 24.80 52.83
N LEU A 129 -33.51 24.91 52.22
CA LEU A 129 -32.34 25.45 52.90
C LEU A 129 -32.14 26.86 52.37
N ALA A 130 -32.39 27.85 53.22
CA ALA A 130 -32.38 29.25 52.82
C ALA A 130 -31.08 29.95 53.23
N PRO A 131 -30.40 30.57 52.25
CA PRO A 131 -29.09 31.24 52.31
C PRO A 131 -28.54 31.51 53.71
N THR A 140 -20.19 35.11 47.11
CA THR A 140 -20.94 34.07 46.42
C THR A 140 -21.88 33.35 47.39
N ALA A 141 -23.18 33.31 47.05
CA ALA A 141 -24.16 32.70 47.95
C ALA A 141 -24.58 31.31 47.49
N ALA A 142 -24.80 30.40 48.44
CA ALA A 142 -25.26 29.04 48.13
C ALA A 142 -26.58 28.73 48.83
N LEU A 143 -27.35 27.80 48.28
CA LEU A 143 -28.65 27.48 48.85
C LEU A 143 -29.12 26.12 48.35
N GLY A 144 -30.25 25.62 48.85
CA GLY A 144 -30.69 24.32 48.42
C GLY A 144 -32.00 23.77 48.92
N CYS A 145 -32.27 22.53 48.53
CA CYS A 145 -33.42 21.78 49.03
C CYS A 145 -32.89 20.60 49.82
N LEU A 146 -33.82 19.89 50.45
CA LEU A 146 -33.49 18.66 51.14
C LEU A 146 -34.70 17.74 51.01
N VAL A 147 -34.45 16.49 50.64
CA VAL A 147 -35.53 15.54 50.44
C VAL A 147 -35.41 14.42 51.45
N LYS A 148 -36.19 14.53 52.52
CA LYS A 148 -36.15 13.58 53.64
C LYS A 148 -37.09 12.38 53.53
N ASP A 149 -36.69 11.29 54.16
CA ASP A 149 -37.61 10.21 54.47
C ASP A 149 -38.40 9.72 53.27
N TYR A 150 -37.71 9.19 52.28
CA TYR A 150 -38.42 8.57 51.17
C TYR A 150 -37.89 7.16 50.94
N PHE A 151 -38.76 6.25 50.52
CA PHE A 151 -38.36 4.91 50.09
C PHE A 151 -39.33 4.46 49.02
N PRO A 152 -38.86 3.70 48.02
CA PRO A 152 -37.46 3.40 47.70
C PRO A 152 -36.82 4.52 46.90
N GLU A 153 -35.63 4.28 46.36
CA GLU A 153 -35.04 5.19 45.39
C GLU A 153 -35.54 4.80 43.99
N PRO A 154 -35.25 5.60 42.95
CA PRO A 154 -34.53 6.88 42.91
C PRO A 154 -35.38 8.08 43.28
N VAL A 155 -34.71 9.22 43.31
CA VAL A 155 -35.30 10.55 43.39
C VAL A 155 -34.46 11.39 42.45
N THR A 156 -35.11 12.26 41.67
CA THR A 156 -34.41 13.22 40.83
C THR A 156 -34.71 14.66 41.26
N VAL A 157 -33.71 15.53 41.13
CA VAL A 157 -33.88 16.94 41.41
C VAL A 157 -33.42 17.78 40.25
N SER A 158 -34.33 18.59 39.69
CA SER A 158 -33.92 19.66 38.81
C SER A 158 -34.09 20.99 39.54
N TRP A 159 -33.68 22.07 38.89
CA TRP A 159 -33.86 23.40 39.43
C TRP A 159 -34.40 24.30 38.34
N ASN A 160 -35.46 25.02 38.66
CA ASN A 160 -36.16 25.84 37.68
C ASN A 160 -36.51 24.98 36.47
N SER A 161 -36.88 23.72 36.71
CA SER A 161 -37.37 22.85 35.65
C SER A 161 -36.22 22.43 34.76
N GLY A 162 -35.01 22.80 35.15
CA GLY A 162 -33.85 22.53 34.35
C GLY A 162 -33.16 23.74 33.76
N ALA A 163 -33.63 24.94 34.08
CA ALA A 163 -32.97 26.13 33.56
C ALA A 163 -31.77 26.55 34.44
N LEU A 164 -31.55 25.82 35.53
CA LEU A 164 -30.35 26.07 36.36
C LEU A 164 -29.62 24.76 36.65
N THR A 165 -28.43 24.64 36.07
CA THR A 165 -27.59 23.44 36.12
C THR A 165 -26.20 23.83 36.66
N SER A 166 -25.64 24.90 36.08
CA SER A 166 -24.39 25.46 36.57
C SER A 166 -24.47 25.59 38.09
N GLY A 167 -23.49 25.00 38.77
CA GLY A 167 -23.52 24.92 40.23
C GLY A 167 -24.38 23.87 40.93
N VAL A 168 -25.25 23.14 40.21
CA VAL A 168 -26.13 22.19 40.90
C VAL A 168 -25.36 20.98 41.43
N HIS A 169 -25.49 20.73 42.73
CA HIS A 169 -24.98 19.53 43.36
C HIS A 169 -26.14 18.72 43.92
N THR A 170 -26.34 17.52 43.41
CA THR A 170 -27.36 16.63 43.96
C THR A 170 -26.68 15.43 44.59
N PHE A 171 -26.75 15.35 45.91
CA PHE A 171 -26.01 14.35 46.66
C PHE A 171 -26.67 12.98 46.57
N PRO A 172 -25.86 11.92 46.67
CA PRO A 172 -26.43 10.58 46.80
C PRO A 172 -27.19 10.50 48.11
N ALA A 173 -28.30 9.77 48.13
CA ALA A 173 -29.06 9.64 49.36
C ALA A 173 -28.30 8.80 50.37
N VAL A 174 -28.26 9.23 51.61
CA VAL A 174 -27.86 8.34 52.69
C VAL A 174 -29.06 7.50 53.12
N LEU A 175 -28.77 6.34 53.70
CA LEU A 175 -29.78 5.55 54.39
C LEU A 175 -29.78 5.92 55.86
N GLN A 176 -30.89 6.51 56.31
CA GLN A 176 -31.09 6.86 57.70
C GLN A 176 -31.42 5.67 58.58
N SER A 177 -31.27 5.87 59.88
CA SER A 177 -31.72 4.89 60.88
C SER A 177 -33.18 4.53 60.70
N SER A 178 -33.92 5.47 60.11
CA SER A 178 -35.32 5.25 59.77
C SER A 178 -35.52 3.96 58.98
N GLY A 179 -34.55 3.65 58.12
CA GLY A 179 -34.72 2.65 57.08
C GLY A 179 -35.00 3.45 55.82
N LEU A 180 -35.34 4.71 56.03
CA LEU A 180 -35.72 5.60 54.95
C LEU A 180 -34.51 6.36 54.45
N TYR A 181 -34.46 6.61 53.15
CA TYR A 181 -33.39 7.41 52.59
C TYR A 181 -33.61 8.91 52.85
N SER A 182 -32.65 9.70 52.40
CA SER A 182 -32.80 11.13 52.22
C SER A 182 -31.57 11.68 51.56
N LEU A 183 -31.74 12.84 50.92
CA LEU A 183 -30.75 13.46 50.07
C LEU A 183 -31.02 14.94 50.03
N SER A 184 -30.01 15.70 49.66
CA SER A 184 -30.18 17.12 49.47
C SER A 184 -29.61 17.50 48.12
N SER A 185 -30.18 18.54 47.53
CA SER A 185 -29.61 19.10 46.33
C SER A 185 -29.34 20.56 46.67
N VAL A 186 -28.22 21.08 46.21
CA VAL A 186 -27.87 22.48 46.45
C VAL A 186 -27.48 23.14 45.15
N VAL A 187 -27.04 24.39 45.25
CA VAL A 187 -26.47 25.13 44.14
C VAL A 187 -26.00 26.47 44.70
N THR A 188 -25.06 27.09 44.00
CA THR A 188 -24.46 28.33 44.43
C THR A 188 -24.86 29.39 43.44
N VAL A 189 -25.06 30.62 43.92
CA VAL A 189 -25.43 31.71 43.02
C VAL A 189 -24.63 32.96 43.38
N PRO A 190 -24.74 34.04 42.59
CA PRO A 190 -24.07 35.27 42.99
C PRO A 190 -24.83 36.00 44.10
N SER A 191 -24.13 36.84 44.86
CA SER A 191 -24.71 37.46 46.05
C SER A 191 -25.57 38.68 45.70
N SER A 192 -25.56 39.09 44.44
CA SER A 192 -26.54 40.08 43.98
C SER A 192 -27.81 39.41 43.46
N SER A 193 -27.73 38.12 43.14
CA SER A 193 -28.85 37.43 42.49
C SER A 193 -29.92 37.13 43.50
N LEU A 194 -29.54 37.17 44.77
CA LEU A 194 -30.49 37.04 45.85
C LEU A 194 -31.54 38.13 45.75
N GLY A 195 -32.80 37.70 45.78
CA GLY A 195 -33.94 38.60 45.82
C GLY A 195 -34.47 38.96 44.45
N THR A 196 -33.60 38.91 43.44
CA THR A 196 -34.02 39.32 42.11
C THR A 196 -34.61 38.12 41.38
N GLN A 197 -33.75 37.17 41.03
CA GLN A 197 -34.17 36.00 40.27
C GLN A 197 -34.78 34.89 41.13
N THR A 198 -35.58 34.05 40.45
CA THR A 198 -36.41 33.02 41.05
C THR A 198 -35.78 31.61 41.03
N TYR A 199 -35.52 31.06 42.21
CA TYR A 199 -34.89 29.73 42.33
C TYR A 199 -35.78 28.69 43.01
N ILE A 200 -36.29 27.72 42.25
CA ILE A 200 -37.14 26.70 42.85
C ILE A 200 -36.70 25.30 42.42
N CYS A 201 -36.38 24.43 43.38
CA CYS A 201 -35.93 23.06 43.09
C CYS A 201 -37.16 22.19 42.80
N ASN A 202 -37.09 21.37 41.78
CA ASN A 202 -38.25 20.56 41.45
C ASN A 202 -37.96 19.09 41.68
N VAL A 203 -38.58 18.55 42.73
CA VAL A 203 -38.32 17.20 43.18
C VAL A 203 -39.37 16.22 42.69
N ASN A 204 -38.91 15.12 42.12
CA ASN A 204 -39.74 14.02 41.66
C ASN A 204 -39.41 12.80 42.50
N HIS A 205 -40.40 11.97 42.73
CA HIS A 205 -40.15 10.59 43.09
C HIS A 205 -41.11 9.69 42.30
N LYS A 206 -40.66 9.02 41.23
CA LYS A 206 -41.62 8.31 40.37
C LYS A 206 -42.20 6.97 40.88
N PRO A 207 -41.34 6.04 41.35
CA PRO A 207 -41.86 4.77 41.89
C PRO A 207 -42.88 4.87 43.02
N SER A 208 -42.99 6.05 43.59
CA SER A 208 -43.99 6.35 44.61
C SER A 208 -44.96 7.40 44.08
N ASN A 209 -45.82 7.92 44.96
CA ASN A 209 -46.37 9.25 44.79
C ASN A 209 -45.23 10.27 44.68
N THR A 210 -45.22 11.14 43.66
CA THR A 210 -44.89 12.59 43.79
C THR A 210 -44.53 13.38 42.51
N LYS A 211 -44.76 14.69 42.56
CA LYS A 211 -43.89 15.73 41.99
C LYS A 211 -43.91 16.83 43.07
N VAL A 212 -42.83 17.58 43.24
CA VAL A 212 -42.83 18.69 44.18
C VAL A 212 -41.94 19.81 43.60
N ASP A 213 -42.21 21.04 44.01
CA ASP A 213 -41.33 22.19 43.78
C ASP A 213 -41.27 23.01 45.08
N LYS A 214 -40.16 23.71 45.34
CA LYS A 214 -40.06 24.51 46.57
C LYS A 214 -39.43 25.89 46.40
N LYS A 215 -40.15 26.92 46.83
CA LYS A 215 -39.64 28.29 46.88
C LYS A 215 -38.63 28.42 48.01
N VAL A 216 -37.51 29.12 47.77
CA VAL A 216 -36.44 29.25 48.77
C VAL A 216 -35.87 30.67 48.96
N GLU A 217 -36.09 31.27 50.13
CA GLU A 217 -35.66 32.65 50.40
C GLU A 217 -35.24 32.84 51.87
N PRO A 218 -34.43 33.89 52.16
CA PRO A 218 -34.08 34.26 53.54
C PRO A 218 -35.31 34.45 54.43
N ASP B 1 -18.45 -20.00 30.10
CA ASP B 1 -18.45 -18.62 30.56
C ASP B 1 -17.05 -18.00 30.56
N ILE B 2 -16.86 -16.98 29.73
CA ILE B 2 -15.57 -16.35 29.57
C ILE B 2 -15.34 -15.25 30.61
N GLN B 3 -14.26 -15.39 31.37
CA GLN B 3 -13.89 -14.36 32.33
C GLN B 3 -13.26 -13.19 31.59
N MET B 4 -13.47 -12.00 32.13
CA MET B 4 -12.77 -10.80 31.70
C MET B 4 -12.23 -10.15 32.96
N THR B 5 -10.92 -9.95 33.04
CA THR B 5 -10.33 -9.37 34.24
C THR B 5 -9.58 -8.10 33.90
N GLN B 6 -10.08 -6.96 34.36
CA GLN B 6 -9.44 -5.68 34.13
C GLN B 6 -8.39 -5.40 35.20
N SER B 7 -7.30 -4.76 34.82
CA SER B 7 -6.37 -4.20 35.79
C SER B 7 -5.90 -2.83 35.32
N PRO B 8 -5.75 -1.88 36.27
CA PRO B 8 -6.02 -1.98 37.70
C PRO B 8 -7.51 -2.00 37.99
N SER B 9 -7.93 -2.18 39.25
CA SER B 9 -9.36 -2.12 39.58
C SER B 9 -9.77 -0.67 39.73
N SER B 10 -8.77 0.19 39.83
CA SER B 10 -8.95 1.64 39.85
C SER B 10 -7.58 2.32 39.86
N LEU B 11 -7.56 3.57 39.41
CA LEU B 11 -6.30 4.30 39.29
C LEU B 11 -6.55 5.78 39.45
N SER B 12 -5.55 6.48 39.96
CA SER B 12 -5.56 7.93 39.91
C SER B 12 -4.55 8.37 38.86
N ALA B 13 -4.86 9.48 38.20
CA ALA B 13 -3.89 10.10 37.31
C ALA B 13 -4.20 11.57 37.18
N SER B 14 -3.17 12.32 36.82
CA SER B 14 -3.31 13.75 36.59
C SER B 14 -3.88 14.00 35.20
N VAL B 15 -4.57 15.12 35.04
CA VAL B 15 -5.02 15.55 33.73
C VAL B 15 -3.84 15.65 32.78
N GLY B 16 -3.99 15.07 31.59
CA GLY B 16 -2.94 15.11 30.59
C GLY B 16 -2.15 13.82 30.53
N ASP B 17 -2.22 13.05 31.61
CA ASP B 17 -1.49 11.79 31.70
C ASP B 17 -2.07 10.74 30.77
N ARG B 18 -1.18 10.01 30.11
CA ARG B 18 -1.57 8.82 29.39
C ARG B 18 -2.07 7.81 30.41
N VAL B 19 -3.22 7.18 30.14
CA VAL B 19 -3.76 6.18 31.05
C VAL B 19 -4.08 4.88 30.31
N THR B 20 -3.59 3.78 30.84
CA THR B 20 -3.91 2.45 30.33
C THR B 20 -4.65 1.66 31.38
N ILE B 21 -5.69 0.95 30.95
CA ILE B 21 -6.30 -0.12 31.73
C ILE B 21 -6.22 -1.33 30.83
N THR B 22 -6.02 -2.51 31.40
CA THR B 22 -5.84 -3.71 30.60
C THR B 22 -6.92 -4.73 30.88
N CYS B 23 -7.33 -5.44 29.83
CA CYS B 23 -8.31 -6.50 29.98
C CYS B 23 -7.74 -7.82 29.48
N LYS B 24 -7.88 -8.85 30.30
CA LYS B 24 -7.45 -10.18 29.90
C LYS B 24 -8.61 -11.16 29.94
N ALA B 25 -8.77 -11.90 28.84
CA ALA B 25 -9.90 -12.81 28.69
C ALA B 25 -9.51 -14.25 29.01
N SER B 26 -10.38 -14.95 29.73
CA SER B 26 -10.06 -16.31 30.18
C SER B 26 -9.98 -17.30 29.01
N GLN B 27 -10.45 -16.89 27.84
CA GLN B 27 -10.26 -17.62 26.59
C GLN B 27 -9.98 -16.63 25.47
N ASN B 28 -9.42 -17.11 24.34
CA ASN B 28 -9.18 -16.25 23.19
C ASN B 28 -10.51 -15.87 22.54
N VAL B 29 -10.79 -14.58 22.58
CA VAL B 29 -12.03 -14.01 22.04
C VAL B 29 -11.81 -13.34 20.69
N GLY B 30 -10.58 -13.44 20.18
CA GLY B 30 -10.21 -12.80 18.93
C GLY B 30 -10.20 -11.30 19.12
N THR B 31 -10.75 -10.56 18.17
CA THR B 31 -10.99 -9.13 18.38
C THR B 31 -12.40 -8.83 18.88
N ASN B 32 -13.23 -9.82 19.17
CA ASN B 32 -14.59 -9.42 19.54
C ASN B 32 -14.56 -9.07 21.01
N VAL B 33 -14.40 -7.77 21.21
CA VAL B 33 -14.23 -7.14 22.50
C VAL B 33 -14.66 -5.68 22.37
N ALA B 34 -15.31 -5.13 23.38
CA ALA B 34 -15.75 -3.74 23.31
C ALA B 34 -15.46 -3.07 24.63
N TRP B 35 -15.28 -1.75 24.61
CA TRP B 35 -15.06 -1.01 25.84
C TRP B 35 -16.20 -0.03 26.08
N TYR B 36 -16.61 0.13 27.33
CA TYR B 36 -17.69 1.06 27.65
C TYR B 36 -17.24 2.06 28.71
N GLN B 37 -17.83 3.25 28.69
CA GLN B 37 -17.59 4.24 29.73
C GLN B 37 -18.86 4.55 30.48
N GLN B 38 -18.85 4.28 31.78
CA GLN B 38 -19.98 4.61 32.65
C GLN B 38 -19.57 5.67 33.66
N LYS B 39 -20.08 6.88 33.48
CA LYS B 39 -19.97 7.93 34.48
C LYS B 39 -21.03 7.60 35.53
N PRO B 40 -20.87 8.11 36.77
CA PRO B 40 -21.68 7.51 37.84
C PRO B 40 -23.18 7.80 37.73
N GLY B 41 -23.99 6.78 37.96
CA GLY B 41 -25.44 6.93 37.86
C GLY B 41 -25.89 7.38 36.49
N LYS B 42 -25.13 7.02 35.47
CA LYS B 42 -25.51 7.21 34.07
C LYS B 42 -25.46 5.87 33.36
N ALA B 43 -26.08 5.77 32.19
CA ALA B 43 -25.98 4.56 31.38
C ALA B 43 -24.55 4.41 30.88
N PRO B 44 -24.16 3.20 30.45
CA PRO B 44 -22.85 3.09 29.80
C PRO B 44 -22.84 3.74 28.43
N LYS B 45 -21.73 4.40 28.07
CA LYS B 45 -21.56 4.93 26.73
C LYS B 45 -20.58 4.06 25.96
N ALA B 46 -20.98 3.59 24.78
CA ALA B 46 -20.11 2.70 24.00
C ALA B 46 -18.93 3.46 23.42
N LEU B 47 -17.74 2.95 23.68
CA LEU B 47 -16.49 3.60 23.30
C LEU B 47 -15.85 2.98 22.07
N ILE B 48 -15.52 1.70 22.18
CA ILE B 48 -14.75 1.00 21.15
C ILE B 48 -15.36 -0.38 20.88
N TYR B 49 -15.33 -0.84 19.62
CA TYR B 49 -15.85 -2.17 19.27
C TYR B 49 -14.88 -2.96 18.37
N SER B 50 -14.96 -4.28 18.41
CA SER B 50 -14.05 -5.19 17.70
C SER B 50 -12.59 -4.78 17.97
N ALA B 51 -12.44 -4.34 19.22
CA ALA B 51 -11.22 -4.14 20.00
C ALA B 51 -10.37 -2.94 19.61
N SER B 52 -10.33 -2.56 18.34
CA SER B 52 -9.73 -1.26 18.01
C SER B 52 -10.67 -0.20 17.46
N PHE B 53 -11.91 -0.55 17.12
CA PHE B 53 -12.72 0.37 16.32
C PHE B 53 -13.34 1.46 17.19
N LEU B 54 -13.28 2.70 16.73
CA LEU B 54 -13.88 3.80 17.49
C LEU B 54 -15.36 3.92 17.11
N TYR B 55 -16.20 4.20 18.11
CA TYR B 55 -17.58 4.59 17.87
C TYR B 55 -17.59 6.08 17.54
N SER B 56 -18.55 6.51 16.72
CA SER B 56 -18.60 7.91 16.26
C SER B 56 -18.81 8.86 17.42
N GLY B 57 -18.26 10.07 17.30
CA GLY B 57 -18.46 11.11 18.29
C GLY B 57 -17.76 10.87 19.63
N VAL B 58 -16.99 9.79 19.68
CA VAL B 58 -16.15 9.49 20.82
C VAL B 58 -14.80 10.12 20.57
N PRO B 59 -14.29 10.91 21.54
CA PRO B 59 -13.02 11.63 21.43
C PRO B 59 -11.88 10.71 21.00
N TYR B 60 -10.90 11.26 20.28
CA TYR B 60 -9.78 10.50 19.74
C TYR B 60 -8.83 9.94 20.79
N ARG B 61 -8.66 10.67 21.89
CA ARG B 61 -7.74 10.26 22.95
C ARG B 61 -8.01 8.84 23.41
N PHE B 62 -9.23 8.36 23.17
CA PHE B 62 -9.54 6.94 23.39
C PHE B 62 -9.05 6.06 22.24
N SER B 63 -8.24 5.07 22.59
CA SER B 63 -7.81 4.03 21.66
C SER B 63 -7.86 2.66 22.34
N GLY B 64 -8.57 1.74 21.71
CA GLY B 64 -8.58 0.37 22.17
C GLY B 64 -7.52 -0.41 21.42
N SER B 65 -6.98 -1.45 22.05
CA SER B 65 -5.98 -2.30 21.40
C SER B 65 -6.02 -3.77 21.85
N GLY B 66 -5.31 -4.63 21.14
CA GLY B 66 -5.18 -6.02 21.54
C GLY B 66 -5.96 -6.99 20.68
N SER B 67 -5.71 -8.27 20.90
CA SER B 67 -6.37 -9.39 20.23
C SER B 67 -5.98 -10.63 21.03
N GLY B 68 -6.40 -11.82 20.62
CA GLY B 68 -6.15 -12.97 21.46
C GLY B 68 -6.96 -12.87 22.74
N THR B 69 -6.24 -12.88 23.86
CA THR B 69 -6.79 -12.81 25.21
C THR B 69 -6.60 -11.41 25.85
N ASP B 70 -5.35 -10.93 25.91
CA ASP B 70 -5.02 -9.60 26.45
C ASP B 70 -5.49 -8.43 25.57
N PHE B 71 -6.19 -7.47 26.18
CA PHE B 71 -6.66 -6.23 25.52
C PHE B 71 -6.38 -5.03 26.43
N THR B 72 -6.12 -3.85 25.82
CA THR B 72 -5.90 -2.65 26.62
C THR B 72 -6.71 -1.46 26.11
N LEU B 73 -7.41 -0.78 27.00
CA LEU B 73 -8.00 0.50 26.65
C LEU B 73 -7.00 1.60 27.03
N THR B 74 -6.87 2.62 26.17
CA THR B 74 -5.89 3.67 26.43
C THR B 74 -6.45 5.08 26.20
N ILE B 75 -6.43 5.89 27.26
CA ILE B 75 -6.76 7.30 27.14
C ILE B 75 -5.46 8.07 26.95
N SER B 76 -5.28 8.62 25.75
CA SER B 76 -4.05 9.33 25.39
C SER B 76 -3.76 10.48 26.35
N SER B 77 -4.63 11.47 26.34
CA SER B 77 -4.53 12.56 27.30
C SER B 77 -5.73 12.58 28.22
N LEU B 78 -5.52 12.24 29.48
CA LEU B 78 -6.62 12.18 30.43
C LEU B 78 -7.25 13.56 30.64
N GLN B 79 -8.57 13.58 30.73
CA GLN B 79 -9.30 14.83 30.87
C GLN B 79 -10.18 14.76 32.12
N PRO B 80 -10.53 15.93 32.69
CA PRO B 80 -11.34 15.95 33.91
C PRO B 80 -12.64 15.17 33.78
N GLU B 81 -13.20 15.17 32.57
CA GLU B 81 -14.49 14.53 32.30
C GLU B 81 -14.38 13.05 31.93
N ASP B 82 -13.15 12.55 31.86
CA ASP B 82 -12.93 11.14 31.58
C ASP B 82 -13.12 10.37 32.87
N PHE B 83 -13.41 11.10 33.95
CA PHE B 83 -13.72 10.48 35.22
C PHE B 83 -14.93 9.58 35.03
N ALA B 84 -14.75 8.30 35.36
CA ALA B 84 -15.67 7.25 34.96
C ALA B 84 -15.20 5.88 35.41
N THR B 85 -16.03 4.89 35.14
CA THR B 85 -15.66 3.50 35.23
C THR B 85 -15.74 2.91 33.84
N TYR B 86 -14.73 2.14 33.45
CA TYR B 86 -14.69 1.59 32.09
C TYR B 86 -14.78 0.07 32.16
N TYR B 87 -15.63 -0.51 31.32
CA TYR B 87 -15.82 -1.95 31.25
C TYR B 87 -15.43 -2.51 29.90
N CYS B 88 -14.48 -3.45 29.88
CA CYS B 88 -14.28 -4.25 28.69
C CYS B 88 -15.41 -5.29 28.65
N GLN B 89 -15.78 -5.73 27.45
CA GLN B 89 -16.76 -6.81 27.28
C GLN B 89 -16.31 -7.67 26.11
N GLN B 90 -16.49 -8.99 26.21
CA GLN B 90 -16.26 -9.87 25.06
C GLN B 90 -17.60 -10.30 24.45
N TYR B 91 -17.78 -10.08 23.15
CA TYR B 91 -18.92 -10.65 22.45
C TYR B 91 -18.60 -11.89 21.57
N ASN B 92 -17.38 -12.42 21.64
CA ASN B 92 -17.00 -13.61 20.85
C ASN B 92 -18.04 -14.76 20.91
N ILE B 93 -18.44 -15.17 22.11
CA ILE B 93 -19.47 -16.22 22.27
C ILE B 93 -20.40 -15.90 23.44
N TYR B 94 -21.62 -16.44 23.39
CA TYR B 94 -22.59 -16.28 24.48
C TYR B 94 -22.22 -17.10 25.71
N PRO B 95 -22.57 -16.60 26.91
CA PRO B 95 -23.19 -15.29 27.12
C PRO B 95 -22.17 -14.19 27.01
N LEU B 96 -22.62 -12.95 26.79
CA LEU B 96 -21.72 -11.82 26.79
C LEU B 96 -21.21 -11.67 28.21
N THR B 97 -19.96 -11.24 28.36
CA THR B 97 -19.43 -11.02 29.69
C THR B 97 -18.60 -9.74 29.78
N PHE B 98 -18.67 -9.10 30.94
CA PHE B 98 -18.06 -7.81 31.18
C PHE B 98 -16.89 -7.97 32.13
N GLY B 99 -15.93 -7.06 32.04
CA GLY B 99 -14.91 -6.95 33.06
C GLY B 99 -15.54 -6.45 34.34
N GLN B 100 -14.77 -6.31 35.40
CA GLN B 100 -15.35 -5.91 36.68
C GLN B 100 -15.45 -4.41 36.83
N GLY B 101 -14.86 -3.68 35.89
CA GLY B 101 -14.86 -2.23 35.94
C GLY B 101 -13.54 -1.69 36.46
N THR B 102 -13.14 -0.52 35.98
CA THR B 102 -11.95 0.14 36.46
C THR B 102 -12.23 1.60 36.69
N LYS B 103 -12.13 2.01 37.95
CA LYS B 103 -12.43 3.38 38.33
C LYS B 103 -11.30 4.30 37.93
N VAL B 104 -11.62 5.38 37.23
CA VAL B 104 -10.59 6.33 36.86
C VAL B 104 -10.84 7.66 37.56
N GLU B 105 -9.99 7.98 38.54
CA GLU B 105 -10.15 9.20 39.33
C GLU B 105 -9.05 10.18 38.94
N ILE B 106 -9.40 11.47 38.91
CA ILE B 106 -8.45 12.47 38.46
C ILE B 106 -7.69 13.05 39.63
N LYS B 107 -6.39 13.24 39.45
CA LYS B 107 -5.60 13.94 40.44
C LYS B 107 -5.55 15.41 40.06
N ARG B 108 -5.68 16.29 41.05
CA ARG B 108 -5.66 17.72 40.78
C ARG B 108 -5.05 18.52 41.93
N THR B 109 -4.76 19.79 41.65
CA THR B 109 -4.21 20.70 42.66
C THR B 109 -5.18 20.89 43.81
N VAL B 110 -4.63 21.01 45.02
CA VAL B 110 -5.41 21.08 46.25
C VAL B 110 -6.45 22.20 46.23
N ALA B 111 -7.67 21.90 46.69
CA ALA B 111 -8.74 22.89 46.79
C ALA B 111 -9.40 22.88 48.18
N ALA B 112 -9.64 24.04 48.75
CA ALA B 112 -10.25 24.18 50.07
C ALA B 112 -11.77 24.38 49.99
N PRO B 113 -12.53 23.62 50.80
CA PRO B 113 -14.00 23.59 50.79
C PRO B 113 -14.69 24.89 51.20
N SER B 114 -15.80 25.20 50.53
CA SER B 114 -16.67 26.31 50.92
C SER B 114 -17.69 25.82 51.94
N VAL B 115 -17.64 26.38 53.14
CA VAL B 115 -18.44 25.86 54.24
C VAL B 115 -19.71 26.67 54.48
N PHE B 116 -20.86 26.01 54.38
CA PHE B 116 -22.13 26.68 54.62
C PHE B 116 -22.97 25.88 55.62
N ILE B 117 -23.66 26.58 56.51
CA ILE B 117 -24.47 25.94 57.57
C ILE B 117 -25.96 26.32 57.51
N PHE B 118 -26.82 25.34 57.70
CA PHE B 118 -28.24 25.50 57.41
C PHE B 118 -29.20 25.15 58.54
N PRO B 119 -29.63 26.16 59.30
CA PRO B 119 -30.78 26.00 60.19
C PRO B 119 -31.96 25.37 59.46
N PRO B 120 -32.66 24.43 60.12
CA PRO B 120 -33.70 23.66 59.44
C PRO B 120 -34.89 24.51 59.04
N SER B 121 -35.50 24.14 57.92
CA SER B 121 -36.73 24.74 57.47
C SER B 121 -37.79 24.67 58.56
N ASP B 122 -38.41 25.81 58.84
CA ASP B 122 -39.48 25.94 59.83
C ASP B 122 -40.57 24.90 59.62
N GLU B 123 -40.86 24.67 58.35
CA GLU B 123 -41.76 23.62 57.88
C GLU B 123 -41.42 22.23 58.42
N GLN B 124 -40.15 22.00 58.73
CA GLN B 124 -39.76 20.73 59.33
C GLN B 124 -40.11 20.73 60.81
N LEU B 125 -39.56 21.69 61.55
CA LEU B 125 -39.80 21.85 62.98
C LEU B 125 -41.29 21.74 63.31
N LYS B 126 -42.13 22.32 62.45
CA LYS B 126 -43.57 22.17 62.51
C LYS B 126 -43.98 20.69 62.53
N SER B 127 -43.34 19.88 61.70
CA SER B 127 -43.68 18.47 61.56
C SER B 127 -43.02 17.63 62.66
N GLY B 128 -42.11 18.24 63.42
CA GLY B 128 -41.66 17.67 64.67
C GLY B 128 -40.24 17.12 64.79
N THR B 129 -39.59 16.77 63.69
CA THR B 129 -38.15 16.48 63.76
C THR B 129 -37.37 17.66 63.16
N ALA B 130 -36.05 17.61 63.21
CA ALA B 130 -35.24 18.76 62.82
C ALA B 130 -33.90 18.36 62.22
N SER B 131 -33.40 19.16 61.26
CA SER B 131 -32.14 18.83 60.63
C SER B 131 -31.25 20.05 60.35
N VAL B 132 -30.00 19.99 60.82
CA VAL B 132 -29.02 21.03 60.49
C VAL B 132 -28.05 20.49 59.45
N VAL B 133 -27.80 21.30 58.42
CA VAL B 133 -27.01 20.88 57.26
C VAL B 133 -25.73 21.70 57.08
N CYS B 134 -24.62 21.00 56.88
CA CYS B 134 -23.37 21.65 56.50
C CYS B 134 -23.00 21.24 55.08
N LEU B 135 -22.68 22.24 54.26
CA LEU B 135 -22.27 21.97 52.89
C LEU B 135 -20.80 22.30 52.70
N LEU B 136 -20.00 21.27 52.47
CA LEU B 136 -18.64 21.46 51.99
C LEU B 136 -18.74 21.53 50.48
N ASN B 137 -18.14 22.55 49.88
CA ASN B 137 -18.32 22.77 48.46
C ASN B 137 -17.01 22.75 47.70
N ASN B 138 -17.02 22.05 46.57
CA ASN B 138 -15.98 22.16 45.57
C ASN B 138 -14.55 22.15 46.11
N PHE B 139 -14.12 20.99 46.61
CA PHE B 139 -12.83 20.84 47.26
C PHE B 139 -12.08 19.60 46.78
N TYR B 140 -10.87 19.41 47.29
CA TYR B 140 -10.02 18.30 46.88
C TYR B 140 -8.77 18.30 47.75
N PRO B 141 -8.33 17.11 48.19
CA PRO B 141 -8.93 15.80 47.88
C PRO B 141 -10.15 15.48 48.74
N ARG B 142 -10.62 14.24 48.67
CA ARG B 142 -11.92 13.87 49.25
C ARG B 142 -11.98 13.90 50.77
N GLU B 143 -10.85 13.71 51.44
CA GLU B 143 -10.86 13.69 52.90
C GLU B 143 -11.19 15.05 53.49
N ALA B 144 -12.21 15.08 54.34
CA ALA B 144 -12.51 16.25 55.14
C ALA B 144 -13.13 15.77 56.43
N LYS B 145 -12.88 16.45 57.53
CA LYS B 145 -13.63 16.07 58.71
C LYS B 145 -14.56 17.17 59.19
N VAL B 146 -15.80 16.75 59.34
CA VAL B 146 -16.90 17.64 59.69
C VAL B 146 -17.31 17.35 61.12
N GLN B 147 -16.95 18.28 62.01
CA GLN B 147 -17.32 18.18 63.41
C GLN B 147 -18.59 18.97 63.65
N TRP B 148 -19.59 18.30 64.21
CA TRP B 148 -20.82 18.99 64.58
C TRP B 148 -20.72 19.43 66.02
N LYS B 149 -20.66 20.74 66.23
CA LYS B 149 -20.54 21.28 67.59
C LYS B 149 -21.76 22.12 67.94
N VAL B 150 -22.39 21.78 69.05
CA VAL B 150 -23.46 22.61 69.58
C VAL B 150 -22.97 23.19 70.91
N ASP B 151 -22.65 24.49 70.89
CA ASP B 151 -21.98 25.23 71.98
C ASP B 151 -20.81 24.46 72.57
N ASN B 152 -19.86 24.09 71.70
CA ASN B 152 -18.62 23.41 72.09
C ASN B 152 -18.83 21.94 72.44
N ALA B 153 -20.08 21.50 72.39
CA ALA B 153 -20.39 20.11 72.67
C ALA B 153 -20.27 19.35 71.36
N LEU B 154 -19.30 18.43 71.31
CA LEU B 154 -19.06 17.68 70.10
C LEU B 154 -20.05 16.54 70.06
N GLN B 155 -20.92 16.58 69.06
CA GLN B 155 -21.92 15.55 68.86
C GLN B 155 -21.29 14.31 68.25
N SER B 156 -22.01 13.19 68.32
CA SER B 156 -21.70 12.02 67.52
C SER B 156 -22.78 10.96 67.65
N GLY B 157 -22.83 10.10 66.64
CA GLY B 157 -23.90 9.15 66.47
C GLY B 157 -25.13 9.79 65.82
N ASN B 158 -25.23 11.12 65.87
CA ASN B 158 -26.45 11.80 65.43
C ASN B 158 -26.44 12.41 64.03
N SER B 159 -25.35 12.25 63.28
CA SER B 159 -25.24 12.97 62.01
C SER B 159 -24.66 12.15 60.87
N GLN B 160 -25.20 12.36 59.67
CA GLN B 160 -24.71 11.64 58.50
C GLN B 160 -24.07 12.55 57.45
N GLU B 161 -23.54 11.91 56.41
CA GLU B 161 -22.81 12.61 55.35
C GLU B 161 -23.11 11.97 54.00
N SER B 162 -23.08 12.80 52.96
CA SER B 162 -23.04 12.29 51.60
C SER B 162 -21.95 13.04 50.85
N VAL B 163 -21.28 12.36 49.94
CA VAL B 163 -20.28 13.00 49.10
C VAL B 163 -20.53 12.74 47.63
N THR B 164 -20.32 13.79 46.84
CA THR B 164 -20.49 13.74 45.40
C THR B 164 -19.42 12.87 44.77
N GLU B 165 -19.65 12.47 43.54
CA GLU B 165 -18.57 11.95 42.71
C GLU B 165 -17.83 13.15 42.15
N GLN B 166 -16.75 12.90 41.42
CA GLN B 166 -15.92 14.00 40.95
C GLN B 166 -16.67 14.80 39.90
N ASP B 167 -16.81 16.10 40.13
CA ASP B 167 -17.44 16.98 39.15
C ASP B 167 -16.61 16.99 37.88
N SER B 168 -17.26 16.70 36.76
CA SER B 168 -16.52 16.43 35.52
C SER B 168 -15.87 17.65 34.91
N LYS B 169 -16.24 18.82 35.39
CA LYS B 169 -15.62 20.07 34.97
C LYS B 169 -14.24 20.22 35.63
N ASP B 170 -14.24 20.49 36.93
CA ASP B 170 -13.02 20.75 37.67
C ASP B 170 -12.40 19.56 38.45
N SER B 171 -13.06 18.41 38.42
CA SER B 171 -12.59 17.22 39.15
C SER B 171 -12.52 17.42 40.67
N THR B 172 -13.53 18.06 41.26
CA THR B 172 -13.57 18.25 42.72
C THR B 172 -14.70 17.48 43.40
N TYR B 173 -14.84 17.70 44.71
CA TYR B 173 -15.84 17.03 45.53
C TYR B 173 -16.73 18.03 46.28
N SER B 174 -17.87 17.55 46.77
CA SER B 174 -18.76 18.36 47.58
C SER B 174 -19.40 17.49 48.67
N LEU B 175 -19.55 18.02 49.88
CA LEU B 175 -20.07 17.21 50.97
C LEU B 175 -21.31 17.82 51.61
N SER B 176 -22.30 16.96 51.88
CA SER B 176 -23.50 17.34 52.61
C SER B 176 -23.53 16.62 53.95
N SER B 177 -23.63 17.37 55.03
CA SER B 177 -23.76 16.77 56.36
C SER B 177 -25.14 17.08 56.93
N THR B 178 -25.73 16.14 57.67
CA THR B 178 -27.06 16.37 58.19
C THR B 178 -27.16 15.97 59.66
N LEU B 179 -27.56 16.92 60.51
CA LEU B 179 -27.67 16.70 61.95
C LEU B 179 -29.12 16.60 62.36
N THR B 180 -29.57 15.40 62.72
CA THR B 180 -31.00 15.18 62.98
C THR B 180 -31.35 15.01 64.45
N LEU B 181 -32.38 15.74 64.87
CA LEU B 181 -32.92 15.67 66.22
C LEU B 181 -34.38 16.05 66.08
N SER B 182 -35.24 15.60 66.98
CA SER B 182 -36.64 16.01 66.93
C SER B 182 -36.79 17.45 67.43
N LYS B 183 -37.91 18.10 67.10
CA LYS B 183 -38.18 19.46 67.57
C LYS B 183 -38.01 19.59 69.08
N ALA B 184 -38.28 18.50 69.77
CA ALA B 184 -38.13 18.39 71.22
C ALA B 184 -36.75 18.90 71.65
N ASP B 185 -35.70 18.36 71.01
CA ASP B 185 -34.32 18.81 71.24
C ASP B 185 -33.83 19.89 70.25
N TYR B 186 -34.70 20.47 69.42
CA TYR B 186 -34.29 21.62 68.60
C TYR B 186 -33.66 22.69 69.52
N GLU B 187 -34.48 23.28 70.38
CA GLU B 187 -34.13 24.44 71.21
C GLU B 187 -33.08 24.12 72.27
N LYS B 188 -32.68 22.85 72.27
CA LYS B 188 -31.85 22.22 73.31
C LYS B 188 -30.70 22.99 73.94
N HIS B 189 -29.64 23.27 73.17
CA HIS B 189 -28.45 23.93 73.72
C HIS B 189 -28.08 25.20 72.95
N LYS B 190 -27.04 25.91 73.42
CA LYS B 190 -26.78 27.28 72.95
C LYS B 190 -26.54 27.47 71.46
N VAL B 191 -25.33 27.15 70.98
CA VAL B 191 -25.02 27.33 69.56
C VAL B 191 -25.40 26.12 68.70
N TYR B 192 -25.65 26.38 67.41
CA TYR B 192 -25.64 25.33 66.40
C TYR B 192 -24.46 25.61 65.47
N ALA B 193 -23.40 24.80 65.55
CA ALA B 193 -22.18 25.09 64.80
C ALA B 193 -21.70 23.93 63.94
N CYS B 194 -20.89 24.23 62.91
CA CYS B 194 -20.28 23.19 62.10
C CYS B 194 -18.79 23.47 61.87
N GLU B 195 -17.92 22.60 62.38
CA GLU B 195 -16.47 22.80 62.25
C GLU B 195 -15.84 21.86 61.22
N VAL B 196 -15.04 22.43 60.33
CA VAL B 196 -14.51 21.66 59.21
C VAL B 196 -12.99 21.72 59.17
N THR B 197 -12.38 20.61 58.74
CA THR B 197 -10.94 20.49 58.63
C THR B 197 -10.56 19.85 57.30
N HIS B 198 -9.78 20.57 56.51
CA HIS B 198 -9.29 20.05 55.23
C HIS B 198 -7.91 20.62 54.94
N GLN B 199 -7.10 19.84 54.24
CA GLN B 199 -5.67 20.09 54.13
C GLN B 199 -5.41 21.11 53.05
N GLY B 200 -6.49 21.67 52.54
CA GLY B 200 -6.44 22.91 51.80
C GLY B 200 -6.70 24.14 52.66
N LEU B 201 -7.16 23.96 53.90
CA LEU B 201 -7.48 25.12 54.76
C LEU B 201 -6.38 25.51 55.77
N SER B 202 -6.22 26.82 55.96
CA SER B 202 -5.21 27.38 56.88
C SER B 202 -5.23 26.74 58.25
N SER B 203 -6.34 26.92 58.96
CA SER B 203 -6.53 26.31 60.27
C SER B 203 -7.99 25.90 60.38
N PRO B 204 -8.29 24.90 61.24
CA PRO B 204 -9.64 24.31 61.32
C PRO B 204 -10.74 25.35 61.38
N VAL B 205 -11.73 25.16 60.51
CA VAL B 205 -12.72 26.20 60.22
C VAL B 205 -14.13 25.81 60.60
N THR B 206 -14.72 26.61 61.48
CA THR B 206 -16.12 26.50 61.84
C THR B 206 -16.93 27.55 61.08
N LYS B 207 -18.14 27.20 60.66
CA LYS B 207 -19.13 28.21 60.27
C LYS B 207 -20.49 27.86 60.88
N SER B 208 -21.13 28.88 61.48
CA SER B 208 -22.22 28.66 62.42
C SER B 208 -23.33 29.71 62.43
N PHE B 209 -24.17 29.65 63.47
CA PHE B 209 -25.37 30.48 63.61
C PHE B 209 -26.08 30.19 64.94
N ASN B 210 -27.17 30.93 65.20
CA ASN B 210 -28.07 30.58 66.28
C ASN B 210 -29.53 30.95 66.02
N ARG B 211 -30.40 30.28 66.77
CA ARG B 211 -31.82 30.12 66.48
C ARG B 211 -32.69 31.36 66.54
N GLY B 212 -33.81 31.29 65.81
CA GLY B 212 -34.78 32.35 65.80
C GLY B 212 -34.72 33.12 64.48
N GLU C 1 2.03 17.06 -34.15
CA GLU C 1 1.81 17.35 -32.74
C GLU C 1 0.73 18.41 -32.53
N VAL C 2 0.13 18.45 -31.35
CA VAL C 2 -0.89 19.45 -31.04
C VAL C 2 -0.31 20.84 -31.22
N GLN C 3 -1.02 21.69 -31.95
CA GLN C 3 -0.50 22.99 -32.32
C GLN C 3 -1.60 24.04 -32.25
N LEU C 4 -1.30 25.18 -31.64
CA LEU C 4 -2.21 26.31 -31.66
C LEU C 4 -1.53 27.47 -32.39
N VAL C 5 -2.07 27.85 -33.54
CA VAL C 5 -1.50 28.97 -34.26
C VAL C 5 -2.33 30.23 -34.04
N GLU C 6 -1.77 31.17 -33.30
CA GLU C 6 -2.38 32.48 -33.13
C GLU C 6 -2.06 33.34 -34.33
N SER C 7 -2.91 34.31 -34.59
CA SER C 7 -2.68 35.24 -35.67
C SER C 7 -3.48 36.53 -35.50
N GLY C 8 -3.05 37.58 -36.21
CA GLY C 8 -3.82 38.81 -36.25
C GLY C 8 -3.46 39.92 -35.28
N GLY C 9 -2.27 39.89 -34.69
CA GLY C 9 -1.84 40.97 -33.82
C GLY C 9 -1.50 42.22 -34.60
N GLY C 10 -0.92 43.22 -33.94
CA GLY C 10 -0.45 44.40 -34.63
C GLY C 10 -0.58 45.68 -33.84
N LEU C 11 -0.50 46.80 -34.56
CA LEU C 11 -0.71 48.10 -33.97
C LEU C 11 -2.15 48.52 -34.16
N VAL C 12 -2.71 49.15 -33.13
CA VAL C 12 -4.10 49.58 -33.17
C VAL C 12 -4.25 50.93 -32.46
N GLN C 13 -5.00 51.84 -33.08
CA GLN C 13 -5.30 53.14 -32.50
C GLN C 13 -6.08 52.98 -31.19
N PRO C 14 -5.76 53.80 -30.17
CA PRO C 14 -6.54 53.67 -28.92
C PRO C 14 -8.00 54.00 -29.19
N GLY C 15 -8.91 53.14 -28.77
CA GLY C 15 -10.29 53.25 -29.19
C GLY C 15 -10.49 52.47 -30.48
N GLY C 16 -9.52 51.64 -30.82
CA GLY C 16 -9.62 50.80 -32.01
C GLY C 16 -10.18 49.42 -31.68
N SER C 17 -10.19 48.52 -32.65
CA SER C 17 -10.66 47.16 -32.39
C SER C 17 -9.93 46.15 -33.26
N LEU C 18 -9.81 44.94 -32.72
CA LEU C 18 -8.98 43.91 -33.31
C LEU C 18 -9.58 42.56 -32.97
N ARG C 19 -9.34 41.56 -33.81
CA ARG C 19 -9.67 40.20 -33.40
C ARG C 19 -8.53 39.25 -33.71
N LEU C 20 -8.00 38.65 -32.65
CA LEU C 20 -6.96 37.66 -32.76
C LEU C 20 -7.64 36.32 -33.00
N SER C 21 -7.00 35.43 -33.75
CA SER C 21 -7.56 34.10 -33.97
C SER C 21 -6.59 33.02 -33.55
N CYS C 22 -7.11 31.95 -32.96
CA CYS C 22 -6.26 30.83 -32.57
C CYS C 22 -6.65 29.56 -33.31
N ALA C 23 -5.80 29.15 -34.24
CA ALA C 23 -6.09 28.00 -35.06
C ALA C 23 -5.62 26.73 -34.37
N ALA C 24 -6.55 25.83 -34.09
CA ALA C 24 -6.17 24.58 -33.48
C ALA C 24 -5.75 23.60 -34.55
N SER C 25 -5.27 22.44 -34.09
CA SER C 25 -4.96 21.31 -34.94
C SER C 25 -4.43 20.17 -34.06
N GLY C 26 -4.48 18.97 -34.62
CA GLY C 26 -3.97 17.79 -33.94
C GLY C 26 -4.73 17.35 -32.70
N TYR C 27 -5.85 17.99 -32.41
CA TYR C 27 -6.67 17.56 -31.28
C TYR C 27 -8.14 17.79 -31.58
N VAL C 28 -9.02 16.96 -31.01
CA VAL C 28 -10.44 17.09 -31.31
C VAL C 28 -10.86 18.36 -30.61
N PHE C 29 -11.25 19.33 -31.41
CA PHE C 29 -11.27 20.71 -30.96
C PHE C 29 -12.28 20.86 -29.85
N THR C 30 -13.38 20.13 -29.96
CA THR C 30 -14.51 20.31 -29.08
C THR C 30 -14.44 19.33 -27.91
N ASP C 31 -13.35 18.56 -27.83
CA ASP C 31 -13.05 17.76 -26.63
C ASP C 31 -12.44 18.64 -25.55
N TYR C 32 -11.71 19.67 -25.96
CA TYR C 32 -11.02 20.54 -25.02
C TYR C 32 -11.60 21.95 -25.07
N GLY C 33 -11.52 22.67 -23.96
CA GLY C 33 -11.92 24.07 -23.96
C GLY C 33 -10.80 24.93 -24.56
N MET C 34 -10.91 26.24 -24.38
CA MET C 34 -9.81 27.15 -24.73
C MET C 34 -9.77 28.28 -23.73
N ASN C 35 -8.58 28.66 -23.29
CA ASN C 35 -8.45 29.87 -22.49
C ASN C 35 -7.89 31.01 -23.33
N TRP C 36 -7.83 32.17 -22.73
CA TRP C 36 -7.11 33.30 -23.29
C TRP C 36 -6.32 33.95 -22.17
N VAL C 37 -5.01 33.89 -22.26
CA VAL C 37 -4.14 34.51 -21.29
C VAL C 37 -3.44 35.67 -21.97
N ARG C 38 -3.20 36.75 -21.23
CA ARG C 38 -2.39 37.82 -21.80
C ARG C 38 -1.21 38.11 -20.90
N GLN C 39 -0.20 38.76 -21.46
CA GLN C 39 0.98 39.20 -20.74
C GLN C 39 1.38 40.57 -21.26
N ALA C 40 1.50 41.55 -20.37
CA ALA C 40 1.90 42.91 -20.76
C ALA C 40 3.40 42.93 -21.04
N PRO C 41 3.95 44.06 -21.52
CA PRO C 41 5.41 43.95 -21.60
C PRO C 41 6.05 43.86 -20.22
N GLY C 42 6.85 42.81 -20.01
CA GLY C 42 7.62 42.64 -18.80
C GLY C 42 6.77 42.25 -17.60
N LYS C 43 5.46 42.44 -17.73
CA LYS C 43 4.53 42.11 -16.67
C LYS C 43 4.28 40.60 -16.72
N GLY C 44 3.52 40.08 -15.75
CA GLY C 44 3.26 38.67 -15.68
C GLY C 44 2.01 38.27 -16.42
N LEU C 45 1.59 37.04 -16.15
CA LEU C 45 0.48 36.42 -16.85
C LEU C 45 -0.86 36.77 -16.23
N GLU C 46 -1.74 37.34 -17.04
CA GLU C 46 -3.10 37.66 -16.63
C GLU C 46 -4.05 36.75 -17.36
N TRP C 47 -4.78 35.92 -16.63
CA TRP C 47 -5.77 35.06 -17.25
C TRP C 47 -7.04 35.85 -17.49
N MET C 48 -7.39 36.00 -18.77
CA MET C 48 -8.52 36.83 -19.18
C MET C 48 -9.88 36.13 -19.10
N GLY C 49 -9.88 34.84 -19.44
CA GLY C 49 -11.12 34.09 -19.53
C GLY C 49 -10.98 32.71 -20.13
N TRP C 50 -12.02 31.90 -20.00
CA TRP C 50 -12.03 30.59 -20.62
C TRP C 50 -13.33 30.43 -21.39
N ILE C 51 -13.26 29.84 -22.57
CA ILE C 51 -14.48 29.59 -23.33
C ILE C 51 -14.69 28.09 -23.56
N ASN C 52 -15.89 27.61 -23.21
CA ASN C 52 -16.30 26.24 -23.50
C ASN C 52 -16.46 26.07 -25.00
N THR C 53 -15.85 25.02 -25.55
CA THR C 53 -15.96 24.81 -26.98
C THR C 53 -17.07 23.82 -27.38
N TYR C 54 -17.64 23.10 -26.42
CA TYR C 54 -18.78 22.23 -26.74
C TYR C 54 -20.11 23.00 -26.83
N ILE C 55 -20.45 23.75 -25.78
CA ILE C 55 -21.66 24.59 -25.76
C ILE C 55 -21.36 26.07 -25.99
N GLY C 56 -20.10 26.41 -26.21
CA GLY C 56 -19.77 27.77 -26.64
C GLY C 56 -19.89 28.82 -25.56
N GLU C 57 -20.11 28.41 -24.31
CA GLU C 57 -20.25 29.37 -23.23
C GLU C 57 -18.92 29.97 -22.81
N PRO C 58 -18.82 31.29 -22.89
CA PRO C 58 -17.61 31.97 -22.47
C PRO C 58 -17.59 32.20 -20.96
N ILE C 59 -16.45 32.65 -20.44
CA ILE C 59 -16.35 33.16 -19.08
C ILE C 59 -15.33 34.31 -19.13
N TYR C 60 -15.62 35.40 -18.44
CA TYR C 60 -14.71 36.55 -18.43
C TYR C 60 -14.28 36.94 -17.02
N ALA C 61 -13.19 37.69 -16.97
CA ALA C 61 -12.56 38.17 -15.74
C ALA C 61 -12.96 39.62 -15.49
N ASP C 62 -13.06 40.03 -14.22
CA ASP C 62 -13.58 41.35 -13.86
C ASP C 62 -12.97 42.52 -14.62
N SER C 63 -11.68 42.41 -14.88
CA SER C 63 -10.97 43.46 -15.60
C SER C 63 -11.25 43.44 -17.10
N VAL C 64 -11.58 42.28 -17.67
CA VAL C 64 -11.81 42.28 -19.11
C VAL C 64 -13.27 42.47 -19.48
N LYS C 65 -14.13 42.38 -18.47
CA LYS C 65 -15.41 43.11 -18.37
C LYS C 65 -16.03 43.44 -19.75
N GLY C 66 -16.25 42.39 -20.54
CA GLY C 66 -16.97 42.50 -21.80
C GLY C 66 -16.43 43.46 -22.85
N ARG C 67 -15.22 43.97 -22.64
CA ARG C 67 -14.61 44.83 -23.65
C ARG C 67 -13.70 43.94 -24.48
N PHE C 68 -13.70 42.65 -24.12
CA PHE C 68 -13.19 41.57 -24.95
C PHE C 68 -14.30 40.51 -25.07
N THR C 69 -14.36 39.76 -26.17
CA THR C 69 -15.34 38.68 -26.27
C THR C 69 -14.87 37.44 -27.01
N PHE C 70 -15.24 36.29 -26.45
CA PHE C 70 -14.82 35.00 -26.96
C PHE C 70 -15.82 34.47 -27.96
N SER C 71 -15.32 34.11 -29.13
CA SER C 71 -16.14 33.58 -30.20
C SER C 71 -15.42 32.37 -30.77
N LEU C 72 -16.16 31.46 -31.37
CA LEU C 72 -15.60 30.19 -31.84
C LEU C 72 -15.90 29.93 -33.33
N ASP C 73 -15.20 28.95 -33.90
CA ASP C 73 -15.61 28.27 -35.14
C ASP C 73 -15.35 26.76 -35.07
N THR C 74 -16.39 25.91 -35.15
CA THR C 74 -16.14 24.46 -35.11
C THR C 74 -15.48 24.04 -36.41
N SER C 75 -16.11 24.43 -37.53
CA SER C 75 -15.62 24.09 -38.85
C SER C 75 -14.13 24.43 -39.02
N LYS C 76 -13.69 25.50 -38.39
CA LYS C 76 -12.32 25.97 -38.54
C LYS C 76 -11.38 25.57 -37.40
N SER C 77 -11.91 24.97 -36.34
CA SER C 77 -11.14 24.76 -35.12
C SER C 77 -10.41 26.03 -34.74
N THR C 78 -11.17 27.09 -34.52
CA THR C 78 -10.58 28.40 -34.33
C THR C 78 -11.31 29.17 -33.23
N ALA C 79 -10.54 29.61 -32.26
CA ALA C 79 -11.06 30.43 -31.17
C ALA C 79 -10.77 31.88 -31.48
N TYR C 80 -11.72 32.76 -31.17
CA TYR C 80 -11.57 34.17 -31.48
C TYR C 80 -11.59 35.02 -30.22
N LEU C 81 -10.70 36.00 -30.18
CA LEU C 81 -10.77 37.02 -29.15
C LEU C 81 -11.08 38.36 -29.81
N GLN C 82 -12.31 38.82 -29.63
CA GLN C 82 -12.72 40.11 -30.15
C GLN C 82 -12.33 41.21 -29.18
N MET C 83 -11.70 42.26 -29.69
CA MET C 83 -11.26 43.36 -28.84
C MET C 83 -11.96 44.64 -29.23
N ASN C 84 -12.19 45.52 -28.27
CA ASN C 84 -12.93 46.74 -28.55
C ASN C 84 -12.44 47.97 -27.81
N SER C 85 -12.30 49.05 -28.57
CA SER C 85 -11.92 50.36 -28.05
C SER C 85 -10.83 50.26 -27.00
N LEU C 86 -9.69 49.74 -27.42
CA LEU C 86 -8.62 49.35 -26.52
C LEU C 86 -7.86 50.57 -26.04
N ARG C 87 -7.30 50.48 -24.84
CA ARG C 87 -6.55 51.58 -24.25
C ARG C 87 -5.10 51.13 -24.10
N ALA C 88 -4.18 52.08 -23.98
CA ALA C 88 -2.74 51.82 -23.95
C ALA C 88 -2.35 50.66 -23.02
N GLU C 89 -3.03 50.56 -21.87
CA GLU C 89 -2.79 49.50 -20.89
C GLU C 89 -3.06 48.10 -21.43
N ASP C 90 -3.82 48.01 -22.51
CA ASP C 90 -4.16 46.74 -23.16
C ASP C 90 -3.04 46.23 -24.08
N THR C 91 -2.02 47.06 -24.29
CA THR C 91 -0.85 46.63 -25.04
C THR C 91 -0.22 45.41 -24.36
N ALA C 92 -0.11 44.30 -25.10
CA ALA C 92 0.27 43.04 -24.48
C ALA C 92 0.44 41.90 -25.48
N VAL C 93 1.12 40.84 -25.02
CA VAL C 93 1.14 39.55 -25.69
C VAL C 93 -0.12 38.77 -25.29
N TYR C 94 -0.84 38.27 -26.27
CA TYR C 94 -2.07 37.53 -26.01
C TYR C 94 -1.93 36.09 -26.45
N TYR C 95 -2.09 35.17 -25.49
CA TYR C 95 -1.99 33.74 -25.76
C TYR C 95 -3.35 33.07 -25.68
N CYS C 96 -3.55 32.03 -26.48
CA CYS C 96 -4.65 31.10 -26.26
C CYS C 96 -4.06 29.83 -25.67
N ALA C 97 -4.73 29.26 -24.68
CA ALA C 97 -4.21 28.11 -23.99
C ALA C 97 -5.29 27.03 -23.85
N ARG C 98 -5.00 25.85 -24.37
CA ARG C 98 -5.91 24.73 -24.30
C ARG C 98 -6.14 24.35 -22.84
N GLY C 99 -7.39 24.20 -22.44
CA GLY C 99 -7.69 23.94 -21.05
C GLY C 99 -9.10 23.44 -20.80
N TYR C 100 -9.28 22.77 -19.68
CA TYR C 100 -10.62 22.42 -19.23
C TYR C 100 -11.16 23.57 -18.38
N ARG C 101 -12.40 23.44 -17.93
CA ARG C 101 -12.96 24.46 -17.04
C ARG C 101 -12.17 24.48 -15.73
N SER C 102 -11.63 25.65 -15.40
CA SER C 102 -10.77 25.81 -14.23
C SER C 102 -9.74 24.69 -14.07
N TYR C 103 -8.82 24.58 -15.03
CA TYR C 103 -7.78 23.57 -14.98
C TYR C 103 -6.44 24.09 -15.47
N ALA C 104 -5.46 23.21 -15.58
CA ALA C 104 -4.15 23.56 -16.08
C ALA C 104 -4.23 23.77 -17.59
N MET C 105 -3.43 24.69 -18.13
CA MET C 105 -3.43 24.91 -19.56
C MET C 105 -2.20 24.27 -20.21
N ASP C 106 -2.42 23.18 -20.93
CA ASP C 106 -1.33 22.29 -21.35
C ASP C 106 -0.72 22.60 -22.74
N TYR C 107 -1.34 23.48 -23.51
CA TYR C 107 -0.74 23.93 -24.78
C TYR C 107 -1.03 25.41 -25.01
N TRP C 108 -0.01 26.16 -25.44
CA TRP C 108 -0.15 27.60 -25.66
C TRP C 108 0.22 27.96 -27.10
N GLY C 109 -0.56 28.86 -27.70
CA GLY C 109 -0.18 29.44 -28.98
C GLY C 109 1.09 30.23 -28.80
N GLN C 110 1.73 30.58 -29.92
CA GLN C 110 3.06 31.19 -29.89
C GLN C 110 3.06 32.57 -29.24
N GLY C 111 1.86 33.07 -28.94
CA GLY C 111 1.70 34.41 -28.44
C GLY C 111 1.59 35.33 -29.64
N THR C 112 0.85 36.42 -29.52
CA THR C 112 0.92 37.44 -30.56
C THR C 112 0.77 38.81 -29.93
N LEU C 113 1.57 39.77 -30.38
CA LEU C 113 1.60 41.09 -29.72
C LEU C 113 0.50 41.99 -30.25
N VAL C 114 -0.06 42.81 -29.36
CA VAL C 114 -0.94 43.88 -29.77
C VAL C 114 -0.38 45.17 -29.19
N THR C 115 -0.02 46.13 -30.04
CA THR C 115 0.42 47.42 -29.53
C THR C 115 -0.70 48.42 -29.70
N VAL C 116 -1.31 48.80 -28.59
CA VAL C 116 -2.38 49.77 -28.64
C VAL C 116 -1.73 51.11 -28.44
N SER C 117 -1.68 51.88 -29.53
CA SER C 117 -0.85 53.07 -29.57
C SER C 117 -1.24 54.04 -30.70
N SER C 118 -0.77 55.27 -30.58
CA SER C 118 -1.07 56.35 -31.51
C SER C 118 -0.31 56.30 -32.84
N ALA C 119 1.01 56.38 -32.76
CA ALA C 119 1.86 56.51 -33.94
C ALA C 119 1.58 55.44 -34.98
N SER C 120 1.64 55.82 -36.25
CA SER C 120 1.44 54.86 -37.32
C SER C 120 2.73 54.06 -37.52
N THR C 121 2.65 53.07 -38.39
CA THR C 121 3.72 52.08 -38.50
C THR C 121 4.83 52.50 -39.45
N LYS C 122 6.06 52.56 -38.94
CA LYS C 122 7.21 52.72 -39.80
C LYS C 122 7.90 51.39 -39.97
N GLY C 123 8.36 51.12 -41.18
CA GLY C 123 9.14 49.94 -41.45
C GLY C 123 10.57 50.26 -41.06
N PRO C 124 11.38 49.22 -40.84
CA PRO C 124 12.78 49.39 -40.42
C PRO C 124 13.72 49.91 -41.49
N SER C 125 14.86 50.40 -41.05
CA SER C 125 16.02 50.65 -41.90
C SER C 125 17.10 49.65 -41.54
N VAL C 126 17.38 48.73 -42.47
CA VAL C 126 18.38 47.72 -42.23
C VAL C 126 19.73 48.11 -42.84
N PHE C 127 20.77 48.06 -42.01
CA PHE C 127 22.13 48.35 -42.45
C PHE C 127 23.00 47.14 -42.16
N PRO C 128 24.07 46.95 -42.94
CA PRO C 128 24.97 45.84 -42.63
C PRO C 128 25.92 46.18 -41.49
N LEU C 129 26.35 45.18 -40.72
CA LEU C 129 27.52 45.36 -39.89
C LEU C 129 28.60 44.41 -40.41
N ALA C 130 29.56 44.98 -41.15
CA ALA C 130 30.64 44.21 -41.78
C ALA C 130 31.89 44.17 -40.91
N PRO C 131 32.65 43.06 -40.94
CA PRO C 131 33.88 42.91 -40.16
C PRO C 131 34.85 44.07 -40.34
N ALA C 142 32.95 38.53 -36.32
CA ALA C 142 31.54 38.81 -36.11
C ALA C 142 30.99 39.72 -37.20
N LEU C 143 29.99 39.25 -37.94
CA LEU C 143 29.30 40.12 -38.88
C LEU C 143 27.92 40.42 -38.30
N GLY C 144 27.11 41.21 -38.98
CA GLY C 144 25.79 41.53 -38.46
C GLY C 144 24.89 42.43 -39.28
N CYS C 145 23.71 42.69 -38.73
CA CYS C 145 22.71 43.59 -39.33
C CYS C 145 22.21 44.53 -38.24
N LEU C 146 22.01 45.80 -38.58
CA LEU C 146 21.39 46.73 -37.64
C LEU C 146 20.03 47.14 -38.18
N VAL C 147 18.99 46.65 -37.53
CA VAL C 147 17.63 46.96 -37.92
C VAL C 147 17.24 48.19 -37.13
N LYS C 148 16.86 49.26 -37.84
CA LYS C 148 16.83 50.57 -37.21
C LYS C 148 15.62 51.42 -37.59
N ASP C 149 15.13 52.18 -36.60
CA ASP C 149 14.03 53.12 -36.78
C ASP C 149 12.76 52.45 -37.32
N TYR C 150 12.27 51.46 -36.59
CA TYR C 150 11.02 50.78 -36.93
C TYR C 150 10.03 50.88 -35.77
N PHE C 151 8.78 50.57 -36.05
CA PHE C 151 7.70 50.66 -35.07
C PHE C 151 6.43 50.14 -35.72
N PRO C 152 5.65 49.33 -34.98
CA PRO C 152 5.92 48.93 -33.60
C PRO C 152 6.73 47.64 -33.54
N GLU C 153 6.94 47.11 -32.34
CA GLU C 153 7.44 45.75 -32.17
C GLU C 153 6.35 44.78 -32.64
N PRO C 154 6.72 43.53 -32.97
CA PRO C 154 8.07 42.97 -32.95
C PRO C 154 8.74 43.04 -34.31
N VAL C 155 10.00 42.59 -34.34
CA VAL C 155 10.72 42.35 -35.59
C VAL C 155 11.38 40.98 -35.48
N THR C 156 11.42 40.26 -36.59
CA THR C 156 12.06 38.95 -36.59
C THR C 156 13.21 38.95 -37.58
N VAL C 157 14.39 38.60 -37.09
CA VAL C 157 15.61 38.61 -37.89
C VAL C 157 16.26 37.25 -37.91
N SER C 158 16.65 36.81 -39.11
CA SER C 158 17.40 35.57 -39.27
C SER C 158 18.48 35.70 -40.32
N TRP C 159 19.26 34.64 -40.50
CA TRP C 159 20.38 34.67 -41.43
C TRP C 159 20.29 33.58 -42.49
N ASN C 160 20.54 33.98 -43.74
CA ASN C 160 20.55 33.07 -44.88
C ASN C 160 19.34 32.16 -44.97
N SER C 161 18.16 32.76 -45.13
CA SER C 161 16.91 32.02 -45.30
C SER C 161 16.68 31.01 -44.16
N GLY C 162 17.08 31.40 -42.96
CA GLY C 162 16.85 30.59 -41.77
C GLY C 162 17.87 29.48 -41.55
N ALA C 163 18.77 29.29 -42.50
CA ALA C 163 19.74 28.18 -42.46
C ALA C 163 20.74 28.29 -41.31
N LEU C 164 21.44 29.42 -41.26
CA LEU C 164 22.43 29.67 -40.23
C LEU C 164 21.75 30.02 -38.91
N THR C 165 22.11 29.28 -37.86
CA THR C 165 21.57 29.46 -36.51
C THR C 165 22.68 29.60 -35.50
N SER C 166 23.57 28.60 -35.45
CA SER C 166 24.66 28.56 -34.48
C SER C 166 25.44 29.86 -34.41
N GLY C 167 25.62 30.36 -33.19
CA GLY C 167 26.40 31.55 -32.94
C GLY C 167 25.74 32.86 -33.32
N VAL C 168 24.41 32.85 -33.44
CA VAL C 168 23.69 34.06 -33.76
C VAL C 168 23.08 34.67 -32.50
N HIS C 169 23.38 35.95 -32.27
CA HIS C 169 22.77 36.65 -31.14
C HIS C 169 22.02 37.88 -31.62
N THR C 170 20.70 37.82 -31.52
CA THR C 170 19.84 38.95 -31.82
C THR C 170 19.51 39.66 -30.52
N PHE C 171 19.70 40.97 -30.51
CA PHE C 171 19.59 41.73 -29.28
C PHE C 171 18.19 42.26 -29.06
N PRO C 172 17.82 42.46 -27.78
CA PRO C 172 16.57 43.15 -27.51
C PRO C 172 16.55 44.52 -28.16
N ALA C 173 15.40 44.86 -28.75
CA ALA C 173 15.23 46.18 -29.27
C ALA C 173 15.34 47.18 -28.13
N VAL C 174 15.79 48.40 -28.45
CA VAL C 174 15.71 49.47 -27.48
C VAL C 174 14.89 50.58 -28.14
N LEU C 175 14.06 51.22 -27.33
CA LEU C 175 13.18 52.26 -27.81
C LEU C 175 13.94 53.59 -27.91
N GLN C 176 13.99 54.18 -29.09
CA GLN C 176 14.70 55.45 -29.26
C GLN C 176 13.89 56.57 -28.64
N SER C 177 14.57 57.62 -28.19
CA SER C 177 13.90 58.79 -27.65
C SER C 177 13.11 59.47 -28.76
N SER C 178 13.37 59.03 -29.98
CA SER C 178 12.56 59.36 -31.14
C SER C 178 11.19 58.71 -31.01
N GLY C 179 11.16 57.54 -30.37
CA GLY C 179 9.93 56.76 -30.24
C GLY C 179 9.89 55.54 -31.15
N LEU C 180 11.03 55.20 -31.74
CA LEU C 180 11.13 54.01 -32.59
C LEU C 180 12.09 52.99 -31.98
N TYR C 181 11.84 51.72 -32.26
CA TYR C 181 12.73 50.64 -31.84
C TYR C 181 13.87 50.42 -32.82
N SER C 182 15.01 49.93 -32.33
CA SER C 182 16.04 49.36 -33.19
C SER C 182 16.78 48.26 -32.45
N LEU C 183 17.13 47.18 -33.16
CA LEU C 183 17.94 46.13 -32.53
C LEU C 183 19.20 45.86 -33.33
N SER C 184 20.02 44.96 -32.80
CA SER C 184 21.28 44.61 -33.41
C SER C 184 21.42 43.10 -33.42
N SER C 185 21.54 42.54 -34.62
CA SER C 185 21.64 41.08 -34.77
C SER C 185 22.98 40.70 -35.34
N VAL C 186 23.78 40.02 -34.54
CA VAL C 186 25.12 39.63 -34.96
C VAL C 186 25.26 38.12 -35.02
N VAL C 187 26.09 37.67 -35.93
CA VAL C 187 26.54 36.29 -35.97
C VAL C 187 28.04 36.28 -36.12
N THR C 188 28.70 35.44 -35.34
CA THR C 188 30.12 35.21 -35.50
C THR C 188 30.33 34.03 -36.43
N VAL C 189 31.14 34.24 -37.48
CA VAL C 189 31.46 33.16 -38.39
C VAL C 189 32.95 32.91 -38.31
N PRO C 190 33.39 31.72 -38.75
CA PRO C 190 34.83 31.47 -38.85
C PRO C 190 35.49 32.63 -39.57
N SER C 191 36.67 33.04 -39.11
CA SER C 191 37.35 34.19 -39.69
C SER C 191 37.50 34.06 -41.21
N SER C 192 37.53 32.80 -41.66
CA SER C 192 37.70 32.48 -43.07
C SER C 192 36.40 32.04 -43.73
N SER C 193 35.85 32.95 -44.54
CA SER C 193 34.62 32.80 -45.34
C SER C 193 34.08 34.19 -45.65
N THR C 198 28.77 34.26 -48.79
CA THR C 198 27.68 35.23 -48.86
C THR C 198 26.78 35.10 -47.66
N TYR C 199 26.51 36.21 -46.98
CA TYR C 199 25.63 36.14 -45.83
C TYR C 199 24.39 37.00 -45.98
N ILE C 200 23.26 36.33 -46.14
CA ILE C 200 21.96 37.00 -46.17
C ILE C 200 21.47 37.19 -44.73
N CYS C 201 20.77 38.30 -44.51
CA CYS C 201 20.21 38.62 -43.19
C CYS C 201 18.72 38.90 -43.33
N ASN C 202 17.88 38.03 -42.75
CA ASN C 202 16.45 38.00 -43.06
C ASN C 202 15.58 38.73 -42.04
N VAL C 203 14.96 39.82 -42.47
CA VAL C 203 14.19 40.67 -41.58
C VAL C 203 12.71 40.72 -41.95
N ASN C 204 11.85 40.26 -41.05
CA ASN C 204 10.42 40.40 -41.26
C ASN C 204 9.83 41.41 -40.28
N HIS C 205 9.33 42.51 -40.82
CA HIS C 205 8.49 43.36 -40.02
C HIS C 205 7.10 43.17 -40.64
N LYS C 206 6.34 42.25 -40.05
CA LYS C 206 5.00 41.95 -40.50
C LYS C 206 4.06 43.11 -40.18
N PRO C 207 4.29 43.82 -39.04
CA PRO C 207 3.50 45.03 -38.80
C PRO C 207 3.38 46.04 -39.95
N SER C 208 4.46 46.47 -40.61
CA SER C 208 4.24 47.22 -41.85
C SER C 208 4.85 46.53 -43.05
N ASN C 209 4.08 45.64 -43.69
CA ASN C 209 4.48 44.88 -44.88
C ASN C 209 5.83 44.16 -44.80
N THR C 210 6.71 44.69 -43.95
CA THR C 210 8.07 44.91 -44.42
C THR C 210 8.84 43.64 -44.61
N LYS C 211 9.49 43.60 -45.77
CA LYS C 211 10.17 42.42 -46.24
C LYS C 211 11.62 42.73 -46.61
N VAL C 212 12.57 42.33 -45.77
CA VAL C 212 13.96 42.68 -46.08
C VAL C 212 14.95 41.55 -45.93
N ASP C 213 15.75 41.39 -46.97
CA ASP C 213 16.98 40.65 -46.92
C ASP C 213 18.09 41.63 -47.28
N LYS C 214 19.05 41.81 -46.38
CA LYS C 214 20.17 42.68 -46.73
C LYS C 214 21.46 41.91 -46.60
N LYS C 215 22.09 41.70 -47.74
CA LYS C 215 23.31 40.91 -47.79
C LYS C 215 24.46 41.77 -47.29
N VAL C 216 25.41 41.17 -46.59
CA VAL C 216 26.49 41.96 -46.00
C VAL C 216 27.77 41.86 -46.83
N ASP D 1 -10.76 36.49 -6.06
CA ASP D 1 -9.42 36.48 -6.65
C ASP D 1 -8.38 36.00 -5.65
N ILE D 2 -7.94 34.75 -5.79
CA ILE D 2 -6.93 34.19 -4.91
C ILE D 2 -5.55 34.66 -5.34
N GLN D 3 -4.77 35.20 -4.40
CA GLN D 3 -3.48 35.78 -4.76
C GLN D 3 -2.31 34.83 -4.50
N MET D 4 -1.68 34.41 -5.58
CA MET D 4 -0.50 33.56 -5.48
C MET D 4 0.72 34.46 -5.33
N THR D 5 1.58 34.13 -4.37
CA THR D 5 2.80 34.90 -4.17
C THR D 5 4.00 33.94 -4.15
N GLN D 6 4.98 34.20 -5.02
CA GLN D 6 6.10 33.28 -5.21
C GLN D 6 7.34 33.74 -4.46
N SER D 7 8.12 32.78 -3.95
CA SER D 7 9.42 33.11 -3.37
C SER D 7 10.51 32.15 -3.82
N PRO D 8 11.70 32.68 -4.10
CA PRO D 8 11.97 34.13 -4.18
C PRO D 8 11.44 34.70 -5.49
N SER D 9 11.65 35.99 -5.75
CA SER D 9 11.16 36.63 -6.97
C SER D 9 12.10 36.35 -8.14
N SER D 10 13.32 35.94 -7.79
CA SER D 10 14.27 35.41 -8.74
C SER D 10 15.49 34.95 -7.97
N LEU D 11 16.29 34.09 -8.60
CA LEU D 11 17.39 33.45 -7.90
C LEU D 11 18.50 33.05 -8.86
N SER D 12 19.67 32.90 -8.29
CA SER D 12 20.87 32.61 -9.04
C SER D 12 21.52 31.36 -8.46
N ALA D 13 21.68 30.34 -9.28
CA ALA D 13 22.30 29.10 -8.82
C ALA D 13 23.07 28.39 -9.91
N SER D 14 24.15 27.73 -9.51
CA SER D 14 25.03 26.99 -10.42
C SER D 14 24.40 25.71 -10.96
N VAL D 15 24.98 25.15 -12.00
CA VAL D 15 24.59 23.85 -12.50
C VAL D 15 24.74 22.78 -11.41
N GLY D 16 23.82 21.81 -11.37
CA GLY D 16 23.87 20.74 -10.39
C GLY D 16 23.13 21.08 -9.12
N ASP D 17 22.89 22.37 -8.93
CA ASP D 17 22.22 22.86 -7.73
C ASP D 17 20.77 22.43 -7.69
N ARG D 18 20.27 22.31 -6.47
CA ARG D 18 18.88 22.00 -6.23
C ARG D 18 18.16 23.31 -5.97
N VAL D 19 17.25 23.67 -6.85
CA VAL D 19 16.56 24.95 -6.74
C VAL D 19 15.11 24.77 -6.31
N THR D 20 14.70 25.49 -5.27
CA THR D 20 13.34 25.34 -4.78
C THR D 20 12.59 26.67 -4.69
N ILE D 21 11.56 26.77 -5.51
CA ILE D 21 10.67 27.91 -5.52
C ILE D 21 9.45 27.63 -4.65
N THR D 22 9.02 28.60 -3.85
CA THR D 22 7.79 28.43 -3.09
C THR D 22 6.70 29.32 -3.65
N CYS D 23 5.45 28.88 -3.58
CA CYS D 23 4.30 29.69 -3.96
C CYS D 23 3.27 29.68 -2.86
N LYS D 24 2.98 30.85 -2.30
CA LYS D 24 2.03 30.93 -1.19
C LYS D 24 0.62 31.20 -1.70
N ALA D 25 -0.24 30.22 -1.58
CA ALA D 25 -1.64 30.41 -1.95
C ALA D 25 -2.33 31.20 -0.85
N SER D 26 -2.88 32.36 -1.19
CA SER D 26 -3.50 33.23 -0.20
C SER D 26 -4.74 32.59 0.42
N GLN D 27 -5.28 31.56 -0.26
CA GLN D 27 -6.37 30.78 0.28
C GLN D 27 -6.13 29.31 -0.10
N ASN D 28 -6.78 28.37 0.60
CA ASN D 28 -6.55 26.96 0.30
C ASN D 28 -7.11 26.68 -1.08
N VAL D 29 -6.20 26.34 -1.99
CA VAL D 29 -6.54 25.97 -3.36
C VAL D 29 -6.49 24.44 -3.55
N GLY D 30 -6.19 23.72 -2.47
CA GLY D 30 -6.07 22.27 -2.53
C GLY D 30 -4.86 21.82 -3.35
N THR D 31 -5.04 20.83 -4.22
CA THR D 31 -3.97 20.37 -5.09
C THR D 31 -4.07 21.01 -6.48
N ASN D 32 -4.94 22.01 -6.62
CA ASN D 32 -5.35 22.57 -7.89
C ASN D 32 -4.35 23.62 -8.43
N VAL D 33 -3.13 23.61 -7.90
CA VAL D 33 -1.98 24.36 -8.43
C VAL D 33 -1.31 23.74 -9.69
N ALA D 34 -0.87 24.62 -10.60
CA ALA D 34 -0.10 24.26 -11.81
C ALA D 34 1.21 25.06 -11.93
N TRP D 35 2.20 24.52 -12.62
CA TRP D 35 3.52 25.15 -12.72
C TRP D 35 4.01 25.32 -14.17
N TYR D 36 4.31 26.55 -14.57
CA TYR D 36 4.72 26.80 -15.95
C TYR D 36 6.13 27.39 -16.06
N GLN D 37 6.82 27.03 -17.13
CA GLN D 37 8.15 27.55 -17.42
C GLN D 37 8.09 28.48 -18.61
N GLN D 38 8.67 29.67 -18.49
CA GLN D 38 8.69 30.58 -19.63
C GLN D 38 10.09 31.06 -19.94
N LYS D 39 10.62 30.63 -21.08
CA LYS D 39 11.87 31.17 -21.60
C LYS D 39 11.51 32.36 -22.47
N PRO D 40 12.21 33.49 -22.28
CA PRO D 40 11.82 34.79 -22.84
C PRO D 40 11.49 34.76 -24.33
N GLY D 41 10.37 35.38 -24.68
CA GLY D 41 9.92 35.46 -26.07
C GLY D 41 9.30 34.19 -26.61
N LYS D 42 9.29 33.15 -25.78
CA LYS D 42 8.63 31.91 -26.13
C LYS D 42 7.41 31.64 -25.25
N ALA D 43 6.41 30.97 -25.81
CA ALA D 43 5.18 30.72 -25.08
C ALA D 43 5.43 29.74 -23.94
N PRO D 44 4.88 30.03 -22.76
CA PRO D 44 5.06 29.25 -21.53
C PRO D 44 4.84 27.76 -21.73
N LYS D 45 5.68 26.94 -21.12
CA LYS D 45 5.51 25.50 -21.21
C LYS D 45 4.88 24.95 -19.94
N ALA D 46 3.98 23.99 -20.10
CA ALA D 46 3.33 23.36 -18.98
C ALA D 46 4.26 22.32 -18.38
N LEU D 47 4.65 22.53 -17.13
CA LEU D 47 5.52 21.62 -16.41
C LEU D 47 4.72 20.67 -15.56
N ILE D 48 4.01 21.23 -14.59
CA ILE D 48 3.26 20.46 -13.62
C ILE D 48 1.82 20.95 -13.44
N TYR D 49 0.90 20.00 -13.40
CA TYR D 49 -0.50 20.23 -13.12
C TYR D 49 -0.88 19.44 -11.87
N SER D 50 -1.90 19.88 -11.12
CA SER D 50 -2.32 19.21 -9.88
C SER D 50 -1.17 19.06 -8.88
N ALA D 51 -0.29 20.05 -8.91
CA ALA D 51 0.74 20.33 -7.91
C ALA D 51 1.86 19.30 -7.85
N SER D 52 1.57 18.02 -8.11
CA SER D 52 2.66 17.05 -8.25
C SER D 52 2.81 16.39 -9.63
N PHE D 53 1.87 16.62 -10.56
CA PHE D 53 1.79 15.77 -11.78
C PHE D 53 2.63 16.27 -12.94
N LEU D 54 3.42 15.36 -13.50
CA LEU D 54 4.37 15.70 -14.55
C LEU D 54 3.81 15.57 -15.97
N TYR D 55 3.75 16.69 -16.68
CA TYR D 55 3.37 16.65 -18.09
C TYR D 55 4.40 15.84 -18.84
N SER D 56 3.92 14.82 -19.55
CA SER D 56 4.79 13.89 -20.25
C SER D 56 5.73 14.63 -21.20
N GLY D 57 7.03 14.41 -21.04
CA GLY D 57 8.01 15.14 -21.82
C GLY D 57 8.66 16.27 -21.05
N VAL D 58 8.13 16.57 -19.87
CA VAL D 58 8.79 17.48 -18.94
C VAL D 58 9.87 16.67 -18.23
N PRO D 59 11.12 17.18 -18.22
CA PRO D 59 12.23 16.35 -17.71
C PRO D 59 12.10 16.02 -16.23
N TYR D 60 12.50 14.80 -15.85
CA TYR D 60 12.31 14.27 -14.49
C TYR D 60 12.90 15.13 -13.38
N ARG D 61 13.93 15.89 -13.71
CA ARG D 61 14.57 16.77 -12.73
C ARG D 61 13.57 17.79 -12.20
N PHE D 62 12.48 17.96 -12.94
CA PHE D 62 11.36 18.75 -12.44
C PHE D 62 10.39 17.93 -11.59
N SER D 63 10.19 18.36 -10.35
CA SER D 63 9.12 17.84 -9.49
C SER D 63 8.55 18.98 -8.66
N GLY D 64 7.23 19.07 -8.62
CA GLY D 64 6.56 20.00 -7.74
C GLY D 64 5.89 19.27 -6.60
N SER D 65 5.55 19.99 -5.54
CA SER D 65 4.74 19.45 -4.46
C SER D 65 4.16 20.55 -3.60
N GLY D 66 3.08 20.23 -2.91
CA GLY D 66 2.43 21.14 -1.99
C GLY D 66 0.95 20.86 -1.98
N SER D 67 0.24 21.56 -1.09
CA SER D 67 -1.21 21.44 -0.97
C SER D 67 -1.69 22.41 0.08
N GLY D 68 -2.97 22.72 0.08
CA GLY D 68 -3.46 23.78 0.92
C GLY D 68 -2.87 25.08 0.38
N THR D 69 -2.18 25.83 1.25
CA THR D 69 -1.65 27.14 0.87
C THR D 69 -0.17 27.21 0.49
N ASP D 70 0.58 26.12 0.65
CA ASP D 70 2.02 26.16 0.33
C ASP D 70 2.38 25.15 -0.74
N PHE D 71 2.99 25.63 -1.82
CA PHE D 71 3.39 24.75 -2.91
C PHE D 71 4.84 25.00 -3.30
N THR D 72 5.51 23.97 -3.80
CA THR D 72 6.91 24.09 -4.16
C THR D 72 7.21 23.36 -5.46
N LEU D 73 7.97 24.00 -6.35
CA LEU D 73 8.53 23.33 -7.53
C LEU D 73 10.01 23.14 -7.27
N THR D 74 10.53 21.96 -7.62
CA THR D 74 11.93 21.71 -7.38
C THR D 74 12.58 21.22 -8.68
N ILE D 75 13.61 21.94 -9.13
CA ILE D 75 14.54 21.43 -10.12
C ILE D 75 15.71 20.89 -9.31
N SER D 76 15.85 19.57 -9.29
CA SER D 76 16.79 18.91 -8.40
C SER D 76 18.25 19.11 -8.81
N SER D 77 18.54 18.89 -10.08
CA SER D 77 19.85 19.23 -10.59
C SER D 77 19.72 20.24 -11.73
N LEU D 78 20.13 21.47 -11.47
CA LEU D 78 19.85 22.58 -12.37
C LEU D 78 20.66 22.44 -13.64
N GLN D 79 20.01 22.65 -14.79
CA GLN D 79 20.74 22.59 -16.05
C GLN D 79 21.01 24.01 -16.55
N PRO D 80 21.81 24.15 -17.61
CA PRO D 80 21.99 25.50 -18.16
C PRO D 80 20.76 25.98 -18.91
N GLU D 81 20.01 25.02 -19.45
CA GLU D 81 18.88 25.33 -20.33
C GLU D 81 17.61 25.52 -19.53
N ASP D 82 17.72 25.37 -18.21
CA ASP D 82 16.59 25.48 -17.31
C ASP D 82 16.41 26.95 -16.94
N PHE D 83 17.19 27.79 -17.60
CA PHE D 83 17.00 29.24 -17.51
C PHE D 83 15.62 29.59 -18.07
N ALA D 84 14.82 30.23 -17.23
CA ALA D 84 13.47 30.66 -17.55
C ALA D 84 12.86 31.45 -16.40
N THR D 85 11.62 31.88 -16.57
CA THR D 85 10.83 32.42 -15.48
C THR D 85 9.77 31.39 -15.12
N TYR D 86 9.58 31.15 -13.82
CA TYR D 86 8.68 30.08 -13.40
C TYR D 86 7.43 30.60 -12.72
N TYR D 87 6.29 30.14 -13.22
CA TYR D 87 4.99 30.63 -12.76
C TYR D 87 4.17 29.55 -12.08
N CYS D 88 3.76 29.81 -10.83
CA CYS D 88 2.72 29.03 -10.19
C CYS D 88 1.35 29.58 -10.61
N GLN D 89 0.36 28.69 -10.72
CA GLN D 89 -1.01 29.10 -11.05
C GLN D 89 -1.98 28.32 -10.19
N GLN D 90 -3.04 28.97 -9.71
CA GLN D 90 -4.11 28.23 -9.05
C GLN D 90 -5.32 28.08 -10.00
N TYR D 91 -5.71 26.84 -10.29
CA TYR D 91 -6.96 26.63 -11.03
C TYR D 91 -8.17 26.21 -10.15
N ASN D 92 -8.04 26.26 -8.82
CA ASN D 92 -9.13 25.93 -7.87
C ASN D 92 -10.50 26.59 -8.11
N ILE D 93 -10.51 27.92 -8.19
CA ILE D 93 -11.75 28.69 -8.31
C ILE D 93 -11.53 29.66 -9.46
N TYR D 94 -12.59 30.10 -10.12
CA TYR D 94 -12.43 31.21 -11.04
C TYR D 94 -12.44 32.50 -10.23
N PRO D 95 -11.66 33.50 -10.66
CA PRO D 95 -10.78 33.48 -11.83
C PRO D 95 -9.46 32.77 -11.56
N LEU D 96 -8.82 32.26 -12.60
CA LEU D 96 -7.52 31.65 -12.46
C LEU D 96 -6.52 32.76 -12.18
N THR D 97 -5.54 32.46 -11.32
CA THR D 97 -4.54 33.46 -10.98
C THR D 97 -3.15 32.86 -10.98
N PHE D 98 -2.17 33.74 -11.17
CA PHE D 98 -0.79 33.36 -11.38
C PHE D 98 0.08 33.95 -10.30
N GLY D 99 1.30 33.45 -10.19
CA GLY D 99 2.30 34.13 -9.40
C GLY D 99 2.91 35.26 -10.21
N GLN D 100 3.85 35.99 -9.59
CA GLN D 100 4.54 37.07 -10.25
C GLN D 100 5.77 36.54 -10.97
N GLY D 101 5.92 35.22 -10.94
CA GLY D 101 6.99 34.54 -11.62
C GLY D 101 8.30 34.59 -10.86
N THR D 102 9.25 33.75 -11.27
CA THR D 102 10.55 33.72 -10.65
C THR D 102 11.62 33.53 -11.71
N LYS D 103 12.59 34.44 -11.75
CA LYS D 103 13.63 34.34 -12.76
C LYS D 103 14.79 33.49 -12.23
N VAL D 104 15.06 32.38 -12.92
CA VAL D 104 16.17 31.52 -12.52
C VAL D 104 17.37 31.80 -13.40
N GLU D 105 18.39 32.43 -12.82
CA GLU D 105 19.62 32.71 -13.55
C GLU D 105 20.65 31.64 -13.25
N ILE D 106 21.35 31.18 -14.28
CA ILE D 106 22.38 30.17 -14.07
C ILE D 106 23.65 30.84 -13.55
N LYS D 107 24.31 30.19 -12.61
CA LYS D 107 25.57 30.66 -12.08
C LYS D 107 26.71 29.78 -12.57
N ARG D 108 27.72 30.38 -13.17
CA ARG D 108 28.79 29.58 -13.73
C ARG D 108 30.15 30.21 -13.53
N THR D 109 31.14 29.63 -14.20
CA THR D 109 32.48 30.20 -14.24
C THR D 109 32.43 31.58 -14.88
N VAL D 110 33.31 32.46 -14.43
CA VAL D 110 33.39 33.81 -14.98
C VAL D 110 33.91 33.71 -16.43
N ALA D 111 33.60 34.70 -17.27
CA ALA D 111 34.02 34.64 -18.68
C ALA D 111 34.42 36.01 -19.23
N ALA D 112 35.19 36.00 -20.31
CA ALA D 112 35.73 37.22 -20.92
C ALA D 112 34.93 37.67 -22.13
N PRO D 113 34.53 38.97 -22.14
CA PRO D 113 33.74 39.64 -23.18
C PRO D 113 34.54 39.92 -24.45
N SER D 114 34.57 38.98 -25.39
CA SER D 114 35.21 39.27 -26.67
C SER D 114 34.57 40.51 -27.27
N VAL D 115 35.40 41.53 -27.50
CA VAL D 115 34.88 42.85 -27.84
C VAL D 115 35.17 43.23 -29.28
N PHE D 116 34.10 43.46 -30.01
CA PHE D 116 34.22 43.86 -31.39
C PHE D 116 33.75 45.31 -31.49
N ILE D 117 33.85 45.89 -32.67
CA ILE D 117 33.44 47.26 -32.91
C ILE D 117 33.04 47.35 -34.37
N PHE D 118 32.04 48.17 -34.68
CA PHE D 118 31.60 48.31 -36.06
C PHE D 118 31.48 49.78 -36.50
N PRO D 119 31.96 50.07 -37.72
CA PRO D 119 31.86 51.38 -38.38
C PRO D 119 30.53 51.57 -39.06
N PRO D 120 30.04 52.82 -39.14
CA PRO D 120 28.82 53.12 -39.89
C PRO D 120 28.93 52.68 -41.33
N SER D 121 27.93 51.93 -41.79
CA SER D 121 27.85 51.53 -43.17
C SER D 121 27.55 52.77 -44.01
N ASP D 122 28.34 52.99 -45.05
CA ASP D 122 28.21 54.17 -45.91
C ASP D 122 26.78 54.38 -46.37
N GLU D 123 26.06 53.27 -46.56
CA GLU D 123 24.65 53.27 -46.92
C GLU D 123 23.77 53.94 -45.88
N GLN D 124 24.19 53.88 -44.61
CA GLN D 124 23.40 54.48 -43.54
C GLN D 124 23.66 55.98 -43.47
N LEU D 125 24.87 56.37 -43.86
CA LEU D 125 25.28 57.77 -43.94
C LEU D 125 24.64 58.45 -45.14
N LYS D 126 23.85 57.69 -45.89
CA LYS D 126 23.10 58.25 -47.01
C LYS D 126 22.26 59.47 -46.58
N SER D 127 21.95 59.54 -45.28
CA SER D 127 21.57 60.82 -44.67
C SER D 127 21.81 60.84 -43.16
N GLY D 128 22.11 62.03 -42.61
CA GLY D 128 21.89 62.26 -41.20
C GLY D 128 22.64 61.29 -40.32
N THR D 129 21.82 60.47 -39.70
CA THR D 129 22.22 59.47 -38.72
C THR D 129 23.44 58.63 -39.07
N ALA D 130 24.34 58.48 -38.09
CA ALA D 130 25.50 57.60 -38.19
C ALA D 130 25.65 56.80 -36.90
N SER D 131 25.60 55.47 -36.99
CA SER D 131 25.57 54.62 -35.79
C SER D 131 26.85 53.81 -35.63
N VAL D 132 27.39 53.75 -34.41
CA VAL D 132 28.61 52.97 -34.17
C VAL D 132 28.39 51.89 -33.09
N VAL D 133 28.42 50.62 -33.49
CA VAL D 133 28.07 49.52 -32.60
C VAL D 133 29.30 48.92 -31.92
N CYS D 134 29.25 48.82 -30.60
CA CYS D 134 30.30 48.13 -29.85
C CYS D 134 29.72 46.90 -29.17
N LEU D 135 30.06 45.72 -29.69
CA LEU D 135 29.48 44.48 -29.20
C LEU D 135 30.45 43.72 -28.30
N LEU D 136 29.91 43.27 -27.17
CA LEU D 136 30.66 42.57 -26.15
C LEU D 136 30.13 41.14 -26.12
N ASN D 137 30.91 40.16 -26.56
CA ASN D 137 30.35 38.84 -26.86
C ASN D 137 30.61 37.74 -25.82
N ASN D 138 29.55 36.96 -25.57
CA ASN D 138 29.60 35.74 -24.77
C ASN D 138 30.43 35.84 -23.50
N PHE D 139 29.98 36.70 -22.59
CA PHE D 139 30.67 36.94 -21.33
C PHE D 139 29.77 36.64 -20.14
N TYR D 140 30.31 36.85 -18.95
CA TYR D 140 29.63 36.53 -17.71
C TYR D 140 30.54 37.00 -16.57
N PRO D 141 29.95 37.53 -15.49
CA PRO D 141 28.54 37.61 -15.09
C PRO D 141 27.76 38.78 -15.66
N ARG D 142 26.45 38.81 -15.42
CA ARG D 142 25.73 40.03 -15.08
C ARG D 142 26.21 41.25 -15.87
N GLU D 143 26.72 42.24 -15.13
CA GLU D 143 27.05 43.54 -15.68
C GLU D 143 28.40 43.72 -16.37
N ALA D 144 28.51 44.90 -16.98
CA ALA D 144 29.75 45.47 -17.45
C ALA D 144 29.49 46.96 -17.66
N LYS D 145 30.54 47.76 -17.75
CA LYS D 145 30.39 49.16 -18.10
C LYS D 145 31.17 49.42 -19.37
N VAL D 146 30.58 50.17 -20.30
CA VAL D 146 31.18 50.40 -21.61
C VAL D 146 31.48 51.88 -21.86
N LEU D 154 34.82 61.47 -23.68
CA LEU D 154 33.68 60.72 -23.16
C LEU D 154 32.36 61.35 -23.60
N GLN D 155 31.93 61.06 -24.83
CA GLN D 155 30.62 61.49 -25.31
C GLN D 155 29.51 60.81 -24.51
N SER D 156 28.52 61.57 -24.04
CA SER D 156 27.46 60.96 -23.25
C SER D 156 26.07 61.55 -23.56
N GLY D 157 25.06 60.69 -23.65
CA GLY D 157 23.72 61.13 -23.97
C GLY D 157 23.16 60.73 -25.32
N ASN D 158 23.99 60.28 -26.27
CA ASN D 158 23.45 59.71 -27.51
C ASN D 158 23.45 58.18 -27.53
N SER D 159 24.02 57.58 -26.50
CA SER D 159 24.29 56.14 -26.50
C SER D 159 23.19 55.33 -25.85
N GLN D 160 22.92 54.17 -26.41
CA GLN D 160 21.98 53.23 -25.82
C GLN D 160 22.58 51.84 -25.88
N GLU D 161 22.26 50.99 -24.91
CA GLU D 161 22.74 49.61 -24.95
C GLU D 161 21.60 48.60 -24.82
N SER D 162 21.87 47.37 -25.26
CA SER D 162 20.93 46.26 -25.10
C SER D 162 21.67 44.98 -24.77
N VAL D 163 21.23 44.27 -23.73
CA VAL D 163 21.83 42.99 -23.33
C VAL D 163 20.96 41.79 -23.72
N THR D 164 21.57 40.70 -24.17
CA THR D 164 20.78 39.55 -24.59
C THR D 164 20.35 38.75 -23.38
N GLU D 165 19.54 37.71 -23.61
CA GLU D 165 19.11 36.82 -22.54
C GLU D 165 20.28 35.90 -22.20
N GLN D 166 20.37 35.50 -20.93
CA GLN D 166 21.40 34.55 -20.53
C GLN D 166 21.28 33.31 -21.41
N ASP D 167 22.38 32.93 -22.04
CA ASP D 167 22.33 31.99 -23.16
C ASP D 167 21.84 30.61 -22.75
N SER D 168 21.24 29.92 -23.71
CA SER D 168 20.64 28.62 -23.49
C SER D 168 21.63 27.58 -22.99
N LYS D 169 22.86 27.64 -23.49
CA LYS D 169 23.85 26.60 -23.23
C LYS D 169 25.10 27.09 -22.48
N ASP D 170 25.86 28.01 -23.07
CA ASP D 170 27.07 28.50 -22.41
C ASP D 170 26.80 29.55 -21.31
N SER D 171 25.53 29.89 -21.08
CA SER D 171 25.14 30.77 -19.96
C SER D 171 25.83 32.13 -19.98
N THR D 172 25.82 32.80 -21.13
CA THR D 172 26.54 34.05 -21.30
C THR D 172 25.68 35.21 -21.82
N TYR D 173 25.89 36.39 -21.23
CA TYR D 173 25.28 37.62 -21.72
C TYR D 173 26.06 38.15 -22.92
N SER D 174 25.41 38.92 -23.79
CA SER D 174 26.14 39.66 -24.83
C SER D 174 25.57 41.06 -25.00
N LEU D 175 26.42 42.08 -24.89
CA LEU D 175 25.95 43.47 -24.94
C LEU D 175 26.38 44.15 -26.24
N SER D 176 25.52 45.05 -26.72
CA SER D 176 25.85 45.91 -27.86
C SER D 176 25.53 47.34 -27.49
N SER D 177 26.51 48.23 -27.59
CA SER D 177 26.22 49.63 -27.37
C SER D 177 26.13 50.34 -28.70
N THR D 178 24.92 50.70 -29.11
CA THR D 178 24.73 51.42 -30.36
C THR D 178 24.92 52.91 -30.08
N LEU D 179 25.97 53.46 -30.68
CA LEU D 179 26.47 54.80 -30.38
C LEU D 179 26.23 55.71 -31.59
N THR D 180 25.27 56.63 -31.51
CA THR D 180 24.76 57.25 -32.75
C THR D 180 24.91 58.77 -32.86
N LEU D 181 24.98 59.26 -34.10
CA LEU D 181 25.41 60.65 -34.33
C LEU D 181 24.95 61.35 -35.59
N SER D 182 25.10 62.67 -35.58
CA SER D 182 24.95 63.51 -36.76
C SER D 182 26.21 63.44 -37.62
N LYS D 183 26.02 63.55 -38.93
CA LYS D 183 27.11 63.49 -39.92
C LYS D 183 28.27 64.41 -39.58
N ALA D 184 27.99 65.71 -39.60
CA ALA D 184 28.99 66.71 -39.33
C ALA D 184 29.60 66.54 -37.95
N ASP D 185 28.94 65.79 -37.07
CA ASP D 185 29.46 65.51 -35.73
C ASP D 185 30.43 64.32 -35.72
N TYR D 186 30.49 63.61 -36.84
CA TYR D 186 31.11 62.30 -36.92
C TYR D 186 32.62 62.37 -37.19
N GLU D 187 33.02 62.73 -38.40
CA GLU D 187 34.43 62.87 -38.71
C GLU D 187 34.97 64.18 -38.15
N LYS D 188 34.07 64.96 -37.56
CA LYS D 188 34.43 66.13 -36.78
C LYS D 188 35.42 65.81 -35.67
N HIS D 189 35.40 64.54 -35.26
CA HIS D 189 36.18 64.09 -34.12
C HIS D 189 37.05 62.88 -34.47
N LYS D 190 37.89 62.48 -33.50
CA LYS D 190 39.09 61.70 -33.80
C LYS D 190 38.89 60.34 -34.49
N VAL D 191 38.51 59.35 -33.68
CA VAL D 191 38.36 57.93 -34.00
C VAL D 191 37.65 57.37 -32.74
N TYR D 192 37.54 56.05 -32.65
CA TYR D 192 36.53 55.35 -31.85
C TYR D 192 36.83 55.01 -30.39
N ALA D 193 36.06 55.57 -29.47
CA ALA D 193 36.21 55.22 -28.06
C ALA D 193 34.99 54.52 -27.47
N CYS D 194 35.12 53.22 -27.24
CA CYS D 194 34.18 52.47 -26.42
C CYS D 194 34.96 51.55 -25.48
N GLU D 195 34.85 51.79 -24.19
CA GLU D 195 35.76 51.16 -23.24
C GLU D 195 35.06 50.24 -22.27
N VAL D 196 35.47 48.98 -22.31
CA VAL D 196 34.83 47.93 -21.55
C VAL D 196 35.52 47.68 -20.22
N THR D 197 34.84 48.01 -19.13
CA THR D 197 35.43 47.68 -17.82
C THR D 197 34.59 46.60 -17.18
N HIS D 198 35.14 45.40 -17.22
CA HIS D 198 34.41 44.22 -16.85
C HIS D 198 35.18 43.44 -15.81
N GLN D 199 34.48 42.58 -15.09
CA GLN D 199 35.07 41.78 -14.06
C GLN D 199 36.22 40.94 -14.60
N GLY D 200 35.97 40.31 -15.75
CA GLY D 200 36.76 39.19 -16.22
C GLY D 200 38.04 39.57 -16.91
N LEU D 201 38.47 40.79 -16.68
CA LEU D 201 39.65 41.33 -17.34
C LEU D 201 40.79 41.62 -16.38
N SER D 202 42.00 41.66 -16.94
CA SER D 202 43.14 42.27 -16.27
C SER D 202 42.77 43.70 -15.91
N SER D 203 42.38 44.47 -16.92
CA SER D 203 41.87 45.82 -16.71
C SER D 203 41.03 46.26 -17.91
N PRO D 204 40.39 47.46 -17.84
CA PRO D 204 39.54 47.97 -18.93
C PRO D 204 40.14 47.88 -20.33
N VAL D 205 39.27 47.48 -21.26
CA VAL D 205 39.65 47.13 -22.62
C VAL D 205 38.88 47.99 -23.63
N THR D 206 39.57 48.42 -24.69
CA THR D 206 38.99 49.32 -25.68
C THR D 206 39.27 48.85 -27.11
N LYS D 207 38.31 49.09 -27.99
CA LYS D 207 38.48 48.80 -29.41
C LYS D 207 38.14 50.05 -30.23
N SER D 208 38.90 50.29 -31.29
CA SER D 208 38.72 51.50 -32.10
C SER D 208 38.75 51.19 -33.59
N GLU E 1 0.79 -38.38 -5.15
CA GLU E 1 1.70 -37.49 -5.86
C GLU E 1 1.55 -37.51 -7.39
N VAL E 2 1.89 -36.40 -8.03
CA VAL E 2 2.20 -36.40 -9.45
C VAL E 2 3.33 -37.38 -9.72
N GLN E 3 3.18 -38.22 -10.74
CA GLN E 3 4.21 -39.19 -11.08
C GLN E 3 4.53 -39.21 -12.56
N LEU E 4 5.77 -38.90 -12.91
CA LEU E 4 6.20 -39.10 -14.28
C LEU E 4 7.23 -40.22 -14.29
N VAL E 5 6.82 -41.38 -14.78
CA VAL E 5 7.70 -42.53 -14.82
C VAL E 5 8.20 -42.78 -16.24
N GLU E 6 9.49 -42.56 -16.44
CA GLU E 6 10.08 -42.84 -17.73
C GLU E 6 10.37 -44.32 -17.84
N SER E 7 10.34 -44.82 -19.07
CA SER E 7 10.41 -46.25 -19.25
C SER E 7 11.23 -46.63 -20.48
N GLY E 8 11.82 -47.82 -20.42
CA GLY E 8 12.40 -48.46 -21.57
C GLY E 8 13.55 -47.74 -22.25
N GLY E 9 14.54 -47.33 -21.48
CA GLY E 9 15.79 -46.89 -22.05
C GLY E 9 16.75 -48.06 -22.00
N GLY E 10 18.00 -47.83 -22.39
CA GLY E 10 19.01 -48.88 -22.32
C GLY E 10 20.14 -48.72 -23.32
N LEU E 11 20.78 -49.84 -23.64
CA LEU E 11 21.84 -49.86 -24.63
C LEU E 11 21.23 -49.93 -26.02
N VAL E 12 21.72 -49.11 -26.95
CA VAL E 12 21.28 -49.23 -28.33
C VAL E 12 22.49 -48.94 -29.22
N GLN E 13 22.66 -49.71 -30.28
CA GLN E 13 23.84 -49.60 -31.15
C GLN E 13 23.69 -48.42 -32.08
N PRO E 14 24.81 -47.81 -32.52
CA PRO E 14 24.71 -46.53 -33.24
C PRO E 14 23.88 -46.60 -34.52
N GLY E 15 23.05 -45.59 -34.76
CA GLY E 15 22.20 -45.56 -35.94
C GLY E 15 20.86 -46.20 -35.66
N GLY E 16 20.75 -46.83 -34.49
CA GLY E 16 19.55 -47.53 -34.07
C GLY E 16 18.45 -46.61 -33.57
N SER E 17 17.33 -47.20 -33.13
CA SER E 17 16.19 -46.43 -32.69
C SER E 17 15.70 -46.85 -31.31
N LEU E 18 15.12 -45.90 -30.58
CA LEU E 18 14.48 -46.21 -29.30
C LEU E 18 13.20 -45.41 -29.06
N ARG E 19 12.20 -46.12 -28.56
CA ARG E 19 10.98 -45.50 -28.06
C ARG E 19 11.13 -45.32 -26.55
N LEU E 20 11.24 -44.08 -26.11
CA LEU E 20 11.24 -43.75 -24.69
C LEU E 20 9.83 -43.32 -24.30
N SER E 21 9.37 -43.69 -23.11
CA SER E 21 8.00 -43.42 -22.72
C SER E 21 7.90 -42.84 -21.32
N CYS E 22 7.02 -41.87 -21.17
CA CYS E 22 6.84 -41.15 -19.92
C CYS E 22 5.42 -41.32 -19.41
N ALA E 23 5.26 -42.02 -18.29
CA ALA E 23 3.93 -42.42 -17.86
C ALA E 23 3.41 -41.58 -16.70
N ALA E 24 2.39 -40.77 -16.99
CA ALA E 24 1.92 -39.74 -16.08
C ALA E 24 0.72 -40.17 -15.26
N SER E 25 0.85 -40.08 -13.93
CA SER E 25 -0.26 -40.39 -13.05
C SER E 25 -0.54 -39.20 -12.14
N GLY E 26 -1.74 -39.20 -11.55
CA GLY E 26 -2.08 -38.20 -10.56
C GLY E 26 -2.29 -36.78 -11.06
N TYR E 27 -2.95 -36.65 -12.21
CA TYR E 27 -3.49 -35.38 -12.71
C TYR E 27 -4.16 -35.60 -14.07
N VAL E 28 -4.79 -34.56 -14.58
CA VAL E 28 -5.29 -34.58 -15.94
C VAL E 28 -4.09 -34.38 -16.85
N PHE E 29 -3.83 -35.39 -17.68
CA PHE E 29 -2.62 -35.46 -18.47
C PHE E 29 -2.66 -34.41 -19.56
N THR E 30 -3.88 -34.11 -19.97
CA THR E 30 -4.16 -33.20 -21.06
C THR E 30 -4.16 -31.76 -20.55
N ASP E 31 -4.24 -31.61 -19.24
CA ASP E 31 -4.18 -30.30 -18.60
C ASP E 31 -2.81 -29.66 -18.80
N TYR E 32 -1.80 -30.50 -18.89
CA TYR E 32 -0.42 -30.08 -18.80
C TYR E 32 0.35 -30.50 -20.05
N GLY E 33 1.19 -29.60 -20.58
CA GLY E 33 2.06 -29.93 -21.68
C GLY E 33 3.19 -30.82 -21.19
N MET E 34 4.13 -31.14 -22.08
CA MET E 34 5.25 -31.96 -21.69
C MET E 34 6.53 -31.50 -22.34
N ASN E 35 7.60 -31.43 -21.56
CA ASN E 35 8.93 -31.11 -22.06
C ASN E 35 9.79 -32.35 -22.09
N TRP E 36 10.70 -32.41 -23.04
CA TRP E 36 11.68 -33.48 -23.02
C TRP E 36 13.08 -32.89 -22.82
N VAL E 37 13.79 -33.39 -21.81
CA VAL E 37 15.08 -32.85 -21.42
C VAL E 37 16.15 -33.95 -21.37
N ARG E 38 17.35 -33.66 -21.87
CA ARG E 38 18.43 -34.63 -21.78
C ARG E 38 19.66 -34.03 -21.15
N GLN E 39 20.47 -34.90 -20.56
CA GLN E 39 21.66 -34.48 -19.86
C GLN E 39 22.80 -35.47 -20.12
N ALA E 40 23.94 -34.98 -20.60
CA ALA E 40 25.04 -35.89 -20.82
C ALA E 40 25.65 -36.19 -19.47
N PRO E 41 26.24 -37.40 -19.31
CA PRO E 41 26.74 -37.71 -17.97
C PRO E 41 27.72 -36.66 -17.43
N GLY E 42 27.37 -36.11 -16.27
CA GLY E 42 28.08 -34.97 -15.72
C GLY E 42 28.15 -33.73 -16.61
N LYS E 43 27.12 -33.43 -17.38
CA LYS E 43 27.07 -32.13 -18.06
C LYS E 43 25.86 -31.29 -17.60
N GLY E 44 25.66 -30.14 -18.25
CA GLY E 44 24.50 -29.30 -17.97
C GLY E 44 23.23 -29.90 -18.53
N LEU E 45 22.13 -29.14 -18.50
CA LEU E 45 20.85 -29.65 -19.00
C LEU E 45 20.51 -29.10 -20.37
N GLU E 46 20.38 -29.99 -21.35
CA GLU E 46 19.91 -29.57 -22.65
C GLU E 46 18.41 -29.74 -22.77
N TRP E 47 17.73 -28.66 -23.17
CA TRP E 47 16.30 -28.73 -23.43
C TRP E 47 16.07 -29.08 -24.89
N MET E 48 15.49 -30.24 -25.14
CA MET E 48 15.24 -30.69 -26.50
C MET E 48 13.94 -30.13 -27.10
N GLY E 49 12.86 -30.15 -26.32
CA GLY E 49 11.55 -29.80 -26.85
C GLY E 49 10.38 -29.76 -25.89
N TRP E 50 9.21 -29.44 -26.43
CA TRP E 50 7.97 -29.43 -25.68
C TRP E 50 6.86 -29.95 -26.59
N ILE E 51 5.83 -30.54 -25.99
CA ILE E 51 4.69 -30.98 -26.76
C ILE E 51 3.39 -30.60 -26.06
N ASN E 52 2.46 -30.03 -26.83
CA ASN E 52 1.15 -29.69 -26.32
C ASN E 52 0.33 -30.96 -26.24
N THR E 53 -0.05 -31.37 -25.03
CA THR E 53 -0.63 -32.69 -24.84
C THR E 53 -2.09 -32.74 -25.22
N TYR E 54 -2.71 -31.56 -25.27
CA TYR E 54 -4.14 -31.42 -25.52
C TYR E 54 -4.50 -31.69 -26.98
N ILE E 55 -3.78 -30.99 -27.87
CA ILE E 55 -3.92 -31.11 -29.33
C ILE E 55 -2.90 -32.15 -29.82
N GLY E 56 -1.65 -31.95 -29.43
CA GLY E 56 -0.58 -32.85 -29.82
C GLY E 56 0.46 -32.30 -30.76
N GLU E 57 0.49 -30.98 -30.96
CA GLU E 57 1.54 -30.36 -31.78
C GLU E 57 2.83 -30.22 -30.97
N PRO E 58 3.90 -30.90 -31.41
CA PRO E 58 5.20 -30.82 -30.75
C PRO E 58 5.98 -29.56 -31.14
N ILE E 59 6.95 -29.19 -30.31
CA ILE E 59 7.88 -28.13 -30.69
C ILE E 59 9.30 -28.68 -30.50
N TYR E 60 10.21 -28.31 -31.39
CA TYR E 60 11.58 -28.79 -31.30
C TYR E 60 12.58 -27.63 -31.32
N ALA E 61 13.69 -27.81 -30.60
CA ALA E 61 14.87 -26.95 -30.70
C ALA E 61 15.68 -27.40 -31.91
N ASP E 62 16.35 -26.47 -32.60
CA ASP E 62 16.83 -26.69 -33.97
C ASP E 62 17.50 -28.05 -34.18
N SER E 63 18.42 -28.40 -33.29
CA SER E 63 19.30 -29.55 -33.49
C SER E 63 18.64 -30.91 -33.20
N VAL E 64 17.50 -30.93 -32.55
CA VAL E 64 16.80 -32.21 -32.37
C VAL E 64 15.67 -32.47 -33.36
N LYS E 65 15.34 -31.50 -34.21
CA LYS E 65 14.15 -31.67 -35.04
C LYS E 65 14.33 -32.78 -36.07
N GLY E 66 13.37 -33.70 -36.10
CA GLY E 66 13.31 -34.75 -37.08
C GLY E 66 14.08 -36.01 -36.70
N ARG E 67 15.04 -35.86 -35.81
CA ARG E 67 15.77 -37.01 -35.31
C ARG E 67 14.94 -37.65 -34.21
N PHE E 68 14.82 -36.97 -33.09
CA PHE E 68 13.87 -37.37 -32.06
C PHE E 68 12.47 -36.94 -32.47
N THR E 69 11.46 -37.68 -32.03
CA THR E 69 10.07 -37.36 -32.30
C THR E 69 9.22 -37.46 -31.04
N PHE E 70 8.57 -36.37 -30.63
CA PHE E 70 7.59 -36.46 -29.55
C PHE E 70 6.23 -36.84 -30.13
N SER E 71 5.58 -37.79 -29.48
CA SER E 71 4.24 -38.23 -29.89
C SER E 71 3.50 -38.65 -28.62
N LEU E 72 2.17 -38.64 -28.65
CA LEU E 72 1.45 -38.96 -27.43
C LEU E 72 0.67 -40.26 -27.52
N ASP E 73 0.15 -40.68 -26.38
CA ASP E 73 -1.00 -41.55 -26.29
C ASP E 73 -1.82 -40.98 -25.15
N THR E 74 -2.98 -40.40 -25.45
CA THR E 74 -3.80 -39.77 -24.41
C THR E 74 -4.65 -40.82 -23.69
N SER E 75 -4.93 -41.91 -24.40
CA SER E 75 -5.65 -43.05 -23.84
C SER E 75 -5.09 -43.47 -22.49
N LYS E 76 -3.83 -43.91 -22.51
CA LYS E 76 -3.16 -44.46 -21.35
C LYS E 76 -2.38 -43.41 -20.58
N SER E 77 -2.55 -42.15 -20.98
CA SER E 77 -1.95 -41.03 -20.27
C SER E 77 -0.43 -41.09 -20.28
N THR E 78 0.17 -40.96 -21.45
CA THR E 78 1.58 -41.25 -21.65
C THR E 78 2.13 -40.38 -22.78
N ALA E 79 3.42 -40.09 -22.75
CA ALA E 79 4.08 -39.30 -23.79
C ALA E 79 5.37 -39.97 -24.23
N TYR E 80 5.71 -39.83 -25.51
CA TYR E 80 6.78 -40.64 -26.09
C TYR E 80 7.91 -39.84 -26.71
N LEU E 81 9.13 -40.25 -26.42
CA LEU E 81 10.26 -39.77 -27.20
C LEU E 81 10.73 -40.91 -28.08
N GLN E 82 10.45 -40.81 -29.37
CA GLN E 82 11.06 -41.73 -30.31
C GLN E 82 12.37 -41.10 -30.74
N MET E 83 13.48 -41.72 -30.40
CA MET E 83 14.76 -41.30 -30.94
C MET E 83 15.11 -42.20 -32.11
N ASN E 84 15.35 -41.61 -33.27
CA ASN E 84 15.68 -42.41 -34.43
C ASN E 84 17.08 -42.07 -34.94
N SER E 85 17.82 -43.08 -35.37
CA SER E 85 19.17 -42.89 -35.90
C SER E 85 20.11 -42.19 -34.92
N LEU E 86 20.57 -42.89 -33.90
CA LEU E 86 21.36 -42.21 -32.87
C LEU E 86 22.85 -42.06 -33.15
N ARG E 87 23.50 -41.32 -32.26
CA ARG E 87 24.89 -40.91 -32.38
C ARG E 87 25.58 -41.10 -31.03
N ALA E 88 26.88 -41.36 -31.03
CA ALA E 88 27.62 -41.45 -29.77
C ALA E 88 27.43 -40.17 -28.96
N GLU E 89 27.51 -39.03 -29.64
CA GLU E 89 27.29 -37.74 -29.00
C GLU E 89 25.89 -37.61 -28.40
N ASP E 90 24.97 -38.49 -28.78
CA ASP E 90 23.60 -38.48 -28.25
C ASP E 90 23.41 -39.32 -26.99
N THR E 91 24.41 -40.14 -26.66
CA THR E 91 24.39 -40.96 -25.45
C THR E 91 24.21 -40.09 -24.20
N ALA E 92 23.17 -40.37 -23.41
CA ALA E 92 22.82 -39.48 -22.31
C ALA E 92 21.67 -39.98 -21.43
N VAL E 93 21.45 -39.25 -20.35
CA VAL E 93 20.29 -39.41 -19.49
C VAL E 93 19.17 -38.53 -20.03
N TYR E 94 17.96 -39.07 -20.12
CA TYR E 94 16.86 -38.37 -20.78
C TYR E 94 15.68 -38.14 -19.85
N TYR E 95 15.20 -36.90 -19.80
CA TYR E 95 14.11 -36.54 -18.90
C TYR E 95 12.87 -36.05 -19.63
N CYS E 96 11.70 -36.35 -19.07
CA CYS E 96 10.47 -35.68 -19.48
C CYS E 96 10.01 -34.82 -18.30
N ALA E 97 9.66 -33.57 -18.59
CA ALA E 97 9.29 -32.66 -17.51
C ALA E 97 7.98 -31.93 -17.78
N ARG E 98 7.00 -32.17 -16.92
CA ARG E 98 5.69 -31.55 -17.04
C ARG E 98 5.82 -30.03 -17.05
N GLY E 99 5.00 -29.36 -17.86
CA GLY E 99 5.03 -27.92 -17.89
C GLY E 99 4.26 -27.29 -19.03
N TYR E 100 4.13 -25.97 -18.95
CA TYR E 100 3.37 -25.21 -19.94
C TYR E 100 4.26 -24.77 -21.08
N ARG E 101 3.66 -24.14 -22.07
CA ARG E 101 4.42 -23.68 -23.21
C ARG E 101 5.29 -22.48 -22.81
N SER E 102 6.60 -22.58 -23.05
CA SER E 102 7.58 -21.60 -22.61
C SER E 102 7.44 -21.33 -21.11
N TYR E 103 7.72 -22.35 -20.28
CA TYR E 103 7.52 -22.24 -18.83
C TYR E 103 8.41 -23.17 -17.99
N ALA E 104 8.46 -22.92 -16.69
CA ALA E 104 9.21 -23.76 -15.75
C ALA E 104 8.63 -25.18 -15.66
N MET E 105 9.49 -26.14 -15.32
CA MET E 105 9.08 -27.55 -15.28
C MET E 105 9.04 -28.10 -13.84
N ASP E 106 7.83 -28.34 -13.34
CA ASP E 106 7.64 -28.65 -11.92
C ASP E 106 7.80 -30.11 -11.50
N TYR E 107 7.71 -31.04 -12.43
CA TYR E 107 8.02 -32.44 -12.12
C TYR E 107 8.79 -33.11 -13.25
N TRP E 108 9.86 -33.81 -12.90
CA TRP E 108 10.68 -34.51 -13.87
C TRP E 108 10.56 -36.00 -13.64
N GLY E 109 10.67 -36.78 -14.72
CA GLY E 109 10.78 -38.22 -14.57
C GLY E 109 12.11 -38.51 -13.91
N GLN E 110 12.29 -39.75 -13.47
CA GLN E 110 13.55 -40.18 -12.89
C GLN E 110 14.71 -39.96 -13.85
N GLY E 111 14.39 -39.96 -15.14
CA GLY E 111 15.41 -39.92 -16.16
C GLY E 111 15.82 -41.34 -16.45
N THR E 112 16.34 -41.56 -17.65
CA THR E 112 16.78 -42.90 -18.05
C THR E 112 17.96 -42.77 -18.98
N LEU E 113 18.90 -43.70 -18.84
CA LEU E 113 20.14 -43.66 -19.57
C LEU E 113 20.05 -44.44 -20.88
N VAL E 114 20.54 -43.84 -21.96
CA VAL E 114 20.55 -44.46 -23.27
C VAL E 114 21.96 -44.41 -23.84
N THR E 115 22.54 -45.58 -24.11
CA THR E 115 23.94 -45.64 -24.47
C THR E 115 24.15 -45.93 -25.95
N VAL E 116 24.84 -45.05 -26.66
CA VAL E 116 25.18 -45.37 -28.03
C VAL E 116 26.66 -45.72 -28.16
N SER E 117 26.92 -47.01 -28.28
CA SER E 117 28.23 -47.50 -28.65
C SER E 117 28.05 -48.90 -29.22
N SER E 118 28.91 -49.28 -30.17
CA SER E 118 28.75 -50.56 -30.85
C SER E 118 28.95 -51.76 -29.94
N ALA E 119 29.66 -51.58 -28.83
CA ALA E 119 29.90 -52.65 -27.88
C ALA E 119 28.60 -53.29 -27.38
N SER E 120 28.51 -54.61 -27.47
CA SER E 120 27.38 -55.34 -26.91
C SER E 120 27.52 -55.41 -25.40
N THR E 121 26.42 -55.71 -24.73
CA THR E 121 26.36 -55.69 -23.25
C THR E 121 27.24 -56.75 -22.61
N LYS E 122 27.63 -56.52 -21.37
CA LYS E 122 28.22 -57.57 -20.58
C LYS E 122 27.58 -57.61 -19.21
N GLY E 123 27.19 -58.82 -18.79
CA GLY E 123 26.70 -59.05 -17.44
C GLY E 123 27.82 -58.93 -16.44
N PRO E 124 27.51 -58.37 -15.25
CA PRO E 124 28.50 -58.17 -14.19
C PRO E 124 28.75 -59.43 -13.36
N SER E 125 29.94 -59.56 -12.78
CA SER E 125 30.20 -60.55 -11.73
C SER E 125 30.35 -59.83 -10.40
N VAL E 126 29.80 -60.42 -9.35
CA VAL E 126 29.84 -59.82 -8.01
C VAL E 126 30.73 -60.63 -7.09
N PHE E 127 31.66 -59.96 -6.43
CA PHE E 127 32.58 -60.65 -5.54
C PHE E 127 32.43 -60.09 -4.14
N PRO E 128 32.46 -60.97 -3.14
CA PRO E 128 32.34 -60.47 -1.77
C PRO E 128 33.60 -59.76 -1.31
N LEU E 129 33.44 -58.61 -0.69
CA LEU E 129 34.51 -57.99 0.07
C LEU E 129 34.22 -58.33 1.53
N ALA E 130 35.05 -59.22 2.09
CA ALA E 130 34.77 -59.81 3.39
C ALA E 130 35.28 -58.93 4.52
N PRO E 131 34.56 -58.92 5.65
CA PRO E 131 34.91 -58.12 6.82
C PRO E 131 36.36 -58.29 7.26
N THR E 140 33.55 -51.60 14.93
CA THR E 140 33.24 -51.30 13.54
C THR E 140 34.01 -52.20 12.60
N ALA E 141 33.28 -52.93 11.77
CA ALA E 141 33.86 -53.67 10.67
C ALA E 141 33.29 -53.13 9.37
N ALA E 142 34.04 -53.29 8.29
CA ALA E 142 33.54 -52.96 6.97
C ALA E 142 33.55 -54.21 6.10
N LEU E 143 32.49 -54.38 5.32
CA LEU E 143 32.40 -55.48 4.36
C LEU E 143 31.71 -54.96 3.12
N GLY E 144 31.59 -55.79 2.09
CA GLY E 144 30.90 -55.32 0.91
C GLY E 144 30.88 -56.20 -0.32
N CYS E 145 30.56 -55.57 -1.44
CA CYS E 145 30.42 -56.28 -2.70
C CYS E 145 31.19 -55.57 -3.81
N LEU E 146 31.86 -56.35 -4.64
CA LEU E 146 32.55 -55.81 -5.82
C LEU E 146 31.85 -56.26 -7.10
N VAL E 147 31.18 -55.32 -7.76
CA VAL E 147 30.49 -55.60 -9.02
C VAL E 147 31.41 -55.27 -10.19
N LYS E 148 31.83 -56.29 -10.93
CA LYS E 148 32.94 -56.13 -11.86
C LYS E 148 32.62 -56.52 -13.30
N ASP E 149 33.14 -55.73 -14.23
CA ASP E 149 33.04 -56.04 -15.66
C ASP E 149 31.59 -56.16 -16.15
N TYR E 150 30.86 -55.06 -16.13
CA TYR E 150 29.56 -55.01 -16.80
C TYR E 150 29.58 -53.91 -17.85
N PHE E 151 28.46 -53.80 -18.56
CA PHE E 151 28.24 -52.83 -19.63
C PHE E 151 26.84 -53.02 -20.19
N PRO E 152 26.13 -51.91 -20.42
CA PRO E 152 26.56 -50.56 -20.07
C PRO E 152 26.07 -50.15 -18.68
N GLU E 153 26.31 -48.90 -18.30
CA GLU E 153 25.69 -48.33 -17.11
C GLU E 153 24.18 -48.24 -17.35
N PRO E 154 23.38 -48.22 -16.27
CA PRO E 154 23.81 -48.35 -14.88
C PRO E 154 23.74 -49.77 -14.32
N VAL E 155 24.21 -49.90 -13.08
CA VAL E 155 23.98 -51.06 -12.23
C VAL E 155 23.49 -50.50 -10.90
N THR E 156 22.70 -51.26 -10.15
CA THR E 156 22.31 -50.76 -8.84
C THR E 156 22.48 -51.84 -7.78
N VAL E 157 22.75 -51.40 -6.55
CA VAL E 157 23.00 -52.33 -5.47
C VAL E 157 22.14 -51.96 -4.26
N SER E 158 21.66 -52.96 -3.52
CA SER E 158 21.17 -52.69 -2.17
C SER E 158 21.61 -53.80 -1.21
N TRP E 159 21.31 -53.62 0.08
CA TRP E 159 21.80 -54.51 1.12
C TRP E 159 20.64 -55.00 1.98
N ASN E 160 20.60 -56.30 2.23
CA ASN E 160 19.50 -56.95 2.94
C ASN E 160 18.17 -56.64 2.26
N SER E 161 18.23 -56.42 0.94
CA SER E 161 17.09 -55.97 0.15
C SER E 161 16.45 -54.72 0.75
N GLY E 162 17.24 -53.66 0.86
CA GLY E 162 16.76 -52.37 1.31
C GLY E 162 16.59 -52.25 2.81
N ALA E 163 16.60 -53.38 3.50
CA ALA E 163 16.58 -53.40 4.95
C ALA E 163 17.78 -52.70 5.54
N LEU E 164 18.99 -53.22 5.30
CA LEU E 164 20.12 -52.59 5.95
C LEU E 164 20.45 -51.37 5.12
N THR E 165 20.08 -50.22 5.67
CA THR E 165 20.37 -48.94 5.04
C THR E 165 21.43 -48.09 5.73
N SER E 166 21.94 -48.49 6.91
CA SER E 166 22.78 -47.56 7.68
C SER E 166 24.30 -47.75 7.50
N GLY E 167 24.99 -46.66 7.22
CA GLY E 167 26.42 -46.69 7.01
C GLY E 167 26.84 -47.47 5.77
N VAL E 168 25.92 -47.57 4.81
CA VAL E 168 26.22 -48.19 3.51
C VAL E 168 26.73 -47.16 2.50
N HIS E 169 27.82 -47.49 1.82
CA HIS E 169 28.27 -46.67 0.69
C HIS E 169 28.30 -47.49 -0.59
N THR E 170 27.58 -47.00 -1.60
CA THR E 170 27.71 -47.52 -2.96
C THR E 170 28.57 -46.54 -3.77
N PHE E 171 29.69 -47.04 -4.26
CA PHE E 171 30.61 -46.18 -4.98
C PHE E 171 30.25 -46.09 -6.45
N PRO E 172 30.47 -44.91 -7.05
CA PRO E 172 30.29 -44.69 -8.49
C PRO E 172 31.08 -45.72 -9.32
N ALA E 173 30.57 -46.06 -10.51
CA ALA E 173 31.28 -46.98 -11.39
C ALA E 173 32.51 -46.29 -11.94
N VAL E 174 33.54 -47.08 -12.24
CA VAL E 174 34.72 -46.56 -12.93
C VAL E 174 34.85 -47.30 -14.25
N LEU E 175 35.48 -46.69 -15.23
CA LEU E 175 35.61 -47.32 -16.54
C LEU E 175 37.05 -47.79 -16.72
N GLN E 176 37.23 -49.10 -16.61
CA GLN E 176 38.53 -49.74 -16.65
C GLN E 176 39.12 -49.79 -18.05
N SER E 177 40.43 -50.05 -18.12
CA SER E 177 41.16 -50.16 -19.39
C SER E 177 40.42 -51.01 -20.41
N SER E 178 39.86 -52.12 -19.93
CA SER E 178 39.11 -53.05 -20.78
C SER E 178 37.83 -52.44 -21.33
N GLY E 179 37.52 -51.24 -20.87
CA GLY E 179 36.45 -50.45 -21.44
C GLY E 179 35.12 -50.83 -20.82
N LEU E 180 35.22 -51.43 -19.64
CA LEU E 180 34.06 -51.91 -18.93
C LEU E 180 33.93 -51.20 -17.61
N TYR E 181 32.98 -51.65 -16.80
CA TYR E 181 32.69 -50.97 -15.55
C TYR E 181 32.93 -51.82 -14.33
N SER E 182 33.33 -51.14 -13.26
CA SER E 182 33.41 -51.75 -11.97
C SER E 182 33.02 -50.72 -10.92
N LEU E 183 32.23 -51.14 -9.94
CA LEU E 183 32.02 -50.35 -8.76
C LEU E 183 31.95 -51.28 -7.56
N SER E 184 32.15 -50.71 -6.38
CA SER E 184 32.09 -51.47 -5.15
C SER E 184 31.03 -50.88 -4.26
N SER E 185 30.33 -51.72 -3.50
CA SER E 185 29.43 -51.21 -2.48
C SER E 185 29.83 -51.75 -1.12
N VAL E 186 29.96 -50.87 -0.14
CA VAL E 186 30.46 -51.26 1.17
C VAL E 186 29.45 -50.97 2.28
N VAL E 187 29.59 -51.67 3.40
CA VAL E 187 28.82 -51.30 4.57
C VAL E 187 29.64 -51.45 5.85
N THR E 188 29.70 -50.39 6.64
CA THR E 188 30.38 -50.45 7.93
C THR E 188 29.37 -50.84 9.01
N VAL E 189 29.69 -51.87 9.77
CA VAL E 189 28.74 -52.49 10.70
C VAL E 189 29.33 -52.66 12.12
N PRO E 190 28.50 -53.11 13.08
CA PRO E 190 29.12 -53.46 14.36
C PRO E 190 30.02 -54.69 14.21
N SER E 191 31.22 -54.65 14.79
CA SER E 191 32.11 -55.79 14.75
C SER E 191 31.57 -56.88 15.67
N SER E 192 30.72 -56.47 16.60
CA SER E 192 29.96 -57.40 17.42
C SER E 192 29.02 -58.24 16.55
N SER E 193 28.49 -57.63 15.49
CA SER E 193 27.37 -58.18 14.74
C SER E 193 27.72 -59.34 13.81
N LEU E 194 28.95 -59.35 13.27
CA LEU E 194 29.38 -60.41 12.36
C LEU E 194 29.25 -61.79 13.00
N GLY E 195 28.81 -62.76 12.22
CA GLY E 195 28.54 -64.10 12.72
C GLY E 195 27.07 -64.28 13.06
N THR E 196 26.37 -63.16 13.23
CA THR E 196 24.95 -63.19 13.58
C THR E 196 24.09 -62.55 12.50
N GLN E 197 24.19 -61.23 12.38
CA GLN E 197 23.46 -60.52 11.35
C GLN E 197 23.97 -60.97 9.99
N THR E 198 23.08 -61.09 9.02
CA THR E 198 23.52 -61.43 7.68
C THR E 198 23.49 -60.22 6.78
N TYR E 199 24.58 -60.02 6.06
CA TYR E 199 24.69 -58.94 5.12
C TYR E 199 24.73 -59.58 3.73
N ILE E 200 23.75 -59.24 2.90
CA ILE E 200 23.60 -59.89 1.61
C ILE E 200 23.57 -58.82 0.54
N CYS E 201 24.11 -59.11 -0.63
CA CYS E 201 24.36 -58.09 -1.64
C CYS E 201 23.36 -58.18 -2.78
N ASN E 202 22.51 -57.18 -2.94
CA ASN E 202 21.53 -57.24 -4.01
C ASN E 202 21.95 -56.35 -5.18
N VAL E 203 22.42 -57.00 -6.23
CA VAL E 203 22.94 -56.32 -7.40
C VAL E 203 22.03 -56.59 -8.58
N ASN E 204 21.72 -55.56 -9.35
CA ASN E 204 20.94 -55.73 -10.56
C ASN E 204 21.54 -54.94 -11.71
N HIS E 205 21.94 -55.64 -12.77
CA HIS E 205 22.30 -54.96 -13.98
C HIS E 205 21.23 -55.35 -15.00
N LYS E 206 20.27 -54.44 -15.19
CA LYS E 206 19.11 -54.72 -16.01
C LYS E 206 19.42 -54.81 -17.51
N PRO E 207 20.27 -53.90 -18.03
CA PRO E 207 20.65 -54.02 -19.44
C PRO E 207 21.29 -55.38 -19.80
N SER E 208 21.80 -56.11 -18.80
CA SER E 208 22.13 -57.52 -19.02
C SER E 208 21.02 -58.47 -18.50
N ASN E 209 19.98 -57.91 -17.87
CA ASN E 209 18.95 -58.73 -17.21
C ASN E 209 19.55 -59.68 -16.18
N THR E 210 20.53 -59.18 -15.42
CA THR E 210 21.16 -59.91 -14.34
C THR E 210 20.66 -59.40 -12.99
N LYS E 211 20.20 -60.31 -12.14
CA LYS E 211 19.87 -59.98 -10.75
C LYS E 211 20.59 -60.95 -9.83
N VAL E 212 21.53 -60.44 -9.04
CA VAL E 212 22.41 -61.32 -8.26
C VAL E 212 22.37 -61.02 -6.76
N ASP E 213 22.37 -62.06 -5.94
CA ASP E 213 22.47 -61.88 -4.49
C ASP E 213 23.61 -62.74 -3.93
N LYS E 214 24.56 -62.10 -3.28
CA LYS E 214 25.70 -62.79 -2.70
C LYS E 214 25.77 -62.51 -1.21
N LYS E 215 25.82 -63.55 -0.40
CA LYS E 215 25.99 -63.35 1.02
C LYS E 215 27.48 -63.16 1.36
N VAL E 216 27.77 -62.10 2.10
CA VAL E 216 29.13 -61.71 2.40
C VAL E 216 29.46 -62.03 3.86
N GLU E 217 30.39 -62.95 4.08
CA GLU E 217 30.63 -63.51 5.40
C GLU E 217 32.07 -63.36 5.91
N PRO E 218 32.24 -63.48 7.23
CA PRO E 218 33.59 -63.60 7.81
C PRO E 218 34.29 -64.80 7.20
N LYS E 219 35.61 -64.77 7.15
CA LYS E 219 36.38 -65.91 6.71
C LYS E 219 37.45 -66.27 7.72
N SER E 220 38.25 -67.27 7.35
CA SER E 220 39.16 -67.93 8.28
C SER E 220 40.04 -66.99 9.09
N ASP F 1 20.27 -18.72 -29.09
CA ASP F 1 19.85 -19.10 -27.75
C ASP F 1 20.14 -18.01 -26.73
N ILE F 2 19.49 -18.12 -25.57
CA ILE F 2 19.74 -17.23 -24.45
C ILE F 2 20.82 -17.86 -23.56
N GLN F 3 21.71 -17.06 -23.00
CA GLN F 3 22.85 -17.59 -22.27
C GLN F 3 22.77 -17.30 -20.78
N MET F 4 22.57 -18.35 -19.97
CA MET F 4 22.56 -18.21 -18.53
C MET F 4 23.91 -18.62 -17.96
N THR F 5 24.60 -17.69 -17.33
CA THR F 5 25.86 -18.01 -16.65
C THR F 5 25.73 -17.74 -15.15
N GLN F 6 26.23 -18.67 -14.36
CA GLN F 6 26.08 -18.60 -12.91
C GLN F 6 27.39 -18.30 -12.21
N SER F 7 27.33 -17.55 -11.12
CA SER F 7 28.52 -17.35 -10.32
C SER F 7 28.24 -17.73 -8.88
N PRO F 8 29.21 -18.42 -8.23
CA PRO F 8 30.36 -19.09 -8.84
C PRO F 8 29.93 -20.38 -9.54
N SER F 9 30.88 -21.14 -10.07
CA SER F 9 30.56 -22.47 -10.60
C SER F 9 30.48 -23.49 -9.48
N SER F 10 31.27 -23.26 -8.43
CA SER F 10 31.23 -24.12 -7.25
C SER F 10 31.54 -23.31 -6.01
N LEU F 11 31.04 -23.77 -4.86
CA LEU F 11 31.34 -23.10 -3.61
C LEU F 11 31.34 -24.05 -2.42
N SER F 12 32.02 -23.65 -1.37
CA SER F 12 32.01 -24.37 -0.11
C SER F 12 31.40 -23.46 0.96
N ALA F 13 30.52 -24.00 1.79
CA ALA F 13 29.97 -23.22 2.90
C ALA F 13 29.70 -24.08 4.12
N SER F 14 30.02 -23.54 5.30
CA SER F 14 29.71 -24.21 6.55
C SER F 14 28.20 -24.36 6.68
N VAL F 15 27.74 -25.36 7.42
CA VAL F 15 26.33 -25.47 7.75
C VAL F 15 25.87 -24.19 8.44
N GLY F 16 24.78 -23.60 7.97
CA GLY F 16 24.26 -22.39 8.59
C GLY F 16 24.57 -21.11 7.86
N ASP F 17 25.58 -21.13 6.99
CA ASP F 17 25.92 -19.94 6.20
C ASP F 17 24.78 -19.64 5.25
N ARG F 18 24.68 -18.37 4.86
CA ARG F 18 23.83 -18.00 3.76
C ARG F 18 24.58 -18.26 2.46
N VAL F 19 23.89 -18.85 1.48
CA VAL F 19 24.49 -19.12 0.18
C VAL F 19 23.81 -18.32 -0.92
N THR F 20 24.57 -17.45 -1.58
CA THR F 20 24.04 -16.64 -2.66
C THR F 20 24.76 -16.94 -3.96
N ILE F 21 24.05 -17.53 -4.91
CA ILE F 21 24.58 -17.80 -6.25
C ILE F 21 23.83 -16.94 -7.26
N THR F 22 24.55 -16.25 -8.14
CA THR F 22 23.85 -15.39 -9.09
C THR F 22 23.75 -16.07 -10.44
N CYS F 23 22.93 -15.52 -11.32
CA CYS F 23 22.78 -16.02 -12.68
C CYS F 23 22.55 -14.83 -13.61
N LYS F 24 23.41 -14.66 -14.63
CA LYS F 24 23.27 -13.54 -15.56
C LYS F 24 22.87 -13.99 -16.95
N ALA F 25 21.71 -13.53 -17.39
CA ALA F 25 21.17 -13.89 -18.70
C ALA F 25 21.90 -13.15 -19.82
N SER F 26 21.91 -13.71 -21.03
CA SER F 26 22.48 -13.02 -22.17
C SER F 26 21.66 -11.78 -22.47
N GLN F 27 20.34 -11.96 -22.52
CA GLN F 27 19.45 -10.81 -22.63
C GLN F 27 18.22 -10.89 -21.74
N ASN F 28 17.57 -9.74 -21.58
CA ASN F 28 16.52 -9.57 -20.60
C ASN F 28 15.40 -10.58 -20.76
N VAL F 29 15.26 -11.43 -19.74
CA VAL F 29 14.24 -12.46 -19.72
C VAL F 29 13.05 -12.04 -18.84
N GLY F 30 13.12 -10.81 -18.34
CA GLY F 30 12.13 -10.30 -17.41
C GLY F 30 12.28 -11.02 -16.09
N THR F 31 11.17 -11.43 -15.48
CA THR F 31 11.22 -12.33 -14.34
C THR F 31 11.08 -13.81 -14.73
N ASN F 32 11.07 -14.17 -16.01
CA ASN F 32 10.76 -15.58 -16.30
C ASN F 32 12.01 -16.41 -16.26
N VAL F 33 12.20 -17.00 -15.08
CA VAL F 33 13.37 -17.77 -14.71
C VAL F 33 13.02 -18.76 -13.59
N ALA F 34 13.55 -19.97 -13.66
CA ALA F 34 13.28 -20.96 -12.62
C ALA F 34 14.60 -21.48 -12.11
N TRP F 35 14.60 -21.93 -10.87
CA TRP F 35 15.77 -22.59 -10.30
C TRP F 35 15.46 -24.06 -10.03
N TYR F 36 16.45 -24.93 -10.25
CA TYR F 36 16.31 -26.35 -10.00
C TYR F 36 17.46 -26.84 -9.13
N GLN F 37 17.18 -27.82 -8.28
CA GLN F 37 18.20 -28.41 -7.44
C GLN F 37 18.46 -29.85 -7.88
N GLN F 38 19.62 -30.11 -8.48
CA GLN F 38 19.92 -31.48 -8.87
C GLN F 38 20.86 -32.14 -7.89
N LYS F 39 20.31 -33.07 -7.11
CA LYS F 39 21.09 -33.94 -6.25
C LYS F 39 21.76 -34.95 -7.16
N PRO F 40 23.04 -35.26 -6.93
CA PRO F 40 23.72 -36.07 -7.94
C PRO F 40 23.19 -37.50 -8.04
N GLY F 41 23.12 -37.99 -9.28
CA GLY F 41 22.57 -39.29 -9.56
C GLY F 41 21.05 -39.26 -9.60
N LYS F 42 20.47 -38.08 -9.42
CA LYS F 42 19.02 -37.95 -9.28
C LYS F 42 18.37 -36.94 -10.21
N ALA F 43 17.07 -37.11 -10.40
CA ALA F 43 16.28 -36.20 -11.22
C ALA F 43 16.18 -34.84 -10.55
N PRO F 44 16.34 -33.78 -11.35
CA PRO F 44 16.22 -32.38 -10.92
C PRO F 44 14.90 -32.08 -10.22
N LYS F 45 14.92 -31.11 -9.31
CA LYS F 45 13.74 -30.78 -8.53
C LYS F 45 13.42 -29.28 -8.59
N ALA F 46 12.16 -28.95 -8.79
CA ALA F 46 11.77 -27.56 -8.90
C ALA F 46 11.76 -26.86 -7.55
N LEU F 47 12.56 -25.80 -7.47
CA LEU F 47 12.64 -24.93 -6.32
C LEU F 47 11.73 -23.74 -6.50
N ILE F 48 12.09 -22.91 -7.47
CA ILE F 48 11.53 -21.59 -7.66
C ILE F 48 11.20 -21.37 -9.13
N TYR F 49 10.02 -20.79 -9.41
CA TYR F 49 9.67 -20.28 -10.74
C TYR F 49 9.34 -18.79 -10.63
N SER F 50 9.13 -18.11 -11.76
CA SER F 50 8.83 -16.68 -11.77
C SER F 50 9.76 -15.87 -10.85
N ALA F 51 10.96 -16.41 -10.73
CA ALA F 51 12.17 -15.86 -10.12
C ALA F 51 12.12 -15.68 -8.61
N SER F 52 10.95 -15.37 -8.03
CA SER F 52 10.81 -15.42 -6.58
C SER F 52 9.81 -16.44 -6.03
N PHE F 53 9.08 -17.15 -6.90
CA PHE F 53 7.93 -17.95 -6.46
C PHE F 53 8.33 -19.33 -5.92
N LEU F 54 7.98 -19.58 -4.66
CA LEU F 54 8.35 -20.83 -4.00
C LEU F 54 7.37 -21.94 -4.37
N TYR F 55 7.88 -23.04 -4.91
CA TYR F 55 7.07 -24.22 -5.17
C TYR F 55 6.68 -24.85 -3.83
N SER F 56 5.62 -25.66 -3.84
CA SER F 56 5.12 -26.24 -2.61
C SER F 56 5.97 -27.43 -2.21
N GLY F 57 6.50 -27.40 -0.99
CA GLY F 57 7.39 -28.46 -0.52
C GLY F 57 8.84 -28.04 -0.55
N VAL F 58 9.06 -26.81 -1.01
CA VAL F 58 10.41 -26.27 -1.01
C VAL F 58 10.56 -25.42 0.24
N PRO F 59 11.46 -25.84 1.14
CA PRO F 59 11.72 -25.15 2.41
C PRO F 59 11.96 -23.65 2.23
N TYR F 60 11.46 -22.87 3.18
CA TYR F 60 11.43 -21.42 3.10
C TYR F 60 12.80 -20.79 3.08
N ARG F 61 13.81 -21.58 3.40
CA ARG F 61 15.18 -21.09 3.39
C ARG F 61 15.64 -20.81 1.97
N PHE F 62 14.96 -21.39 0.99
CA PHE F 62 15.25 -21.04 -0.41
C PHE F 62 14.52 -19.74 -0.77
N SER F 63 15.27 -18.81 -1.37
CA SER F 63 14.74 -17.52 -1.79
C SER F 63 15.22 -17.22 -3.19
N GLY F 64 14.28 -16.90 -4.07
CA GLY F 64 14.64 -16.42 -5.39
C GLY F 64 14.58 -14.90 -5.44
N SER F 65 15.23 -14.33 -6.44
CA SER F 65 15.14 -12.89 -6.67
C SER F 65 15.72 -12.52 -8.02
N GLY F 66 15.60 -11.25 -8.37
CA GLY F 66 16.15 -10.73 -9.61
C GLY F 66 15.15 -10.52 -10.73
N SER F 67 15.59 -9.78 -11.74
CA SER F 67 14.79 -9.47 -12.93
C SER F 67 15.68 -8.70 -13.88
N GLY F 68 15.20 -8.49 -15.11
CA GLY F 68 16.09 -8.01 -16.15
C GLY F 68 17.04 -9.15 -16.47
N THR F 69 18.34 -8.87 -16.49
CA THR F 69 19.32 -9.92 -16.76
C THR F 69 20.03 -10.51 -15.54
N ASP F 70 19.79 -9.96 -14.34
CA ASP F 70 20.56 -10.40 -13.17
C ASP F 70 19.71 -11.08 -12.09
N PHE F 71 19.93 -12.39 -11.92
CA PHE F 71 19.11 -13.20 -11.02
C PHE F 71 19.93 -13.90 -9.94
N THR F 72 19.31 -14.19 -8.81
CA THR F 72 19.99 -14.90 -7.74
C THR F 72 19.11 -15.97 -7.10
N LEU F 73 19.73 -17.05 -6.63
CA LEU F 73 19.07 -17.94 -5.69
C LEU F 73 19.83 -17.84 -4.38
N THR F 74 19.11 -17.59 -3.30
CA THR F 74 19.75 -17.44 -2.00
C THR F 74 19.23 -18.45 -0.98
N ILE F 75 20.09 -19.37 -0.56
CA ILE F 75 19.74 -20.30 0.52
C ILE F 75 20.12 -19.63 1.85
N SER F 76 19.12 -19.36 2.68
CA SER F 76 19.28 -18.49 3.86
C SER F 76 20.05 -19.12 5.01
N SER F 77 19.70 -20.35 5.40
CA SER F 77 20.54 -21.09 6.33
C SER F 77 20.90 -22.45 5.75
N LEU F 78 22.17 -22.64 5.38
CA LEU F 78 22.58 -23.83 4.64
C LEU F 78 22.51 -25.07 5.50
N GLN F 79 22.00 -26.15 4.91
CA GLN F 79 21.75 -27.37 5.66
C GLN F 79 22.65 -28.48 5.13
N PRO F 80 22.98 -29.46 5.98
CA PRO F 80 23.82 -30.59 5.57
C PRO F 80 23.28 -31.28 4.31
N GLU F 81 21.97 -31.39 4.18
CA GLU F 81 21.36 -32.09 3.03
C GLU F 81 21.20 -31.20 1.80
N ASP F 82 21.61 -29.94 1.91
CA ASP F 82 21.39 -28.96 0.85
C ASP F 82 22.48 -28.92 -0.23
N PHE F 83 23.49 -29.76 -0.08
CA PHE F 83 24.49 -29.92 -1.14
C PHE F 83 23.79 -30.48 -2.37
N ALA F 84 24.12 -29.94 -3.53
CA ALA F 84 23.54 -30.30 -4.81
C ALA F 84 24.15 -29.44 -5.88
N THR F 85 23.74 -29.63 -7.14
CA THR F 85 24.07 -28.67 -8.18
C THR F 85 22.83 -27.84 -8.48
N TYR F 86 23.01 -26.52 -8.59
CA TYR F 86 21.89 -25.59 -8.78
C TYR F 86 21.94 -24.88 -10.13
N TYR F 87 20.92 -25.11 -10.93
CA TYR F 87 20.80 -24.53 -12.26
C TYR F 87 19.74 -23.45 -12.28
N CYS F 88 19.99 -22.34 -12.97
CA CYS F 88 18.86 -21.50 -13.30
C CYS F 88 18.42 -21.91 -14.70
N GLN F 89 17.27 -21.41 -15.12
CA GLN F 89 16.74 -21.69 -16.46
C GLN F 89 15.81 -20.56 -16.84
N GLN F 90 15.84 -20.12 -18.09
CA GLN F 90 14.88 -19.12 -18.56
C GLN F 90 13.82 -19.74 -19.47
N TYR F 91 12.56 -19.49 -19.18
CA TYR F 91 11.50 -19.79 -20.12
C TYR F 91 10.98 -18.56 -20.88
N ASN F 92 11.57 -17.37 -20.70
CA ASN F 92 11.05 -16.15 -21.35
C ASN F 92 10.84 -16.31 -22.87
N ILE F 93 11.74 -17.00 -23.57
CA ILE F 93 11.46 -17.42 -24.95
C ILE F 93 12.18 -18.73 -25.30
N TYR F 94 11.54 -19.53 -26.17
CA TYR F 94 12.14 -20.74 -26.74
C TYR F 94 13.39 -20.37 -27.54
N PRO F 95 14.42 -21.23 -27.48
CA PRO F 95 14.47 -22.51 -26.78
C PRO F 95 14.76 -22.34 -25.28
N LEU F 96 14.36 -23.30 -24.46
CA LEU F 96 14.64 -23.24 -23.02
C LEU F 96 16.13 -23.44 -22.77
N THR F 97 16.71 -22.47 -22.09
CA THR F 97 18.15 -22.52 -21.84
C THR F 97 18.45 -22.49 -20.35
N PHE F 98 19.09 -23.57 -19.91
CA PHE F 98 19.58 -23.71 -18.55
C PHE F 98 20.90 -22.97 -18.37
N GLY F 99 21.60 -23.33 -17.32
CA GLY F 99 22.89 -22.74 -17.03
C GLY F 99 23.76 -23.89 -16.58
N GLN F 100 25.05 -23.64 -16.44
CA GLN F 100 26.00 -24.72 -16.30
C GLN F 100 25.89 -25.40 -14.95
N GLY F 101 25.24 -24.72 -14.01
CA GLY F 101 25.04 -25.26 -12.68
C GLY F 101 26.02 -24.70 -11.67
N THR F 102 25.68 -24.89 -10.40
CA THR F 102 26.60 -24.57 -9.32
C THR F 102 26.67 -25.69 -8.29
N LYS F 103 27.85 -26.30 -8.17
CA LYS F 103 28.07 -27.34 -7.18
C LYS F 103 28.28 -26.69 -5.82
N VAL F 104 27.40 -27.02 -4.87
CA VAL F 104 27.48 -26.44 -3.55
C VAL F 104 27.92 -27.48 -2.53
N GLU F 105 29.15 -27.34 -2.03
CA GLU F 105 29.66 -28.29 -1.05
C GLU F 105 29.44 -27.83 0.40
N ILE F 106 28.94 -28.72 1.26
CA ILE F 106 28.94 -28.42 2.69
C ILE F 106 30.37 -28.46 3.17
N LYS F 107 30.78 -27.37 3.81
CA LYS F 107 32.14 -27.24 4.32
C LYS F 107 32.15 -27.57 5.81
N ARG F 108 33.04 -28.46 6.23
CA ARG F 108 33.15 -28.83 7.65
C ARG F 108 34.61 -28.90 8.10
N THR F 109 34.83 -29.23 9.37
CA THR F 109 36.18 -29.36 9.92
C THR F 109 36.81 -30.67 9.47
N VAL F 110 38.12 -30.75 9.56
CA VAL F 110 38.87 -31.92 9.09
C VAL F 110 38.38 -33.20 9.77
N ALA F 111 38.40 -34.32 9.06
CA ALA F 111 38.22 -35.63 9.67
C ALA F 111 39.13 -36.64 8.99
N ALA F 112 39.73 -37.51 9.80
CA ALA F 112 40.65 -38.51 9.29
C ALA F 112 39.90 -39.69 8.71
N PRO F 113 40.41 -40.22 7.60
CA PRO F 113 39.91 -41.47 7.01
C PRO F 113 40.13 -42.65 7.94
N SER F 114 39.16 -43.54 8.00
CA SER F 114 39.37 -44.88 8.55
C SER F 114 39.68 -45.75 7.35
N VAL F 115 40.83 -46.43 7.38
CA VAL F 115 41.27 -47.15 6.19
C VAL F 115 41.14 -48.66 6.36
N PHE F 116 40.43 -49.28 5.41
CA PHE F 116 40.24 -50.73 5.38
C PHE F 116 40.84 -51.28 4.10
N ILE F 117 41.35 -52.51 4.15
CA ILE F 117 41.84 -53.19 2.96
C ILE F 117 41.21 -54.57 2.79
N PHE F 118 40.79 -54.85 1.56
CA PHE F 118 40.18 -56.14 1.23
C PHE F 118 41.02 -56.96 0.27
N PRO F 119 41.50 -58.14 0.72
CA PRO F 119 42.14 -59.11 -0.17
C PRO F 119 41.13 -59.66 -1.16
N PRO F 120 41.55 -60.05 -2.37
CA PRO F 120 40.50 -60.50 -3.29
C PRO F 120 39.90 -61.86 -2.90
N SER F 121 38.60 -62.03 -3.12
CA SER F 121 37.94 -63.33 -2.96
C SER F 121 38.65 -64.40 -3.77
N ASP F 122 38.77 -65.60 -3.19
CA ASP F 122 39.23 -66.78 -3.93
C ASP F 122 38.40 -66.96 -5.18
N GLU F 123 37.13 -66.56 -5.06
CA GLU F 123 36.17 -66.65 -6.14
C GLU F 123 36.49 -65.73 -7.31
N GLN F 124 37.16 -64.62 -7.02
CA GLN F 124 37.65 -63.79 -8.12
C GLN F 124 38.96 -64.36 -8.64
N LEU F 125 39.73 -64.94 -7.73
CA LEU F 125 41.03 -65.51 -8.04
C LEU F 125 40.96 -66.63 -9.08
N LYS F 126 40.00 -67.55 -8.92
CA LYS F 126 39.89 -68.71 -9.82
C LYS F 126 39.81 -68.31 -11.29
N SER F 127 39.28 -67.12 -11.53
CA SER F 127 39.10 -66.59 -12.87
C SER F 127 40.33 -65.83 -13.35
N GLY F 128 41.36 -65.81 -12.50
CA GLY F 128 42.68 -65.33 -12.91
C GLY F 128 42.90 -63.84 -12.79
N THR F 129 41.94 -63.15 -12.21
CA THR F 129 42.09 -61.74 -11.90
C THR F 129 42.09 -61.58 -10.39
N ALA F 130 43.02 -60.76 -9.90
CA ALA F 130 43.02 -60.40 -8.50
C ALA F 130 42.74 -58.90 -8.37
N SER F 131 41.82 -58.55 -7.48
CA SER F 131 41.51 -57.15 -7.22
C SER F 131 41.63 -56.84 -5.73
N VAL F 132 42.58 -55.99 -5.39
CA VAL F 132 42.70 -55.50 -4.02
C VAL F 132 41.87 -54.24 -3.87
N VAL F 133 41.08 -54.15 -2.80
CA VAL F 133 40.24 -52.98 -2.57
C VAL F 133 40.66 -52.26 -1.29
N CYS F 134 41.00 -50.98 -1.40
CA CYS F 134 41.23 -50.15 -0.21
C CYS F 134 40.03 -49.27 -0.02
N LEU F 135 39.56 -49.18 1.22
CA LEU F 135 38.42 -48.33 1.52
C LEU F 135 38.82 -47.19 2.44
N LEU F 136 38.62 -45.96 1.99
CA LEU F 136 38.79 -44.80 2.84
C LEU F 136 37.44 -44.31 3.32
N ASN F 137 37.16 -44.46 4.62
CA ASN F 137 35.83 -44.16 5.14
C ASN F 137 35.74 -42.83 5.89
N ASN F 138 34.65 -42.10 5.64
CA ASN F 138 34.23 -40.99 6.49
C ASN F 138 35.29 -39.92 6.76
N PHE F 139 35.63 -39.10 5.76
CA PHE F 139 36.69 -38.11 5.91
C PHE F 139 36.39 -36.77 5.23
N TYR F 140 37.08 -35.72 5.68
CA TYR F 140 37.03 -34.41 5.04
C TYR F 140 38.40 -33.74 5.15
N PRO F 141 38.85 -33.02 4.11
CA PRO F 141 38.20 -32.74 2.83
C PRO F 141 38.36 -33.89 1.85
N ARG F 142 37.84 -33.73 0.63
CA ARG F 142 37.80 -34.82 -0.35
C ARG F 142 39.18 -35.28 -0.77
N GLU F 143 40.06 -34.33 -1.05
CA GLU F 143 41.36 -34.68 -1.61
C GLU F 143 42.11 -35.59 -0.66
N ALA F 144 42.39 -36.78 -1.15
CA ALA F 144 43.03 -37.81 -0.38
C ALA F 144 43.87 -38.62 -1.32
N LYS F 145 45.10 -38.94 -0.94
CA LYS F 145 45.90 -39.75 -1.82
C LYS F 145 46.01 -41.17 -1.31
N VAL F 146 45.82 -42.10 -2.24
CA VAL F 146 46.01 -43.50 -1.96
C VAL F 146 47.21 -43.99 -2.75
N GLN F 147 48.24 -44.45 -2.05
CA GLN F 147 49.37 -45.08 -2.70
C GLN F 147 49.25 -46.60 -2.54
N TRP F 148 49.40 -47.32 -3.65
CA TRP F 148 49.43 -48.78 -3.60
C TRP F 148 50.88 -49.26 -3.57
N LYS F 149 51.16 -50.21 -2.69
CA LYS F 149 52.48 -50.82 -2.62
C LYS F 149 52.40 -52.33 -2.54
N VAL F 150 52.96 -52.98 -3.55
CA VAL F 150 53.16 -54.43 -3.55
C VAL F 150 54.61 -54.74 -3.25
N ASP F 151 54.87 -55.39 -2.12
CA ASP F 151 56.23 -55.65 -1.67
C ASP F 151 57.08 -54.38 -1.68
N ASN F 152 56.51 -53.30 -1.15
CA ASN F 152 57.21 -52.02 -0.99
C ASN F 152 57.57 -51.33 -2.32
N ALA F 153 57.25 -51.98 -3.43
CA ALA F 153 57.29 -51.31 -4.71
C ALA F 153 56.00 -50.56 -4.89
N LEU F 154 56.09 -49.28 -5.25
CA LEU F 154 54.93 -48.45 -5.54
C LEU F 154 54.28 -48.98 -6.81
N GLN F 155 53.00 -48.69 -7.01
CA GLN F 155 52.32 -49.13 -8.21
C GLN F 155 51.93 -47.93 -9.07
N SER F 156 51.86 -48.12 -10.38
CA SER F 156 51.26 -47.12 -11.26
C SER F 156 50.64 -47.76 -12.50
N GLY F 157 49.49 -47.23 -12.91
CA GLY F 157 48.80 -47.72 -14.09
C GLY F 157 47.83 -48.85 -13.82
N ASN F 158 47.96 -49.50 -12.67
CA ASN F 158 47.15 -50.65 -12.32
C ASN F 158 45.92 -50.41 -11.40
N SER F 159 45.63 -49.16 -11.03
CA SER F 159 44.54 -48.94 -10.07
C SER F 159 43.58 -47.77 -10.38
N GLN F 160 42.41 -47.78 -9.74
CA GLN F 160 41.41 -46.71 -9.92
C GLN F 160 40.68 -46.32 -8.62
N GLU F 161 40.27 -45.06 -8.52
CA GLU F 161 39.53 -44.55 -7.36
C GLU F 161 38.11 -44.13 -7.71
N SER F 162 37.25 -44.13 -6.70
CA SER F 162 35.92 -43.52 -6.79
C SER F 162 35.54 -42.83 -5.48
N VAL F 163 35.08 -41.59 -5.57
CA VAL F 163 34.60 -40.91 -4.38
C VAL F 163 33.08 -40.90 -4.36
N THR F 164 32.51 -41.16 -3.19
CA THR F 164 31.09 -40.97 -3.01
C THR F 164 30.82 -39.48 -2.92
N GLU F 165 29.56 -39.10 -2.83
CA GLU F 165 29.20 -37.69 -2.71
C GLU F 165 28.81 -37.37 -1.29
N GLN F 166 29.07 -36.12 -0.92
CA GLN F 166 29.12 -35.68 0.47
C GLN F 166 27.93 -36.16 1.30
N ASP F 167 28.20 -36.62 2.50
CA ASP F 167 27.18 -37.24 3.33
C ASP F 167 26.12 -36.20 3.70
N SER F 168 24.86 -36.59 3.60
CA SER F 168 23.75 -35.67 3.80
C SER F 168 23.62 -35.22 5.25
N LYS F 169 24.26 -35.96 6.15
CA LYS F 169 24.11 -35.74 7.59
C LYS F 169 25.40 -35.28 8.26
N ASP F 170 26.46 -36.10 8.21
CA ASP F 170 27.75 -35.66 8.77
C ASP F 170 28.73 -35.07 7.72
N SER F 171 28.31 -34.97 6.47
CA SER F 171 29.03 -34.21 5.45
C SER F 171 30.43 -34.74 5.13
N THR F 172 30.62 -36.04 5.24
CA THR F 172 31.92 -36.68 5.03
C THR F 172 32.06 -37.20 3.60
N TYR F 173 33.11 -37.98 3.36
CA TYR F 173 33.32 -38.63 2.07
C TYR F 173 33.83 -40.06 2.25
N SER F 174 33.72 -40.85 1.19
CA SER F 174 34.33 -42.17 1.16
C SER F 174 34.96 -42.42 -0.21
N LEU F 175 36.07 -43.16 -0.22
CA LEU F 175 36.77 -43.52 -1.46
C LEU F 175 37.00 -45.03 -1.49
N SER F 176 36.97 -45.60 -2.69
CA SER F 176 37.34 -46.99 -2.89
C SER F 176 38.39 -47.05 -3.99
N SER F 177 39.55 -47.61 -3.67
CA SER F 177 40.59 -47.79 -4.66
C SER F 177 40.74 -49.27 -4.96
N THR F 178 40.67 -49.64 -6.23
CA THR F 178 40.85 -51.03 -6.60
C THR F 178 42.16 -51.23 -7.34
N LEU F 179 43.10 -51.94 -6.73
CA LEU F 179 44.27 -52.42 -7.46
C LEU F 179 43.87 -53.70 -8.18
N THR F 180 43.98 -53.72 -9.50
CA THR F 180 43.61 -54.91 -10.24
C THR F 180 44.87 -55.59 -10.74
N LEU F 181 44.98 -56.89 -10.49
CA LEU F 181 46.13 -57.65 -10.96
C LEU F 181 45.72 -58.92 -11.67
N SER F 182 46.63 -59.49 -12.45
CA SER F 182 46.44 -60.84 -12.93
C SER F 182 46.75 -61.74 -11.75
N LYS F 183 46.16 -62.92 -11.75
CA LYS F 183 46.41 -63.90 -10.71
C LYS F 183 47.91 -64.16 -10.58
N ALA F 184 48.58 -64.19 -11.72
CA ALA F 184 50.03 -64.40 -11.80
C ALA F 184 50.83 -63.36 -11.02
N ASP F 185 50.76 -62.11 -11.46
CA ASP F 185 51.42 -61.00 -10.76
C ASP F 185 51.07 -60.99 -9.28
N TYR F 186 49.82 -61.28 -8.99
CA TYR F 186 49.33 -61.33 -7.62
C TYR F 186 50.00 -62.45 -6.83
N GLU F 187 49.97 -63.66 -7.36
CA GLU F 187 50.58 -64.80 -6.68
C GLU F 187 52.10 -64.75 -6.73
N LYS F 188 52.63 -63.83 -7.53
CA LYS F 188 54.07 -63.59 -7.56
C LYS F 188 54.53 -63.07 -6.21
N HIS F 189 53.90 -62.00 -5.76
CA HIS F 189 54.36 -61.21 -4.62
C HIS F 189 53.60 -61.53 -3.32
N LYS F 190 53.99 -60.88 -2.23
CA LYS F 190 53.39 -61.16 -0.92
C LYS F 190 52.72 -59.97 -0.24
N VAL F 191 53.50 -58.95 0.10
CA VAL F 191 53.01 -57.83 0.90
C VAL F 191 52.20 -56.84 0.08
N TYR F 192 50.94 -56.70 0.43
CA TYR F 192 50.04 -55.77 -0.25
C TYR F 192 49.64 -54.64 0.66
N ALA F 193 49.98 -53.43 0.26
CA ALA F 193 49.81 -52.28 1.13
C ALA F 193 48.93 -51.21 0.51
N CYS F 194 48.13 -50.57 1.35
CA CYS F 194 47.42 -49.36 0.96
C CYS F 194 47.93 -48.22 1.83
N GLU F 195 48.49 -47.19 1.20
CA GLU F 195 49.03 -46.06 1.95
C GLU F 195 48.27 -44.76 1.68
N VAL F 196 47.60 -44.28 2.71
CA VAL F 196 46.71 -43.13 2.58
C VAL F 196 47.34 -41.85 3.09
N THR F 197 47.15 -40.75 2.37
CA THR F 197 47.72 -39.47 2.76
C THR F 197 46.65 -38.39 2.79
N HIS F 198 46.36 -37.87 3.98
CA HIS F 198 45.26 -36.92 4.16
C HIS F 198 45.53 -35.96 5.31
N GLN F 199 44.90 -34.79 5.26
CA GLN F 199 45.10 -33.74 6.27
C GLN F 199 44.62 -34.18 7.63
N GLY F 200 43.67 -35.11 7.65
CA GLY F 200 43.20 -35.68 8.89
C GLY F 200 44.28 -36.48 9.58
N LEU F 201 45.36 -36.77 8.85
CA LEU F 201 46.41 -37.63 9.37
C LEU F 201 47.74 -36.92 9.58
N SER F 202 48.49 -37.37 10.56
CA SER F 202 49.82 -36.82 10.82
C SER F 202 50.81 -37.34 9.80
N SER F 203 51.15 -38.61 9.92
CA SER F 203 51.94 -39.27 8.88
C SER F 203 50.96 -40.04 8.03
N PRO F 204 51.41 -40.62 6.90
CA PRO F 204 50.38 -41.39 6.20
C PRO F 204 50.03 -42.66 6.96
N VAL F 205 48.82 -43.19 6.78
CA VAL F 205 48.49 -44.47 7.38
C VAL F 205 48.46 -45.56 6.32
N THR F 206 48.90 -46.75 6.71
CA THR F 206 49.01 -47.86 5.80
C THR F 206 48.28 -49.08 6.36
N LYS F 207 47.34 -49.60 5.59
CA LYS F 207 46.77 -50.91 5.87
C LYS F 207 47.41 -51.88 4.89
N SER F 208 47.75 -53.05 5.38
CA SER F 208 48.46 -54.02 4.56
C SER F 208 48.04 -55.42 4.99
N PHE F 209 48.27 -56.39 4.12
CA PHE F 209 48.04 -57.77 4.47
C PHE F 209 49.04 -58.66 3.75
N ASN F 210 49.26 -59.86 4.28
CA ASN F 210 50.21 -60.78 3.70
C ASN F 210 49.49 -61.91 2.97
N ARG F 211 49.71 -61.95 1.66
CA ARG F 211 49.00 -62.84 0.74
C ARG F 211 49.00 -64.29 1.18
N GLY F 212 47.81 -64.90 1.20
CA GLY F 212 47.68 -66.28 1.62
C GLY F 212 47.85 -66.46 3.11
N GLU F 213 47.25 -65.55 3.88
CA GLU F 213 47.25 -65.66 5.34
C GLU F 213 45.97 -65.08 5.94
N SER G 9 -29.13 -16.12 -9.12
CA SER G 9 -28.70 -15.90 -10.49
C SER G 9 -28.25 -17.20 -11.17
N ASP G 10 -28.24 -17.19 -12.51
CA ASP G 10 -27.53 -18.21 -13.27
C ASP G 10 -26.15 -17.81 -13.83
N LYS G 11 -25.68 -16.57 -13.67
CA LYS G 11 -24.38 -16.22 -14.25
C LYS G 11 -23.25 -17.05 -13.62
N PRO G 12 -22.31 -17.56 -14.45
CA PRO G 12 -21.22 -18.30 -13.79
C PRO G 12 -20.42 -17.41 -12.84
N VAL G 13 -20.28 -17.81 -11.59
CA VAL G 13 -19.58 -17.01 -10.58
C VAL G 13 -18.81 -17.88 -9.59
N ALA G 14 -17.74 -17.34 -9.03
CA ALA G 14 -16.95 -18.05 -8.03
C ALA G 14 -16.42 -17.07 -6.97
N HIS G 15 -16.54 -17.44 -5.70
CA HIS G 15 -15.81 -16.74 -4.66
C HIS G 15 -15.20 -17.83 -3.79
N VAL G 16 -13.87 -17.95 -3.81
CA VAL G 16 -13.20 -19.01 -3.06
C VAL G 16 -12.23 -18.42 -2.03
N VAL G 17 -12.04 -19.11 -0.92
CA VAL G 17 -11.26 -18.58 0.21
C VAL G 17 -10.17 -19.55 0.65
N ALA G 18 -9.04 -18.99 1.08
CA ALA G 18 -7.85 -19.77 1.41
C ALA G 18 -8.10 -20.76 2.54
N ASN G 19 -7.48 -21.92 2.40
CA ASN G 19 -7.51 -22.97 3.41
C ASN G 19 -6.39 -22.77 4.42
N PRO G 20 -6.76 -22.32 5.64
CA PRO G 20 -5.83 -22.04 6.73
C PRO G 20 -5.20 -23.29 7.29
N GLN G 21 -5.93 -24.40 7.26
CA GLN G 21 -5.55 -25.58 8.02
C GLN G 21 -4.59 -26.51 7.27
N ALA G 22 -4.12 -26.05 6.10
CA ALA G 22 -2.75 -26.36 5.69
C ALA G 22 -2.06 -25.15 5.07
N GLU G 23 -1.04 -24.64 5.76
CA GLU G 23 -0.14 -23.60 5.20
C GLU G 23 1.02 -24.28 4.49
N GLY G 24 1.91 -23.47 3.91
CA GLY G 24 2.96 -24.00 3.06
C GLY G 24 2.48 -24.06 1.63
N GLN G 25 1.23 -23.66 1.45
CA GLN G 25 0.61 -23.60 0.14
C GLN G 25 -0.46 -22.51 0.20
N LEU G 26 -0.78 -21.90 -0.95
CA LEU G 26 -2.01 -21.12 -1.03
C LEU G 26 -3.04 -21.97 -1.74
N GLN G 27 -4.04 -22.41 -0.99
CA GLN G 27 -4.93 -23.45 -1.46
C GLN G 27 -6.41 -23.09 -1.23
N TRP G 28 -7.22 -23.24 -2.27
CA TRP G 28 -8.62 -22.86 -2.20
C TRP G 28 -9.53 -24.07 -2.01
N ALA G 33 -18.38 -22.41 3.33
CA ALA G 33 -19.51 -21.50 3.45
C ALA G 33 -19.13 -20.06 3.06
N ASN G 34 -20.02 -19.40 2.31
CA ASN G 34 -19.71 -18.13 1.62
C ASN G 34 -18.70 -18.36 0.53
N ALA G 35 -18.24 -19.59 0.40
CA ALA G 35 -17.42 -19.91 -0.74
C ALA G 35 -18.44 -20.47 -1.71
N LEU G 36 -18.74 -19.65 -2.70
CA LEU G 36 -19.85 -19.89 -3.60
C LEU G 36 -19.29 -20.30 -4.93
N LEU G 37 -19.72 -21.49 -5.37
CA LEU G 37 -19.23 -22.03 -6.61
C LEU G 37 -20.42 -22.35 -7.47
N ALA G 38 -20.57 -21.60 -8.54
CA ALA G 38 -21.83 -21.54 -9.26
C ALA G 38 -21.89 -22.43 -10.48
N ASN G 39 -22.96 -22.18 -11.24
CA ASN G 39 -23.28 -22.94 -12.41
C ASN G 39 -22.10 -22.93 -13.38
N GLY G 40 -21.57 -24.12 -13.63
CA GLY G 40 -20.47 -24.29 -14.55
C GLY G 40 -19.07 -24.00 -14.02
N VAL G 41 -18.92 -23.24 -12.94
CA VAL G 41 -17.56 -22.82 -12.60
C VAL G 41 -16.91 -23.81 -11.67
N GLU G 42 -15.96 -24.56 -12.21
CA GLU G 42 -15.36 -25.57 -11.39
C GLU G 42 -14.06 -25.10 -10.76
N LEU G 43 -13.55 -25.93 -9.88
CA LEU G 43 -12.27 -25.71 -9.26
C LEU G 43 -11.56 -27.05 -9.22
N ARG G 44 -10.41 -27.11 -9.87
CA ARG G 44 -9.58 -28.30 -9.77
C ARG G 44 -8.13 -27.89 -9.96
N ASP G 45 -7.22 -28.71 -9.42
CA ASP G 45 -5.79 -28.41 -9.40
C ASP G 45 -5.52 -27.06 -8.76
N ASN G 46 -6.30 -26.71 -7.73
CA ASN G 46 -6.21 -25.40 -7.08
C ASN G 46 -6.38 -24.26 -8.09
N GLN G 47 -7.26 -24.47 -9.06
CA GLN G 47 -7.49 -23.49 -10.12
C GLN G 47 -8.94 -23.43 -10.52
N LEU G 48 -9.44 -22.23 -10.80
CA LEU G 48 -10.81 -22.08 -11.27
C LEU G 48 -10.90 -22.38 -12.77
N VAL G 49 -11.66 -23.41 -13.12
CA VAL G 49 -11.94 -23.74 -14.52
C VAL G 49 -13.16 -22.96 -14.98
N VAL G 50 -13.06 -22.27 -16.12
CA VAL G 50 -14.18 -21.51 -16.66
C VAL G 50 -15.11 -22.39 -17.50
N PRO G 51 -16.43 -22.28 -17.25
CA PRO G 51 -17.50 -23.09 -17.85
C PRO G 51 -17.80 -22.82 -19.32
N SER G 52 -17.76 -21.54 -19.70
CA SER G 52 -18.14 -21.12 -21.04
C SER G 52 -17.47 -19.79 -21.38
N GLU G 53 -17.45 -19.45 -22.67
CA GLU G 53 -16.73 -18.27 -23.13
C GLU G 53 -17.48 -16.98 -22.80
N GLY G 54 -16.93 -15.85 -23.24
CA GLY G 54 -17.49 -14.56 -22.90
C GLY G 54 -16.64 -13.82 -21.88
N LEU G 55 -17.22 -12.74 -21.35
CA LEU G 55 -16.49 -11.82 -20.50
C LEU G 55 -16.62 -12.12 -19.00
N TYR G 56 -15.51 -11.88 -18.28
CA TYR G 56 -15.41 -12.26 -16.88
C TYR G 56 -14.77 -11.19 -16.03
N LEU G 57 -15.26 -11.04 -14.81
CA LEU G 57 -14.61 -10.15 -13.86
C LEU G 57 -13.79 -10.99 -12.90
N ILE G 58 -12.48 -10.91 -13.03
CA ILE G 58 -11.57 -11.68 -12.18
C ILE G 58 -11.02 -10.79 -11.07
N TYR G 59 -11.09 -11.27 -9.84
CA TYR G 59 -10.55 -10.52 -8.72
C TYR G 59 -9.98 -11.44 -7.63
N SER G 60 -9.04 -10.91 -6.85
CA SER G 60 -8.46 -11.65 -5.74
C SER G 60 -7.88 -10.75 -4.67
N GLN G 61 -7.74 -11.26 -3.46
CA GLN G 61 -6.94 -10.57 -2.45
C GLN G 61 -6.18 -11.54 -1.57
N VAL G 62 -4.96 -11.13 -1.21
CA VAL G 62 -4.17 -11.84 -0.23
C VAL G 62 -3.66 -10.82 0.77
N LEU G 63 -3.65 -11.18 2.05
CA LEU G 63 -3.09 -10.31 3.07
C LEU G 63 -1.82 -10.93 3.59
N PHE G 64 -0.71 -10.19 3.52
CA PHE G 64 0.57 -10.69 4.01
C PHE G 64 0.89 -10.17 5.41
N LYS G 65 1.44 -11.04 6.26
CA LYS G 65 1.83 -10.62 7.61
C LYS G 65 3.17 -11.21 8.07
N GLY G 66 4.15 -10.33 8.31
CA GLY G 66 5.40 -10.69 8.96
C GLY G 66 5.49 -10.07 10.34
N GLN G 67 6.55 -10.40 11.08
CA GLN G 67 6.84 -9.73 12.35
C GLN G 67 7.91 -8.70 12.07
N GLY G 68 9.15 -9.15 11.87
CA GLY G 68 10.20 -8.29 11.34
C GLY G 68 10.32 -8.54 9.85
N CYS G 69 11.00 -7.63 9.14
CA CYS G 69 11.49 -7.94 7.82
C CYS G 69 12.96 -8.19 8.00
N PRO G 70 13.36 -9.45 7.82
CA PRO G 70 14.72 -9.86 8.04
C PRO G 70 15.74 -9.19 7.15
N SER G 71 16.99 -9.61 7.29
CA SER G 71 18.09 -8.92 6.62
C SER G 71 18.09 -9.18 5.11
N THR G 72 17.17 -10.04 4.65
CA THR G 72 16.97 -10.23 3.22
C THR G 72 15.82 -9.34 2.76
N HIS G 73 15.96 -8.70 1.59
CA HIS G 73 14.89 -7.87 1.09
C HIS G 73 13.73 -8.75 0.66
N VAL G 74 12.58 -8.50 1.27
CA VAL G 74 11.41 -9.33 1.07
C VAL G 74 10.50 -8.80 -0.02
N LEU G 75 10.23 -9.64 -1.01
CA LEU G 75 9.31 -9.23 -2.04
C LEU G 75 8.07 -10.10 -2.06
N LEU G 76 6.93 -9.46 -1.86
CA LEU G 76 5.63 -10.10 -1.91
C LEU G 76 5.01 -9.86 -3.27
N THR G 77 4.65 -10.94 -3.96
CA THR G 77 4.06 -10.80 -5.29
C THR G 77 2.81 -11.65 -5.42
N HIS G 78 1.72 -11.00 -5.82
CA HIS G 78 0.45 -11.67 -6.04
C HIS G 78 0.25 -11.73 -7.54
N THR G 79 -0.14 -12.90 -8.07
CA THR G 79 -0.41 -12.98 -9.50
C THR G 79 -1.63 -13.84 -9.83
N ILE G 80 -2.50 -13.28 -10.65
CA ILE G 80 -3.58 -14.04 -11.25
C ILE G 80 -3.17 -14.31 -12.69
N SER G 81 -3.01 -15.57 -13.05
CA SER G 81 -2.58 -15.90 -14.40
C SER G 81 -3.47 -16.95 -15.05
N ARG G 82 -3.70 -16.77 -16.35
CA ARG G 82 -4.67 -17.56 -17.09
C ARG G 82 -4.04 -18.75 -17.82
N ILE G 83 -4.73 -19.88 -17.82
CA ILE G 83 -4.27 -21.05 -18.54
C ILE G 83 -5.21 -21.40 -19.69
N ALA G 84 -4.74 -21.14 -20.91
CA ALA G 84 -5.52 -21.43 -22.10
C ALA G 84 -5.42 -22.91 -22.42
N VAL G 85 -6.56 -23.56 -22.59
CA VAL G 85 -6.63 -25.01 -22.73
C VAL G 85 -6.04 -25.52 -24.04
N SER G 86 -6.17 -24.71 -25.08
CA SER G 86 -5.66 -25.07 -26.40
C SER G 86 -4.16 -24.85 -26.47
N TYR G 87 -3.73 -23.60 -26.34
CA TYR G 87 -2.31 -23.25 -26.46
C TYR G 87 -1.49 -23.73 -25.28
N GLN G 88 -2.15 -23.97 -24.15
CA GLN G 88 -1.50 -24.42 -22.92
C GLN G 88 -0.44 -23.41 -22.50
N THR G 89 -0.84 -22.14 -22.43
CA THR G 89 0.06 -21.10 -21.99
C THR G 89 -0.37 -20.53 -20.65
N LYS G 90 0.60 -20.21 -19.81
CA LYS G 90 0.32 -19.42 -18.63
C LYS G 90 0.67 -17.96 -18.94
N VAL G 91 -0.27 -17.04 -18.72
CA VAL G 91 0.01 -15.61 -18.95
C VAL G 91 -0.49 -14.78 -17.79
N ASN G 92 0.30 -13.82 -17.30
CA ASN G 92 -0.21 -12.93 -16.26
C ASN G 92 -1.41 -12.14 -16.79
N LEU G 93 -2.55 -12.29 -16.13
CA LEU G 93 -3.65 -11.36 -16.32
C LEU G 93 -3.47 -10.17 -15.38
N LEU G 94 -3.17 -10.49 -14.12
CA LEU G 94 -3.10 -9.49 -13.05
C LEU G 94 -1.92 -9.75 -12.13
N SER G 95 -1.11 -8.73 -11.88
CA SER G 95 0.03 -8.88 -10.99
C SER G 95 0.34 -7.62 -10.20
N ALA G 96 0.80 -7.78 -8.97
CA ALA G 96 1.22 -6.65 -8.15
C ALA G 96 2.31 -7.09 -7.18
N ILE G 97 3.14 -6.13 -6.77
CA ILE G 97 4.26 -6.41 -5.90
C ILE G 97 4.33 -5.41 -4.75
N LYS G 98 4.52 -5.89 -3.52
CA LYS G 98 4.84 -4.98 -2.41
C LYS G 98 5.98 -5.46 -1.51
N SER G 99 6.78 -4.51 -1.02
CA SER G 99 7.89 -4.77 -0.12
C SER G 99 7.68 -4.13 1.26
N PRO G 100 7.60 -4.95 2.33
CA PRO G 100 7.43 -4.33 3.64
C PRO G 100 8.65 -3.55 4.12
N CYS G 101 9.84 -3.96 3.69
CA CYS G 101 11.07 -3.30 4.10
C CYS G 101 11.91 -2.86 2.91
N ALA G 111 10.51 -7.00 16.50
CA ALA G 111 9.47 -7.92 16.96
C ALA G 111 8.10 -7.42 16.52
N LYS G 112 8.07 -6.19 16.01
CA LYS G 112 6.81 -5.50 15.77
C LYS G 112 6.20 -5.85 14.42
N PRO G 113 5.02 -6.47 14.42
CA PRO G 113 4.36 -6.97 13.21
C PRO G 113 4.06 -5.90 12.16
N TRP G 114 3.91 -6.36 10.92
CA TRP G 114 3.43 -5.56 9.80
C TRP G 114 2.42 -6.34 9.00
N TYR G 115 1.44 -5.65 8.42
CA TYR G 115 0.44 -6.29 7.58
C TYR G 115 0.40 -5.63 6.20
N GLU G 116 0.65 -6.42 5.15
CA GLU G 116 0.56 -5.91 3.79
C GLU G 116 -0.46 -6.66 2.92
N PRO G 117 -1.60 -6.01 2.59
CA PRO G 117 -2.63 -6.56 1.69
C PRO G 117 -2.33 -6.31 0.19
N ILE G 118 -2.84 -7.17 -0.69
CA ILE G 118 -2.81 -6.94 -2.15
C ILE G 118 -4.13 -7.29 -2.84
N TYR G 119 -4.75 -6.30 -3.48
CA TYR G 119 -5.97 -6.54 -4.24
C TYR G 119 -5.70 -6.58 -5.75
N LEU G 120 -6.36 -7.51 -6.42
CA LEU G 120 -6.30 -7.60 -7.87
C LEU G 120 -7.72 -7.78 -8.40
N GLY G 121 -8.08 -7.04 -9.45
CA GLY G 121 -9.32 -7.28 -10.14
C GLY G 121 -9.29 -6.70 -11.55
N GLY G 122 -10.02 -7.35 -12.45
CA GLY G 122 -9.99 -6.94 -13.84
C GLY G 122 -10.92 -7.72 -14.75
N VAL G 123 -11.28 -7.14 -15.88
CA VAL G 123 -12.21 -7.78 -16.79
C VAL G 123 -11.46 -8.46 -17.93
N PHE G 124 -11.84 -9.69 -18.26
CA PHE G 124 -11.11 -10.46 -19.26
C PHE G 124 -12.00 -11.35 -20.11
N GLN G 125 -11.62 -11.50 -21.37
CA GLN G 125 -12.21 -12.50 -22.25
C GLN G 125 -11.56 -13.85 -21.98
N LEU G 126 -12.38 -14.83 -21.62
CA LEU G 126 -11.86 -16.19 -21.50
C LEU G 126 -12.66 -17.09 -22.41
N GLU G 127 -12.22 -18.35 -22.51
CA GLU G 127 -12.87 -19.34 -23.36
C GLU G 127 -13.27 -20.52 -22.50
N LYS G 128 -14.28 -21.26 -22.98
CA LYS G 128 -14.79 -22.43 -22.29
C LYS G 128 -13.66 -23.41 -22.00
N GLY G 129 -13.51 -23.78 -20.73
CA GLY G 129 -12.42 -24.63 -20.32
C GLY G 129 -11.19 -23.90 -19.79
N ASP G 130 -11.09 -22.60 -20.05
CA ASP G 130 -9.95 -21.81 -19.57
C ASP G 130 -9.81 -21.94 -18.05
N ARG G 131 -8.58 -21.96 -17.57
CA ARG G 131 -8.36 -22.02 -16.13
C ARG G 131 -7.76 -20.72 -15.61
N LEU G 132 -8.05 -20.43 -14.35
CA LEU G 132 -7.45 -19.26 -13.73
C LEU G 132 -6.70 -19.65 -12.49
N SER G 133 -5.53 -19.04 -12.32
CA SER G 133 -4.67 -19.33 -11.18
C SER G 133 -4.44 -18.05 -10.38
N ALA G 134 -4.54 -18.14 -9.06
CA ALA G 134 -4.14 -17.03 -8.21
C ALA G 134 -3.02 -17.48 -7.32
N GLU G 135 -1.82 -16.95 -7.52
CA GLU G 135 -0.65 -17.46 -6.82
C GLU G 135 0.07 -16.39 -6.01
N ILE G 136 0.92 -16.83 -5.10
CA ILE G 136 1.86 -15.92 -4.48
C ILE G 136 3.28 -16.43 -4.30
N ASN G 137 4.13 -15.44 -4.06
CA ASN G 137 5.55 -15.54 -3.77
C ASN G 137 5.89 -16.52 -2.69
N ARG G 138 5.53 -16.09 -1.49
CA ARG G 138 6.12 -16.54 -0.25
C ARG G 138 5.03 -16.94 0.71
N PRO G 139 4.61 -18.20 0.63
CA PRO G 139 3.51 -18.72 1.45
C PRO G 139 3.74 -18.56 2.96
N ASP G 140 4.98 -18.29 3.34
CA ASP G 140 5.31 -18.11 4.76
C ASP G 140 4.95 -16.70 5.21
N TYR G 141 4.50 -15.87 4.27
CA TYR G 141 3.96 -14.57 4.62
C TYR G 141 2.42 -14.52 4.62
N LEU G 142 1.76 -15.65 4.38
CA LEU G 142 0.29 -15.64 4.32
C LEU G 142 -0.37 -15.42 5.68
N ASP G 143 -1.23 -14.42 5.73
CA ASP G 143 -2.04 -14.11 6.90
C ASP G 143 -3.44 -14.69 6.80
N PHE G 144 -3.69 -15.68 7.65
CA PHE G 144 -4.98 -16.37 7.76
C PHE G 144 -5.85 -15.83 8.92
N ALA G 145 -5.41 -14.76 9.58
CA ALA G 145 -5.88 -14.43 10.93
C ALA G 145 -7.39 -14.29 11.12
N GLU G 146 -7.97 -13.19 10.66
CA GLU G 146 -9.42 -13.09 10.66
C GLU G 146 -9.86 -13.50 9.27
N SER G 147 -11.15 -13.51 9.01
CA SER G 147 -11.57 -14.17 7.79
C SER G 147 -12.22 -13.23 6.79
N GLY G 148 -12.19 -13.64 5.53
CA GLY G 148 -12.61 -12.80 4.42
C GLY G 148 -11.53 -11.81 4.08
N GLN G 149 -10.28 -12.12 4.41
CA GLN G 149 -9.15 -11.39 3.83
C GLN G 149 -8.43 -12.06 2.64
N VAL G 150 -8.57 -13.37 2.49
CA VAL G 150 -7.84 -14.02 1.40
C VAL G 150 -8.80 -14.81 0.54
N TYR G 151 -9.02 -14.32 -0.68
CA TYR G 151 -10.02 -14.92 -1.52
C TYR G 151 -9.66 -14.81 -3.00
N PHE G 152 -10.33 -15.61 -3.80
CA PHE G 152 -10.13 -15.55 -5.25
C PHE G 152 -11.48 -15.74 -5.91
N GLY G 153 -11.82 -14.87 -6.85
CA GLY G 153 -13.16 -14.92 -7.42
C GLY G 153 -13.35 -14.43 -8.83
N ILE G 154 -14.36 -14.98 -9.49
CA ILE G 154 -14.78 -14.52 -10.80
C ILE G 154 -16.28 -14.51 -10.90
N ILE G 155 -16.77 -13.73 -11.86
CA ILE G 155 -18.16 -13.80 -12.24
C ILE G 155 -18.21 -13.50 -13.72
N ALA G 156 -19.01 -14.24 -14.47
CA ALA G 156 -19.30 -13.86 -15.85
C ALA G 156 -20.45 -12.89 -15.77
N LEU G 157 -20.23 -11.70 -16.32
CA LEU G 157 -21.07 -10.54 -16.01
C LEU G 157 -21.88 -10.06 -17.23
N SER H 9 -29.98 2.97 -15.79
CA SER H 9 -30.23 1.55 -16.03
C SER H 9 -30.98 0.89 -14.88
N ASP H 10 -31.24 -0.40 -15.01
CA ASP H 10 -32.21 -1.10 -14.18
C ASP H 10 -31.69 -1.84 -12.95
N LYS H 11 -30.37 -1.88 -12.75
CA LYS H 11 -29.81 -2.64 -11.64
C LYS H 11 -29.74 -1.81 -10.35
N PRO H 12 -29.90 -2.48 -9.19
CA PRO H 12 -29.69 -1.78 -7.91
C PRO H 12 -28.25 -1.30 -7.82
N VAL H 13 -28.05 -0.03 -7.51
CA VAL H 13 -26.70 0.51 -7.53
C VAL H 13 -26.48 1.50 -6.40
N ALA H 14 -25.24 1.54 -5.91
CA ALA H 14 -24.78 2.65 -5.10
C ALA H 14 -23.29 2.88 -5.34
N HIS H 15 -22.90 4.14 -5.51
CA HIS H 15 -21.54 4.55 -5.22
C HIS H 15 -21.66 5.78 -4.38
N VAL H 16 -21.31 5.70 -3.10
CA VAL H 16 -21.44 6.85 -2.23
C VAL H 16 -20.07 7.19 -1.65
N VAL H 17 -20.00 8.31 -0.93
CA VAL H 17 -18.70 8.89 -0.62
C VAL H 17 -18.63 9.37 0.83
N ALA H 18 -17.41 9.57 1.31
CA ALA H 18 -17.21 10.24 2.58
C ALA H 18 -17.66 11.69 2.45
N ASN H 19 -18.13 12.27 3.55
CA ASN H 19 -18.69 13.63 3.55
C ASN H 19 -17.61 14.66 3.93
N PRO H 20 -17.20 15.51 2.97
CA PRO H 20 -16.14 16.52 3.11
C PRO H 20 -16.23 17.35 4.39
N GLN H 21 -17.44 17.75 4.78
CA GLN H 21 -17.64 18.51 6.01
C GLN H 21 -17.75 17.65 7.26
N ALA H 22 -18.14 16.40 7.08
CA ALA H 22 -18.45 15.55 8.23
C ALA H 22 -17.24 15.54 9.13
N GLU H 23 -17.45 15.90 10.39
CA GLU H 23 -16.33 16.34 11.19
C GLU H 23 -15.57 15.13 11.65
N GLY H 24 -14.38 14.99 11.08
CA GLY H 24 -13.47 13.90 11.41
C GLY H 24 -14.10 12.52 11.49
N GLN H 25 -15.11 12.27 10.67
CA GLN H 25 -15.92 11.05 10.80
C GLN H 25 -16.22 10.43 9.42
N LEU H 26 -16.54 9.13 9.38
CA LEU H 26 -16.85 8.52 8.09
C LEU H 26 -18.35 8.45 7.94
N GLN H 27 -18.84 9.33 7.09
CA GLN H 27 -20.26 9.46 6.84
C GLN H 27 -20.51 9.30 5.35
N TRP H 28 -21.14 8.20 4.97
CA TRP H 28 -21.34 7.86 3.58
C TRP H 28 -22.39 8.78 2.98
N LEU H 29 -22.10 9.27 1.79
CA LEU H 29 -22.86 10.37 1.23
C LEU H 29 -23.17 10.15 -0.24
N ASN H 30 -24.46 10.10 -0.59
CA ASN H 30 -24.81 10.07 -2.00
C ASN H 30 -25.23 11.40 -2.61
N ARG H 31 -25.41 12.46 -1.82
CA ARG H 31 -25.84 13.67 -2.49
C ARG H 31 -24.59 14.42 -2.90
N ARG H 32 -24.35 14.39 -4.20
CA ARG H 32 -23.04 14.70 -4.76
C ARG H 32 -23.15 14.47 -6.25
N ALA H 33 -22.26 15.09 -7.02
CA ALA H 33 -22.13 14.70 -8.41
C ALA H 33 -21.21 13.49 -8.45
N ASN H 34 -21.42 12.63 -9.44
CA ASN H 34 -20.69 11.36 -9.58
C ASN H 34 -20.87 10.48 -8.34
N ALA H 35 -22.08 10.50 -7.79
CA ALA H 35 -22.43 9.60 -6.68
C ALA H 35 -23.80 8.98 -6.95
N LEU H 36 -24.05 7.80 -6.39
CA LEU H 36 -25.23 7.04 -6.76
C LEU H 36 -25.97 6.44 -5.58
N LEU H 37 -27.29 6.65 -5.58
CA LEU H 37 -28.26 5.82 -4.86
C LEU H 37 -29.40 5.54 -5.85
N ALA H 38 -29.63 4.28 -6.18
CA ALA H 38 -30.64 3.98 -7.20
C ALA H 38 -31.27 2.61 -7.07
N ASN H 39 -32.44 2.48 -7.71
CA ASN H 39 -33.10 1.20 -7.89
C ASN H 39 -33.36 0.48 -6.56
N GLY H 40 -33.72 1.24 -5.53
CA GLY H 40 -34.14 0.65 -4.28
C GLY H 40 -33.09 0.57 -3.19
N VAL H 41 -31.81 0.68 -3.55
CA VAL H 41 -30.77 0.75 -2.52
C VAL H 41 -31.00 2.02 -1.73
N GLU H 42 -31.14 1.87 -0.42
CA GLU H 42 -31.35 2.99 0.49
C GLU H 42 -30.07 3.18 1.26
N LEU H 43 -29.82 4.40 1.70
CA LEU H 43 -28.76 4.61 2.67
C LEU H 43 -29.38 4.88 4.02
N ARG H 44 -29.30 3.88 4.88
CA ARG H 44 -29.97 3.91 6.18
C ARG H 44 -28.92 3.71 7.29
N ASP H 45 -28.91 4.63 8.25
CA ASP H 45 -27.92 4.64 9.32
C ASP H 45 -26.51 4.45 8.81
N ASN H 46 -26.19 5.12 7.70
CA ASN H 46 -24.86 5.10 7.10
C ASN H 46 -24.45 3.71 6.61
N GLN H 47 -25.46 2.88 6.32
CA GLN H 47 -25.28 1.56 5.72
C GLN H 47 -26.04 1.48 4.39
N LEU H 48 -25.59 0.63 3.47
CA LEU H 48 -26.32 0.40 2.22
C LEU H 48 -27.36 -0.71 2.39
N VAL H 49 -28.60 -0.43 2.02
CA VAL H 49 -29.68 -1.40 2.16
C VAL H 49 -29.95 -2.11 0.82
N VAL H 50 -29.74 -3.43 0.80
CA VAL H 50 -29.96 -4.21 -0.41
C VAL H 50 -31.45 -4.37 -0.67
N PRO H 51 -31.92 -3.83 -1.80
CA PRO H 51 -33.36 -3.85 -2.10
C PRO H 51 -33.86 -5.24 -2.49
N SER H 52 -32.99 -6.09 -3.04
CA SER H 52 -33.43 -7.40 -3.52
C SER H 52 -32.35 -8.48 -3.47
N GLU H 53 -32.78 -9.74 -3.42
CA GLU H 53 -31.87 -10.89 -3.52
C GLU H 53 -31.16 -10.87 -4.85
N GLY H 54 -29.87 -11.17 -4.82
CA GLY H 54 -29.10 -11.33 -6.05
C GLY H 54 -27.64 -11.42 -5.69
N LEU H 55 -26.78 -11.22 -6.69
CA LEU H 55 -25.35 -11.16 -6.45
C LEU H 55 -24.90 -9.71 -6.58
N TYR H 56 -24.19 -9.22 -5.58
CA TYR H 56 -23.72 -7.84 -5.62
C TYR H 56 -22.21 -7.73 -5.62
N LEU H 57 -21.69 -7.00 -6.61
CA LEU H 57 -20.35 -6.48 -6.48
C LEU H 57 -20.39 -5.56 -5.28
N ILE H 58 -19.47 -5.74 -4.35
CA ILE H 58 -19.32 -4.82 -3.23
C ILE H 58 -17.89 -4.30 -3.24
N TYR H 59 -17.70 -3.01 -3.00
CA TYR H 59 -16.35 -2.44 -2.96
C TYR H 59 -16.28 -1.22 -2.05
N SER H 60 -15.11 -0.99 -1.46
CA SER H 60 -14.82 0.25 -0.76
C SER H 60 -13.34 0.56 -0.77
N GLN H 61 -13.02 1.86 -0.75
CA GLN H 61 -11.65 2.33 -0.57
C GLN H 61 -11.61 3.44 0.45
N VAL H 62 -10.76 3.27 1.45
CA VAL H 62 -10.43 4.37 2.35
C VAL H 62 -8.97 4.78 2.15
N LEU H 63 -8.68 6.06 2.29
CA LEU H 63 -7.29 6.52 2.27
C LEU H 63 -6.90 7.14 3.59
N PHE H 64 -6.03 6.46 4.33
CA PHE H 64 -5.52 6.98 5.60
C PHE H 64 -4.35 7.96 5.41
N LYS H 65 -4.22 8.91 6.33
CA LYS H 65 -3.04 9.77 6.37
C LYS H 65 -2.62 10.16 7.77
N GLY H 66 -1.34 9.97 8.09
CA GLY H 66 -0.74 10.55 9.29
C GLY H 66 0.20 11.70 8.95
N GLN H 67 0.57 12.50 9.95
CA GLN H 67 1.60 13.55 9.82
C GLN H 67 3.03 13.08 10.06
N GLY H 68 3.16 12.11 10.97
CA GLY H 68 4.42 11.55 11.41
C GLY H 68 3.96 10.31 12.15
N CYS H 69 4.82 9.69 12.96
CA CYS H 69 4.30 8.60 13.78
C CYS H 69 4.38 8.84 15.28
N PRO H 70 3.21 8.86 15.93
CA PRO H 70 3.15 8.73 17.39
C PRO H 70 3.71 7.37 17.80
N SER H 71 4.03 7.22 19.08
CA SER H 71 4.94 6.19 19.58
C SER H 71 4.28 4.85 19.87
N THR H 72 3.05 4.68 19.38
CA THR H 72 2.41 3.36 19.37
C THR H 72 2.41 2.71 17.99
N HIS H 73 2.48 1.39 17.96
CA HIS H 73 2.22 0.63 16.75
C HIS H 73 0.80 0.92 16.32
N VAL H 74 0.62 1.36 15.08
CA VAL H 74 -0.70 1.67 14.60
C VAL H 74 -1.19 0.56 13.67
N LEU H 75 -2.39 0.07 13.95
CA LEU H 75 -3.05 -0.86 13.03
C LEU H 75 -4.29 -0.17 12.48
N LEU H 76 -4.22 0.20 11.20
CA LEU H 76 -5.37 0.73 10.50
C LEU H 76 -6.11 -0.42 9.85
N THR H 77 -7.41 -0.52 10.07
CA THR H 77 -8.17 -1.62 9.52
C THR H 77 -9.41 -1.07 8.83
N HIS H 78 -9.81 -1.69 7.73
CA HIS H 78 -10.94 -1.19 6.94
C HIS H 78 -11.84 -2.37 6.60
N THR H 79 -13.13 -2.25 6.89
CA THR H 79 -13.99 -3.43 6.90
C THR H 79 -15.38 -3.22 6.29
N ILE H 80 -15.81 -4.19 5.49
CA ILE H 80 -17.18 -4.22 4.99
C ILE H 80 -17.97 -5.38 5.62
N SER H 81 -19.04 -5.03 6.32
CA SER H 81 -19.82 -6.00 7.06
C SER H 81 -21.19 -6.20 6.45
N ARG H 82 -21.66 -7.44 6.49
CA ARG H 82 -23.01 -7.77 6.08
C ARG H 82 -23.87 -8.00 7.32
N ILE H 83 -24.86 -7.15 7.51
CA ILE H 83 -25.81 -7.37 8.58
C ILE H 83 -27.01 -8.07 7.98
N ALA H 84 -27.18 -9.35 8.31
CA ALA H 84 -28.27 -10.14 7.73
C ALA H 84 -29.61 -9.80 8.39
N VAL H 85 -30.61 -9.52 7.56
CA VAL H 85 -31.90 -9.02 8.01
C VAL H 85 -32.49 -9.88 9.13
N SER H 86 -32.59 -11.18 8.89
CA SER H 86 -33.30 -12.08 9.78
C SER H 86 -32.52 -12.37 11.05
N TYR H 87 -31.27 -12.78 10.88
CA TYR H 87 -30.45 -13.24 12.01
C TYR H 87 -29.97 -12.06 12.85
N GLN H 88 -29.94 -10.89 12.23
CA GLN H 88 -29.41 -9.67 12.82
C GLN H 88 -27.97 -9.90 13.28
N THR H 89 -27.16 -10.44 12.39
CA THR H 89 -25.75 -10.71 12.68
C THR H 89 -24.84 -9.79 11.87
N LYS H 90 -23.86 -9.20 12.54
CA LYS H 90 -22.83 -8.46 11.82
C LYS H 90 -21.67 -9.39 11.52
N VAL H 91 -21.30 -9.49 10.25
CA VAL H 91 -20.29 -10.44 9.78
C VAL H 91 -19.29 -9.80 8.83
N ASN H 92 -18.01 -10.12 8.98
CA ASN H 92 -17.00 -9.63 8.04
C ASN H 92 -17.15 -10.27 6.66
N LEU H 93 -17.17 -9.42 5.64
CA LEU H 93 -17.09 -9.86 4.26
C LEU H 93 -15.68 -9.52 3.80
N LEU H 94 -15.42 -8.21 3.72
CA LEU H 94 -14.12 -7.68 3.31
C LEU H 94 -13.45 -6.91 4.43
N SER H 95 -12.23 -7.31 4.77
CA SER H 95 -11.41 -6.56 5.71
C SER H 95 -9.95 -6.63 5.29
N ALA H 96 -9.24 -5.52 5.47
CA ALA H 96 -7.80 -5.49 5.21
C ALA H 96 -7.12 -4.69 6.31
N ILE H 97 -5.84 -4.95 6.54
CA ILE H 97 -5.14 -4.29 7.63
C ILE H 97 -3.93 -3.54 7.09
N LYS H 98 -3.61 -2.38 7.65
CA LYS H 98 -2.31 -1.77 7.37
C LYS H 98 -1.62 -1.24 8.62
N SER H 99 -0.29 -1.28 8.60
CA SER H 99 0.56 -0.91 9.71
C SER H 99 1.60 0.11 9.26
N PRO H 100 1.28 1.40 9.39
CA PRO H 100 2.04 2.51 8.79
C PRO H 100 3.40 2.79 9.43
N CYS H 101 3.60 2.37 10.67
CA CYS H 101 4.68 2.94 11.47
C CYS H 101 5.69 1.96 12.05
N GLN H 102 6.95 2.34 11.91
CA GLN H 102 8.09 1.68 12.53
C GLN H 102 9.32 2.57 12.46
N ALA H 111 9.26 14.08 10.72
CA ALA H 111 8.76 15.36 10.22
C ALA H 111 7.60 15.18 9.24
N LYS H 112 7.81 14.31 8.25
CA LYS H 112 6.98 14.27 7.04
C LYS H 112 5.90 13.17 6.95
N PRO H 113 4.68 13.57 6.56
CA PRO H 113 3.43 12.79 6.54
C PRO H 113 3.41 11.57 5.60
N TRP H 114 2.54 10.61 5.92
CA TRP H 114 2.41 9.35 5.18
C TRP H 114 0.98 9.06 4.70
N TYR H 115 0.84 8.27 3.65
CA TYR H 115 -0.47 7.93 3.07
C TYR H 115 -0.61 6.44 2.79
N GLU H 116 -1.57 5.78 3.45
CA GLU H 116 -1.93 4.40 3.16
C GLU H 116 -3.39 4.26 2.73
N PRO H 117 -3.63 3.91 1.46
CA PRO H 117 -4.94 3.54 0.94
C PRO H 117 -5.27 2.08 1.25
N ILE H 118 -6.55 1.73 1.32
CA ILE H 118 -6.99 0.35 1.44
C ILE H 118 -8.15 0.09 0.48
N TYR H 119 -8.04 -0.93 -0.34
CA TYR H 119 -9.13 -1.27 -1.24
C TYR H 119 -9.75 -2.62 -0.85
N LEU H 120 -11.06 -2.74 -0.98
CA LEU H 120 -11.79 -3.96 -0.70
C LEU H 120 -12.79 -4.21 -1.81
N GLY H 121 -12.86 -5.44 -2.30
CA GLY H 121 -13.78 -5.76 -3.38
C GLY H 121 -14.20 -7.21 -3.34
N GLY H 122 -15.37 -7.50 -3.90
CA GLY H 122 -15.89 -8.85 -3.85
C GLY H 122 -17.32 -9.06 -4.35
N VAL H 123 -17.64 -10.33 -4.57
CA VAL H 123 -18.94 -10.76 -5.06
C VAL H 123 -19.59 -11.72 -4.07
N PHE H 124 -20.74 -11.33 -3.54
CA PHE H 124 -21.53 -12.22 -2.69
C PHE H 124 -23.01 -12.14 -3.00
N GLN H 125 -23.72 -13.21 -2.71
CA GLN H 125 -25.17 -13.20 -2.77
C GLN H 125 -25.74 -12.54 -1.52
N LEU H 126 -26.71 -11.66 -1.70
CA LEU H 126 -27.30 -10.94 -0.58
C LEU H 126 -28.81 -11.11 -0.54
N GLU H 127 -29.37 -11.27 0.65
CA GLU H 127 -30.82 -11.35 0.75
C GLU H 127 -31.41 -9.94 0.72
N LYS H 128 -32.65 -9.84 0.23
CA LYS H 128 -33.36 -8.57 0.22
C LYS H 128 -33.43 -8.00 1.63
N GLY H 129 -33.10 -6.72 1.76
CA GLY H 129 -33.16 -6.05 3.04
C GLY H 129 -31.89 -6.22 3.85
N ASP H 130 -30.92 -6.94 3.31
CA ASP H 130 -29.61 -7.04 3.95
C ASP H 130 -28.96 -5.66 3.99
N ARG H 131 -28.02 -5.48 4.90
CA ARG H 131 -27.30 -4.23 4.99
C ARG H 131 -25.80 -4.42 4.87
N LEU H 132 -25.15 -3.43 4.27
CA LEU H 132 -23.71 -3.43 4.10
C LEU H 132 -23.13 -2.26 4.86
N SER H 133 -22.06 -2.52 5.62
CA SER H 133 -21.45 -1.47 6.42
C SER H 133 -19.98 -1.32 6.06
N ALA H 134 -19.60 -0.15 5.58
CA ALA H 134 -18.19 0.10 5.33
C ALA H 134 -17.65 0.95 6.46
N GLU H 135 -16.70 0.39 7.20
CA GLU H 135 -16.19 1.03 8.40
C GLU H 135 -14.70 0.78 8.60
N ILE H 136 -14.08 1.70 9.33
CA ILE H 136 -12.67 1.64 9.70
C ILE H 136 -12.54 1.88 11.21
N ASN H 137 -11.38 1.54 11.79
CA ASN H 137 -11.19 1.70 13.24
C ASN H 137 -10.76 3.09 13.71
N ARG H 138 -9.96 3.81 12.91
CA ARG H 138 -9.45 5.12 13.35
C ARG H 138 -9.80 6.30 12.43
N PRO H 139 -10.98 6.91 12.64
CA PRO H 139 -11.37 8.10 11.88
C PRO H 139 -10.44 9.32 12.02
N ASP H 140 -9.58 9.36 13.03
CA ASP H 140 -8.60 10.44 13.15
C ASP H 140 -7.60 10.38 11.99
N TYR H 141 -7.37 9.17 11.50
CA TYR H 141 -6.39 8.94 10.45
C TYR H 141 -6.97 9.01 9.02
N LEU H 142 -8.24 9.41 8.88
CA LEU H 142 -8.94 9.43 7.58
C LEU H 142 -8.75 10.69 6.73
N ASP H 143 -8.26 10.51 5.50
CA ASP H 143 -8.17 11.61 4.51
C ASP H 143 -9.21 11.46 3.39
N PHE H 144 -10.25 12.28 3.46
CA PHE H 144 -11.14 12.60 2.34
C PHE H 144 -10.84 13.96 1.70
N ALA H 145 -9.72 14.60 2.06
CA ALA H 145 -9.44 16.00 1.68
C ALA H 145 -9.79 16.36 0.21
N GLU H 146 -9.10 15.76 -0.77
CA GLU H 146 -9.60 15.86 -2.13
C GLU H 146 -10.61 14.75 -2.37
N SER H 147 -11.10 14.61 -3.58
CA SER H 147 -12.23 13.71 -3.82
C SER H 147 -11.84 12.42 -4.54
N GLY H 148 -12.60 11.37 -4.27
CA GLY H 148 -12.37 10.09 -4.89
C GLY H 148 -11.51 9.17 -4.05
N GLN H 149 -11.08 9.66 -2.89
CA GLN H 149 -10.24 8.88 -1.98
C GLN H 149 -11.02 7.98 -1.01
N VAL H 150 -12.27 8.34 -0.72
CA VAL H 150 -13.07 7.51 0.20
C VAL H 150 -14.45 7.25 -0.37
N TYR H 151 -14.73 6.00 -0.67
CA TYR H 151 -16.00 5.65 -1.28
C TYR H 151 -16.43 4.22 -0.98
N PHE H 152 -17.75 4.04 -1.00
CA PHE H 152 -18.39 2.79 -0.66
C PHE H 152 -19.34 2.53 -1.82
N GLY H 153 -19.40 1.30 -2.31
CA GLY H 153 -20.33 1.02 -3.40
C GLY H 153 -20.66 -0.42 -3.71
N ILE H 154 -21.84 -0.61 -4.27
CA ILE H 154 -22.31 -1.92 -4.73
C ILE H 154 -23.15 -1.77 -6.00
N ILE H 155 -23.18 -2.82 -6.81
CA ILE H 155 -24.16 -2.93 -7.87
C ILE H 155 -24.53 -4.40 -8.06
N ALA H 156 -25.83 -4.69 -8.18
CA ALA H 156 -26.29 -6.06 -8.36
C ALA H 156 -25.92 -6.56 -9.74
N LEU H 157 -25.66 -7.85 -9.84
CA LEU H 157 -25.33 -8.48 -11.12
C LEU H 157 -26.06 -9.80 -11.25
N SER I 9 -19.45 -10.99 -25.51
CA SER I 9 -18.92 -9.87 -26.28
C SER I 9 -20.07 -8.95 -26.65
N ASP I 10 -20.72 -8.45 -25.61
CA ASP I 10 -22.04 -7.85 -25.73
C ASP I 10 -21.98 -6.36 -25.42
N LYS I 11 -21.55 -6.04 -24.19
CA LYS I 11 -21.57 -4.69 -23.65
C LYS I 11 -20.35 -3.88 -24.04
N PRO I 12 -20.45 -2.53 -23.98
CA PRO I 12 -19.26 -1.70 -24.15
C PRO I 12 -18.19 -2.05 -23.11
N VAL I 13 -16.97 -2.30 -23.57
CA VAL I 13 -15.91 -2.75 -22.68
C VAL I 13 -14.52 -2.26 -23.08
N ALA I 14 -13.70 -2.08 -22.06
CA ALA I 14 -12.30 -1.76 -22.24
C ALA I 14 -11.48 -2.41 -21.13
N HIS I 15 -10.39 -3.06 -21.53
CA HIS I 15 -9.29 -3.36 -20.64
C HIS I 15 -8.03 -2.99 -21.39
N VAL I 16 -7.31 -1.98 -20.91
CA VAL I 16 -6.10 -1.54 -21.60
C VAL I 16 -4.89 -1.47 -20.67
N VAL I 17 -3.73 -1.76 -21.25
CA VAL I 17 -2.51 -1.94 -20.47
C VAL I 17 -1.41 -0.94 -20.86
N ALA I 18 -0.43 -0.78 -19.99
CA ALA I 18 0.65 0.16 -20.25
C ALA I 18 1.54 -0.33 -21.39
N ASN I 19 1.96 0.61 -22.23
CA ASN I 19 2.81 0.31 -23.37
C ASN I 19 4.25 0.16 -22.92
N PRO I 20 4.78 -1.06 -22.97
CA PRO I 20 6.13 -1.27 -22.45
C PRO I 20 7.17 -0.53 -23.28
N GLN I 21 7.00 -0.56 -24.59
CA GLN I 21 7.96 0.06 -25.49
C GLN I 21 7.87 1.58 -25.48
N ALA I 22 6.85 2.14 -24.82
CA ALA I 22 6.82 3.59 -24.66
C ALA I 22 7.30 3.93 -23.25
N GLU I 23 8.54 4.35 -23.16
CA GLU I 23 9.18 4.67 -21.90
C GLU I 23 8.92 6.10 -21.44
N GLY I 24 8.94 6.31 -20.13
CA GLY I 24 8.87 7.65 -19.57
C GLY I 24 7.52 8.35 -19.60
N GLN I 25 6.45 7.56 -19.68
CA GLN I 25 5.08 8.05 -19.61
C GLN I 25 4.09 6.89 -19.62
N LEU I 26 2.87 7.17 -19.14
CA LEU I 26 1.84 6.15 -19.09
C LEU I 26 1.02 6.26 -20.36
N GLN I 27 1.19 5.27 -21.23
CA GLN I 27 0.51 5.22 -22.50
C GLN I 27 -0.38 4.00 -22.55
N TRP I 28 -1.69 4.24 -22.53
CA TRP I 28 -2.64 3.14 -22.50
C TRP I 28 -2.75 2.52 -23.87
N LEU I 29 -2.83 1.19 -23.92
CA LEU I 29 -2.61 0.49 -25.16
C LEU I 29 -3.57 -0.70 -25.31
N ASN I 30 -4.06 -0.95 -26.53
CA ASN I 30 -4.86 -2.14 -26.73
C ASN I 30 -4.01 -3.24 -27.37
N ARG I 31 -3.92 -3.26 -28.70
CA ARG I 31 -2.78 -3.80 -29.48
C ARG I 31 -2.35 -5.24 -29.11
N ARG I 32 -2.88 -5.73 -27.99
CA ARG I 32 -2.34 -6.91 -27.35
C ARG I 32 -3.44 -7.89 -27.08
N ALA I 33 -3.07 -9.14 -26.91
CA ALA I 33 -4.00 -10.14 -26.45
C ALA I 33 -4.19 -9.97 -24.96
N ASN I 34 -5.32 -10.42 -24.47
CA ASN I 34 -5.67 -10.34 -23.05
C ASN I 34 -6.03 -8.93 -22.63
N ALA I 35 -5.93 -7.97 -23.55
CA ALA I 35 -6.54 -6.68 -23.33
C ALA I 35 -7.86 -6.64 -24.08
N LEU I 36 -8.66 -5.60 -23.85
CA LEU I 36 -9.94 -5.46 -24.53
C LEU I 36 -10.26 -4.02 -24.87
N LEU I 37 -10.55 -3.76 -26.14
CA LEU I 37 -11.27 -2.55 -26.55
C LEU I 37 -12.32 -2.96 -27.58
N ALA I 38 -13.57 -2.82 -27.20
CA ALA I 38 -14.68 -3.38 -27.98
C ALA I 38 -15.95 -2.59 -27.89
N ASN I 39 -16.92 -3.07 -28.67
CA ASN I 39 -18.31 -2.68 -28.54
C ASN I 39 -18.52 -1.20 -28.28
N GLY I 40 -18.04 -0.38 -29.20
CA GLY I 40 -18.26 1.04 -29.14
C GLY I 40 -17.22 1.81 -28.34
N VAL I 41 -16.55 1.16 -27.38
CA VAL I 41 -15.56 1.88 -26.58
C VAL I 41 -14.35 2.08 -27.45
N GLU I 42 -13.89 3.32 -27.51
CA GLU I 42 -12.63 3.59 -28.20
C GLU I 42 -11.75 4.43 -27.31
N LEU I 43 -10.46 4.23 -27.45
CA LEU I 43 -9.47 4.96 -26.70
C LEU I 43 -8.95 6.06 -27.60
N ARG I 44 -8.71 7.24 -27.04
CA ARG I 44 -7.48 8.01 -27.31
C ARG I 44 -7.41 9.46 -26.86
N ASP I 45 -6.25 10.05 -27.20
CA ASP I 45 -5.62 11.15 -26.47
C ASP I 45 -5.27 10.55 -25.13
N ASN I 46 -5.08 9.23 -25.20
CA ASN I 46 -4.75 8.34 -24.10
C ASN I 46 -5.89 8.15 -23.11
N GLN I 47 -7.01 8.83 -23.35
CA GLN I 47 -8.20 8.70 -22.51
C GLN I 47 -9.24 7.77 -23.13
N LEU I 48 -9.95 7.04 -22.27
CA LEU I 48 -11.06 6.18 -22.70
C LEU I 48 -12.37 6.96 -22.89
N VAL I 49 -12.93 6.85 -24.08
CA VAL I 49 -14.17 7.55 -24.43
C VAL I 49 -15.35 6.59 -24.48
N VAL I 50 -16.42 6.90 -23.77
CA VAL I 50 -17.59 6.00 -23.70
C VAL I 50 -18.54 6.13 -24.90
N PRO I 51 -18.97 4.98 -25.48
CA PRO I 51 -19.90 4.82 -26.62
C PRO I 51 -21.39 5.06 -26.37
N SER I 52 -21.92 4.52 -25.27
CA SER I 52 -23.36 4.58 -25.03
C SER I 52 -23.69 4.80 -23.54
N GLU I 53 -24.55 5.77 -23.25
CA GLU I 53 -24.78 6.23 -21.85
C GLU I 53 -25.33 5.14 -20.93
N GLY I 54 -24.90 5.16 -19.67
CA GLY I 54 -25.31 4.17 -18.70
C GLY I 54 -24.35 3.96 -17.53
N LEU I 55 -24.45 2.77 -16.95
CA LEU I 55 -23.72 2.40 -15.76
C LEU I 55 -22.38 1.75 -16.07
N TYR I 56 -21.31 2.30 -15.50
CA TYR I 56 -19.98 1.82 -15.80
C TYR I 56 -19.17 1.40 -14.60
N LEU I 57 -18.47 0.28 -14.75
CA LEU I 57 -17.44 -0.05 -13.81
C LEU I 57 -16.12 0.51 -14.32
N ILE I 58 -15.51 1.41 -13.56
CA ILE I 58 -14.17 1.87 -13.90
C ILE I 58 -13.17 1.27 -12.93
N TYR I 59 -12.10 0.70 -13.44
CA TYR I 59 -11.06 0.09 -12.62
C TYR I 59 -9.68 0.29 -13.24
N SER I 60 -8.71 0.66 -12.41
CA SER I 60 -7.34 0.85 -12.88
C SER I 60 -6.33 0.41 -11.84
N GLN I 61 -5.10 0.16 -12.29
CA GLN I 61 -4.01 -0.11 -11.37
C GLN I 61 -2.66 0.31 -11.95
N VAL I 62 -1.78 0.79 -11.08
CA VAL I 62 -0.42 1.10 -11.46
C VAL I 62 0.51 0.39 -10.51
N LEU I 63 1.74 0.17 -10.94
CA LEU I 63 2.74 -0.44 -10.09
C LEU I 63 3.97 0.44 -10.09
N PHE I 64 4.28 0.98 -8.92
CA PHE I 64 5.41 1.86 -8.76
C PHE I 64 6.64 1.09 -8.29
N LYS I 65 7.79 1.49 -8.81
CA LYS I 65 9.06 0.90 -8.40
C LYS I 65 10.12 1.98 -8.38
N GLY I 66 10.97 1.96 -7.37
CA GLY I 66 12.21 2.69 -7.42
C GLY I 66 13.21 1.99 -6.51
N GLN I 67 14.48 2.11 -6.87
CA GLN I 67 15.53 1.47 -6.12
C GLN I 67 15.60 1.99 -4.69
N GLY I 68 16.09 3.21 -4.51
CA GLY I 68 16.30 3.74 -3.18
C GLY I 68 15.31 4.81 -2.83
N CYS I 69 15.50 5.44 -1.68
CA CYS I 69 14.67 6.59 -1.32
C CYS I 69 15.51 7.85 -1.30
N PRO I 70 15.21 8.80 -2.20
CA PRO I 70 15.93 10.06 -2.19
C PRO I 70 15.57 10.90 -0.97
N SER I 71 16.19 12.06 -0.80
CA SER I 71 15.96 12.85 0.42
C SER I 71 14.74 13.76 0.30
N THR I 72 14.06 13.66 -0.83
CA THR I 72 12.79 14.34 -1.03
C THR I 72 11.66 13.41 -0.64
N HIS I 73 10.72 13.89 0.16
CA HIS I 73 9.53 13.11 0.47
C HIS I 73 8.75 12.87 -0.83
N VAL I 74 8.45 11.61 -1.13
CA VAL I 74 7.87 11.28 -2.43
C VAL I 74 6.47 10.69 -2.29
N LEU I 75 5.50 11.40 -2.84
CA LEU I 75 4.11 10.94 -2.88
C LEU I 75 3.78 10.51 -4.29
N LEU I 76 3.25 9.30 -4.41
CA LEU I 76 2.81 8.76 -5.67
C LEU I 76 1.29 8.81 -5.71
N THR I 77 0.74 9.55 -6.67
CA THR I 77 -0.70 9.70 -6.77
C THR I 77 -1.23 9.05 -8.04
N HIS I 78 -2.36 8.36 -7.94
CA HIS I 78 -2.96 7.67 -9.07
C HIS I 78 -4.42 8.06 -9.16
N THR I 79 -4.83 8.67 -10.27
CA THR I 79 -6.20 9.16 -10.36
C THR I 79 -6.89 8.85 -11.69
N ILE I 80 -8.04 8.19 -11.59
CA ILE I 80 -8.96 8.13 -12.70
C ILE I 80 -9.85 9.36 -12.59
N SER I 81 -9.79 10.21 -13.60
CA SER I 81 -10.59 11.42 -13.62
C SER I 81 -11.55 11.38 -14.80
N ARG I 82 -12.64 12.15 -14.69
CA ARG I 82 -13.69 12.12 -15.69
C ARG I 82 -13.80 13.43 -16.46
N ILE I 83 -13.95 13.33 -17.77
CA ILE I 83 -14.12 14.52 -18.59
C ILE I 83 -15.53 14.56 -19.16
N ALA I 84 -16.27 15.64 -18.86
CA ALA I 84 -17.67 15.76 -19.30
C ALA I 84 -17.77 16.43 -20.66
N VAL I 85 -18.45 15.76 -21.61
CA VAL I 85 -18.57 16.25 -22.99
C VAL I 85 -19.00 17.70 -23.05
N SER I 86 -20.13 17.96 -22.42
CA SER I 86 -20.76 19.26 -22.46
C SER I 86 -19.99 20.31 -21.68
N TYR I 87 -19.71 20.02 -20.41
CA TYR I 87 -19.13 20.99 -19.50
C TYR I 87 -17.63 21.16 -19.75
N GLN I 88 -17.04 20.15 -20.37
CA GLN I 88 -15.59 20.09 -20.56
C GLN I 88 -14.84 20.30 -19.25
N THR I 89 -15.26 19.59 -18.22
CA THR I 89 -14.57 19.60 -16.94
C THR I 89 -13.84 18.28 -16.71
N LYS I 90 -12.69 18.35 -16.06
CA LYS I 90 -12.04 17.14 -15.56
C LYS I 90 -12.13 17.17 -14.04
N VAL I 91 -12.52 16.06 -13.43
CA VAL I 91 -12.62 15.98 -11.97
C VAL I 91 -12.44 14.54 -11.49
N ASN I 92 -12.02 14.39 -10.23
CA ASN I 92 -11.76 13.06 -9.70
C ASN I 92 -12.99 12.17 -9.59
N LEU I 93 -12.76 10.89 -9.90
CA LEU I 93 -13.68 9.82 -9.63
C LEU I 93 -13.04 8.96 -8.57
N LEU I 94 -11.88 8.37 -8.91
CA LEU I 94 -11.11 7.57 -7.97
C LEU I 94 -9.68 8.10 -7.86
N SER I 95 -9.20 8.22 -6.63
CA SER I 95 -7.84 8.67 -6.40
C SER I 95 -7.26 8.11 -5.11
N ALA I 96 -5.94 7.95 -5.12
CA ALA I 96 -5.23 7.45 -3.96
C ALA I 96 -3.81 7.97 -3.94
N ILE I 97 -3.24 8.02 -2.74
CA ILE I 97 -1.86 8.47 -2.55
C ILE I 97 -1.09 7.46 -1.74
N LYS I 98 0.19 7.29 -2.07
CA LYS I 98 1.07 6.38 -1.38
C LYS I 98 2.48 7.00 -1.25
N SER I 99 3.06 6.93 -0.06
CA SER I 99 4.44 7.37 0.16
C SER I 99 5.38 6.22 0.55
N PRO I 100 6.26 5.83 -0.37
CA PRO I 100 7.23 4.77 -0.13
C PRO I 100 8.38 5.16 0.81
N CYS I 101 8.88 6.40 0.75
CA CYS I 101 10.02 6.75 1.58
C CYS I 101 9.54 7.39 2.86
N GLN I 102 9.66 6.63 3.93
CA GLN I 102 8.94 6.91 5.16
C GLN I 102 9.65 7.93 6.05
N ALA I 111 20.97 1.08 -1.01
CA ALA I 111 19.63 1.24 -1.57
C ALA I 111 19.21 -0.02 -2.34
N LYS I 112 18.07 -0.58 -1.94
CA LYS I 112 17.49 -1.75 -2.60
C LYS I 112 16.02 -1.47 -2.96
N PRO I 113 15.60 -1.94 -4.14
CA PRO I 113 14.34 -1.53 -4.80
C PRO I 113 13.07 -1.80 -4.00
N TRP I 114 12.09 -0.90 -4.13
CA TRP I 114 10.79 -1.03 -3.45
C TRP I 114 9.63 -1.03 -4.45
N TYR I 115 8.47 -1.53 -4.02
CA TYR I 115 7.29 -1.59 -4.88
C TYR I 115 6.02 -1.11 -4.19
N GLU I 116 5.40 -0.05 -4.71
CA GLU I 116 4.09 0.38 -4.25
C GLU I 116 3.04 0.30 -5.36
N PRO I 117 2.15 -0.71 -5.29
CA PRO I 117 0.98 -0.84 -6.18
C PRO I 117 -0.18 0.04 -5.72
N ILE I 118 -1.05 0.50 -6.63
CA ILE I 118 -2.22 1.26 -6.22
C ILE I 118 -3.44 0.84 -7.04
N TYR I 119 -4.51 0.48 -6.34
CA TYR I 119 -5.71 0.03 -7.04
C TYR I 119 -6.86 1.05 -6.94
N LEU I 120 -7.64 1.17 -8.01
CA LEU I 120 -8.84 1.99 -8.02
C LEU I 120 -9.98 1.22 -8.66
N GLY I 121 -11.20 1.51 -8.23
CA GLY I 121 -12.38 0.88 -8.80
C GLY I 121 -13.63 1.63 -8.37
N GLY I 122 -14.70 1.51 -9.14
CA GLY I 122 -15.95 2.14 -8.77
C GLY I 122 -16.96 2.11 -9.89
N VAL I 123 -18.21 2.41 -9.57
CA VAL I 123 -19.25 2.48 -10.60
C VAL I 123 -19.83 3.88 -10.71
N PHE I 124 -19.91 4.35 -11.96
CA PHE I 124 -20.36 5.71 -12.24
C PHE I 124 -21.18 5.77 -13.54
N GLN I 125 -22.28 6.52 -13.51
CA GLN I 125 -23.03 6.80 -14.73
C GLN I 125 -22.30 7.87 -15.55
N LEU I 126 -22.27 7.69 -16.86
CA LEU I 126 -21.47 8.52 -17.76
C LEU I 126 -22.20 8.92 -19.07
N GLU I 127 -22.24 10.22 -19.33
CA GLU I 127 -22.78 10.82 -20.56
C GLU I 127 -21.90 10.50 -21.75
N LYS I 128 -22.41 10.74 -22.95
CA LYS I 128 -21.68 10.18 -24.07
C LYS I 128 -20.72 11.12 -24.78
N GLY I 129 -19.58 10.52 -25.09
CA GLY I 129 -18.32 11.20 -25.30
C GLY I 129 -17.74 11.69 -23.98
N ASP I 130 -18.18 11.12 -22.85
CA ASP I 130 -17.45 11.36 -21.62
C ASP I 130 -16.13 10.66 -21.80
N ARG I 131 -15.09 11.22 -21.23
CA ARG I 131 -13.76 10.66 -21.37
C ARG I 131 -13.20 10.31 -20.00
N LEU I 132 -12.43 9.24 -19.91
CA LEU I 132 -11.89 8.81 -18.63
C LEU I 132 -10.38 8.70 -18.67
N SER I 133 -9.72 9.55 -17.90
CA SER I 133 -8.28 9.53 -17.82
C SER I 133 -7.82 8.67 -16.65
N ALA I 134 -6.75 7.92 -16.85
CA ALA I 134 -6.05 7.34 -15.72
C ALA I 134 -4.59 7.70 -15.88
N GLU I 135 -4.10 8.46 -14.91
CA GLU I 135 -2.79 9.09 -14.98
C GLU I 135 -2.12 9.01 -13.62
N ILE I 136 -0.81 9.18 -13.59
CA ILE I 136 -0.05 9.21 -12.35
C ILE I 136 0.84 10.43 -12.35
N ASN I 137 1.28 10.85 -11.17
CA ASN I 137 2.07 12.06 -11.05
C ASN I 137 3.56 11.89 -11.36
N ARG I 138 4.14 10.74 -11.02
CA ARG I 138 5.56 10.53 -11.26
C ARG I 138 5.82 9.32 -12.14
N PRO I 139 5.87 9.52 -13.47
CA PRO I 139 6.19 8.47 -14.45
C PRO I 139 7.58 7.87 -14.24
N ASP I 140 8.41 8.55 -13.45
CA ASP I 140 9.72 8.05 -13.06
C ASP I 140 9.64 6.63 -12.50
N TYR I 141 8.59 6.38 -11.71
CA TYR I 141 8.48 5.17 -10.89
C TYR I 141 7.64 4.02 -11.43
N LEU I 142 7.13 4.14 -12.66
CA LEU I 142 6.30 3.09 -13.24
C LEU I 142 7.07 1.80 -13.42
N ASP I 143 6.34 0.69 -13.40
CA ASP I 143 6.91 -0.59 -13.75
C ASP I 143 5.96 -1.32 -14.68
N PHE I 144 6.35 -1.49 -15.94
CA PHE I 144 5.64 -2.41 -16.82
C PHE I 144 6.20 -3.83 -16.65
N ALA I 145 7.53 -3.94 -16.52
CA ALA I 145 8.19 -5.23 -16.30
C ALA I 145 7.75 -6.22 -17.36
N GLU I 146 7.05 -7.24 -16.91
CA GLU I 146 6.06 -7.87 -17.77
C GLU I 146 4.68 -7.62 -17.20
N SER I 147 3.69 -7.68 -18.07
CA SER I 147 2.38 -7.05 -17.84
C SER I 147 1.48 -7.76 -16.84
N GLY I 148 0.27 -7.25 -16.72
CA GLY I 148 -0.63 -7.62 -15.65
C GLY I 148 -0.43 -6.65 -14.51
N GLN I 149 0.70 -5.94 -14.54
CA GLN I 149 1.03 -4.99 -13.50
C GLN I 149 0.46 -3.58 -13.66
N VAL I 150 0.33 -3.10 -14.91
CA VAL I 150 -0.38 -1.84 -15.13
C VAL I 150 -1.56 -2.02 -16.10
N TYR I 151 -2.73 -1.54 -15.69
CA TYR I 151 -3.92 -1.64 -16.53
C TYR I 151 -5.01 -0.63 -16.17
N PHE I 152 -5.93 -0.45 -17.10
CA PHE I 152 -7.03 0.50 -17.02
C PHE I 152 -8.21 -0.28 -17.60
N GLY I 153 -9.41 -0.09 -17.05
CA GLY I 153 -10.57 -0.66 -17.70
C GLY I 153 -11.90 -0.06 -17.30
N ILE I 154 -12.84 -0.14 -18.24
CA ILE I 154 -14.24 0.13 -17.99
C ILE I 154 -15.08 -0.99 -18.58
N ILE I 155 -16.27 -1.19 -18.00
CA ILE I 155 -17.27 -2.04 -18.63
C ILE I 155 -18.65 -1.50 -18.30
N ALA I 156 -19.54 -1.47 -19.28
CA ALA I 156 -20.92 -1.08 -19.02
C ALA I 156 -21.65 -2.22 -18.31
N LEU I 157 -22.41 -1.89 -17.28
CA LEU I 157 -23.27 -2.89 -16.65
C LEU I 157 -24.71 -2.40 -16.63
#